data_1GDC
# 
_entry.id   1GDC 
# 
_audit_conform.dict_name       mmcif_pdbx.dic 
_audit_conform.dict_version    5.392 
_audit_conform.dict_location   http://mmcif.pdb.org/dictionaries/ascii/mmcif_pdbx.dic 
# 
loop_
_database_2.database_id 
_database_2.database_code 
_database_2.pdbx_database_accession 
_database_2.pdbx_DOI 
PDB   1GDC         pdb_00001gdc 10.2210/pdb1gdc/pdb 
WWPDB D_1000173527 ?            ?                   
# 
loop_
_pdbx_audit_revision_history.ordinal 
_pdbx_audit_revision_history.data_content_type 
_pdbx_audit_revision_history.major_revision 
_pdbx_audit_revision_history.minor_revision 
_pdbx_audit_revision_history.revision_date 
1 'Structure model' 1 0 1994-06-22 
2 'Structure model' 1 1 2008-03-24 
3 'Structure model' 1 2 2011-07-13 
4 'Structure model' 1 3 2022-02-23 
5 'Structure model' 1 4 2024-05-22 
# 
_pdbx_audit_revision_details.ordinal             1 
_pdbx_audit_revision_details.revision_ordinal    1 
_pdbx_audit_revision_details.data_content_type   'Structure model' 
_pdbx_audit_revision_details.provider            repository 
_pdbx_audit_revision_details.type                'Initial release' 
_pdbx_audit_revision_details.description         ? 
_pdbx_audit_revision_details.details             ? 
# 
loop_
_pdbx_audit_revision_group.ordinal 
_pdbx_audit_revision_group.revision_ordinal 
_pdbx_audit_revision_group.data_content_type 
_pdbx_audit_revision_group.group 
1 2 'Structure model' 'Version format compliance' 
2 3 'Structure model' 'Version format compliance' 
3 4 'Structure model' 'Database references'       
4 4 'Structure model' 'Derived calculations'      
5 4 'Structure model' Other                       
6 5 'Structure model' 'Data collection'           
# 
loop_
_pdbx_audit_revision_category.ordinal 
_pdbx_audit_revision_category.revision_ordinal 
_pdbx_audit_revision_category.data_content_type 
_pdbx_audit_revision_category.category 
1 4 'Structure model' database_2             
2 4 'Structure model' pdbx_database_status   
3 4 'Structure model' pdbx_struct_assembly   
4 4 'Structure model' pdbx_struct_conn_angle 
5 4 'Structure model' pdbx_struct_oper_list  
6 4 'Structure model' struct_conn            
7 4 'Structure model' struct_site            
8 5 'Structure model' chem_comp_atom         
9 5 'Structure model' chem_comp_bond         
# 
loop_
_pdbx_audit_revision_item.ordinal 
_pdbx_audit_revision_item.revision_ordinal 
_pdbx_audit_revision_item.data_content_type 
_pdbx_audit_revision_item.item 
1  4 'Structure model' '_database_2.pdbx_DOI'                       
2  4 'Structure model' '_database_2.pdbx_database_accession'        
3  4 'Structure model' '_pdbx_database_status.process_site'         
4  4 'Structure model' '_pdbx_struct_conn_angle.ptnr1_auth_seq_id'  
5  4 'Structure model' '_pdbx_struct_conn_angle.ptnr1_label_seq_id' 
6  4 'Structure model' '_pdbx_struct_conn_angle.ptnr3_auth_seq_id'  
7  4 'Structure model' '_pdbx_struct_conn_angle.ptnr3_label_seq_id' 
8  4 'Structure model' '_pdbx_struct_conn_angle.value'              
9  4 'Structure model' '_struct_conn.pdbx_dist_value'               
10 4 'Structure model' '_struct_conn.ptnr1_auth_comp_id'            
11 4 'Structure model' '_struct_conn.ptnr1_auth_seq_id'             
12 4 'Structure model' '_struct_conn.ptnr1_label_asym_id'           
13 4 'Structure model' '_struct_conn.ptnr1_label_atom_id'           
14 4 'Structure model' '_struct_conn.ptnr1_label_comp_id'           
15 4 'Structure model' '_struct_conn.ptnr1_label_seq_id'            
16 4 'Structure model' '_struct_conn.ptnr2_auth_comp_id'            
17 4 'Structure model' '_struct_conn.ptnr2_auth_seq_id'             
18 4 'Structure model' '_struct_conn.ptnr2_label_asym_id'           
19 4 'Structure model' '_struct_conn.ptnr2_label_atom_id'           
20 4 'Structure model' '_struct_conn.ptnr2_label_comp_id'           
21 4 'Structure model' '_struct_conn.ptnr2_label_seq_id'            
22 4 'Structure model' '_struct_site.pdbx_auth_asym_id'             
23 4 'Structure model' '_struct_site.pdbx_auth_comp_id'             
24 4 'Structure model' '_struct_site.pdbx_auth_seq_id'              
# 
_pdbx_database_status.status_code                     REL 
_pdbx_database_status.entry_id                        1GDC 
_pdbx_database_status.recvd_initial_deposition_date   1994-03-15 
_pdbx_database_status.deposit_site                    ? 
_pdbx_database_status.process_site                    BNL 
_pdbx_database_status.SG_entry                        . 
_pdbx_database_status.pdb_format_compatible           Y 
_pdbx_database_status.status_code_mr                  ? 
_pdbx_database_status.status_code_sf                  ? 
_pdbx_database_status.status_code_cs                  ? 
_pdbx_database_status.status_code_nmr_data            ? 
_pdbx_database_status.methods_development_category    ? 
# 
_pdbx_database_related.db_name        PDB 
_pdbx_database_related.db_id          2GDA 
_pdbx_database_related.details        . 
_pdbx_database_related.content_type   ensemble 
# 
loop_
_audit_author.name 
_audit_author.pdbx_ordinal 
'Baumann, H.'       1 
'Paulsen, K.'       2 
'Kovacs, H.'        3 
'Berglund, H.'      4 
'Wright, A.P.H.'    5 
'Gustafsson, J.-A.' 6 
'Hard, T.'          7 
# 
loop_
_citation.id 
_citation.title 
_citation.journal_abbrev 
_citation.journal_volume 
_citation.page_first 
_citation.page_last 
_citation.year 
_citation.journal_id_ASTM 
_citation.country 
_citation.journal_id_ISSN 
_citation.journal_id_CSD 
_citation.book_publisher 
_citation.pdbx_database_id_PubMed 
_citation.pdbx_database_id_DOI 
primary 'Refined solution structure of the glucocorticoid receptor DNA-binding domain.' Biochemistry  32  13463 13471 1993 BICHAW 
US 0006-2960 0033 ? 8257681 10.1021/bi00212a011 
1       
;Structure and Function of the DNA-Binding Domain of the Glucocorticoid Receptor and Other Members of the Nuclear Receptor Supergene Family
;
Acc.Chem.Res. 26  644   ?     1993 ACHRE4 US 0001-4842 0411 ? ?       ?                   
2       'Backbone Dynamics of the Glucocorticoid Receptor DNA-Binding Domain' Biochemistry  31  12001 ?     1992 BICHAW US 
0006-2960 0033 ? ?       ?                   
3       'Crystallographic Analysis of the Interaction of the Glucocorticoid Receptor with DNA' Nature        352 497   ?     1991 
NATUAS UK 0028-0836 0006 ? ?       ?                   
4       
;1H NMR Studies of the Glucocorticoid Receptor DNA-Binding Domain: Sequential Assignments and Identification of Secondary Structure Elements
;
Biochemistry  29  9015  ?     1990 BICHAW US 0006-2960 0033 ? ?       ?                   
5       'Solution Structure of the Glucocorticoid Receptor DNA-Binding Domain' Science       249 157   ?     1990 SCIEAS US 
0036-8075 0038 ? ?       ?                   
# 
loop_
_citation_author.citation_id 
_citation_author.name 
_citation_author.ordinal 
_citation_author.identifier_ORCID 
primary 'Baumann, H.'        1  ? 
primary 'Paulsen, K.'        2  ? 
primary 'Kovacs, H.'         3  ? 
primary 'Berglund, H.'       4  ? 
primary 'Wright, A.P.'       5  ? 
primary 'Gustafsson, J.A.'   6  ? 
primary 'Hard, T.'           7  ? 
1       'Hard, T.'           8  ? 
1       'Gustafsson, J.-A.'  9  ? 
2       'Berglund, H.'       10 ? 
2       'Kovacs, H.'         11 ? 
2       'Dahlman-Wright, K.' 12 ? 
2       'Gustafsson, J.-A.'  13 ? 
2       'Hard, T.'           14 ? 
3       'Luisi, B.F.'        15 ? 
3       'Xu, W.X.'           16 ? 
3       'Otwinowski, Z.'     17 ? 
3       'Freedman, L.P.'     18 ? 
3       'Yamamoto, K.R.'     19 ? 
3       'Sigler, P.B.'       20 ? 
4       'Hard, T.'           21 ? 
4       'Kellenbach, E.'     22 ? 
4       'Boelens, R.'        23 ? 
4       'Kaptein, R.'        24 ? 
4       'Dahlman, K.'        25 ? 
4       'Carlstedt-Duke, J.' 26 ? 
4       'Freedman, L.P.'     27 ? 
4       'Maler, B.A.'        28 ? 
4       'Hyde, E.'           29 ? 
4       'Gustafsson, J.-A.'  30 ? 
4       'Yamamoto, K.R.'     31 ? 
5       'Hard, T.'           32 ? 
5       'Kellenbach, E.'     33 ? 
5       'Boelens, R.'        34 ? 
5       'Maler, B.A.'        35 ? 
5       'Dahlman, K.'        36 ? 
5       'Freedman, L.P.'     37 ? 
5       'Carlstedt-Duke, J.' 38 ? 
5       'Yamamoto, K.R.'     39 ? 
5       'Gustafsson, J.-A.'  40 ? 
5       'Kaptein, R.'        41 ? 
# 
loop_
_entity.id 
_entity.type 
_entity.src_method 
_entity.pdbx_description 
_entity.formula_weight 
_entity.pdbx_number_of_molecules 
_entity.pdbx_ec 
_entity.pdbx_mutation 
_entity.pdbx_fragment 
_entity.details 
1 polymer     man 'GLUCOCORTICOID RECEPTOR' 8075.503 1 ? ? ? ? 
2 non-polymer syn 'ZINC ION'                65.409   2 ? ? ? ? 
# 
_entity_poly.entity_id                      1 
_entity_poly.type                           'polypeptide(L)' 
_entity_poly.nstd_linkage                   no 
_entity_poly.nstd_monomer                   no 
_entity_poly.pdbx_seq_one_letter_code       LCLVCSDEASGCHYGVLTCGSCKVFFKRAVEGQHNYLCAGRNDCIIDKIRRKNCPACRYRKCLQAGMNLEAR 
_entity_poly.pdbx_seq_one_letter_code_can   LCLVCSDEASGCHYGVLTCGSCKVFFKRAVEGQHNYLCAGRNDCIIDKIRRKNCPACRYRKCLQAGMNLEAR 
_entity_poly.pdbx_strand_id                 A 
_entity_poly.pdbx_target_identifier         ? 
# 
_pdbx_entity_nonpoly.entity_id   2 
_pdbx_entity_nonpoly.name        'ZINC ION' 
_pdbx_entity_nonpoly.comp_id     ZN 
# 
loop_
_entity_poly_seq.entity_id 
_entity_poly_seq.num 
_entity_poly_seq.mon_id 
_entity_poly_seq.hetero 
1 1  LEU n 
1 2  CYS n 
1 3  LEU n 
1 4  VAL n 
1 5  CYS n 
1 6  SER n 
1 7  ASP n 
1 8  GLU n 
1 9  ALA n 
1 10 SER n 
1 11 GLY n 
1 12 CYS n 
1 13 HIS n 
1 14 TYR n 
1 15 GLY n 
1 16 VAL n 
1 17 LEU n 
1 18 THR n 
1 19 CYS n 
1 20 GLY n 
1 21 SER n 
1 22 CYS n 
1 23 LYS n 
1 24 VAL n 
1 25 PHE n 
1 26 PHE n 
1 27 LYS n 
1 28 ARG n 
1 29 ALA n 
1 30 VAL n 
1 31 GLU n 
1 32 GLY n 
1 33 GLN n 
1 34 HIS n 
1 35 ASN n 
1 36 TYR n 
1 37 LEU n 
1 38 CYS n 
1 39 ALA n 
1 40 GLY n 
1 41 ARG n 
1 42 ASN n 
1 43 ASP n 
1 44 CYS n 
1 45 ILE n 
1 46 ILE n 
1 47 ASP n 
1 48 LYS n 
1 49 ILE n 
1 50 ARG n 
1 51 ARG n 
1 52 LYS n 
1 53 ASN n 
1 54 CYS n 
1 55 PRO n 
1 56 ALA n 
1 57 CYS n 
1 58 ARG n 
1 59 TYR n 
1 60 ARG n 
1 61 LYS n 
1 62 CYS n 
1 63 LEU n 
1 64 GLN n 
1 65 ALA n 
1 66 GLY n 
1 67 MET n 
1 68 ASN n 
1 69 LEU n 
1 70 GLU n 
1 71 ALA n 
1 72 ARG n 
# 
_entity_src_gen.entity_id                          1 
_entity_src_gen.pdbx_src_id                        1 
_entity_src_gen.pdbx_alt_source_flag               sample 
_entity_src_gen.pdbx_seq_type                      ? 
_entity_src_gen.pdbx_beg_seq_num                   ? 
_entity_src_gen.pdbx_end_seq_num                   ? 
_entity_src_gen.gene_src_common_name               'Norway rat' 
_entity_src_gen.gene_src_genus                     Rattus 
_entity_src_gen.pdbx_gene_src_gene                 ? 
_entity_src_gen.gene_src_species                   ? 
_entity_src_gen.gene_src_strain                    ? 
_entity_src_gen.gene_src_tissue                    ? 
_entity_src_gen.gene_src_tissue_fraction           ? 
_entity_src_gen.gene_src_details                   ? 
_entity_src_gen.pdbx_gene_src_fragment             ? 
_entity_src_gen.pdbx_gene_src_scientific_name      'Rattus norvegicus' 
_entity_src_gen.pdbx_gene_src_ncbi_taxonomy_id     10116 
_entity_src_gen.pdbx_gene_src_variant              ? 
_entity_src_gen.pdbx_gene_src_cell_line            ? 
_entity_src_gen.pdbx_gene_src_atcc                 ? 
_entity_src_gen.pdbx_gene_src_organ                ? 
_entity_src_gen.pdbx_gene_src_organelle            ? 
_entity_src_gen.pdbx_gene_src_cell                 ? 
_entity_src_gen.pdbx_gene_src_cellular_location    ? 
_entity_src_gen.host_org_common_name               ? 
_entity_src_gen.pdbx_host_org_scientific_name      ? 
_entity_src_gen.pdbx_host_org_ncbi_taxonomy_id     ? 
_entity_src_gen.host_org_genus                     ? 
_entity_src_gen.pdbx_host_org_gene                 ? 
_entity_src_gen.pdbx_host_org_organ                ? 
_entity_src_gen.host_org_species                   ? 
_entity_src_gen.pdbx_host_org_tissue               ? 
_entity_src_gen.pdbx_host_org_tissue_fraction      ? 
_entity_src_gen.pdbx_host_org_strain               ? 
_entity_src_gen.pdbx_host_org_variant              ? 
_entity_src_gen.pdbx_host_org_cell_line            ? 
_entity_src_gen.pdbx_host_org_atcc                 ? 
_entity_src_gen.pdbx_host_org_culture_collection   ? 
_entity_src_gen.pdbx_host_org_cell                 ? 
_entity_src_gen.pdbx_host_org_organelle            ? 
_entity_src_gen.pdbx_host_org_cellular_location    ? 
_entity_src_gen.pdbx_host_org_vector_type          ? 
_entity_src_gen.pdbx_host_org_vector               ? 
_entity_src_gen.host_org_details                   ? 
_entity_src_gen.expression_system_id               ? 
_entity_src_gen.plasmid_name                       ? 
_entity_src_gen.plasmid_details                    ? 
_entity_src_gen.pdbx_description                   ? 
# 
loop_
_chem_comp.id 
_chem_comp.type 
_chem_comp.mon_nstd_flag 
_chem_comp.name 
_chem_comp.pdbx_synonyms 
_chem_comp.formula 
_chem_comp.formula_weight 
ALA 'L-peptide linking' y ALANINE         ? 'C3 H7 N O2'     89.093  
ARG 'L-peptide linking' y ARGININE        ? 'C6 H15 N4 O2 1' 175.209 
ASN 'L-peptide linking' y ASPARAGINE      ? 'C4 H8 N2 O3'    132.118 
ASP 'L-peptide linking' y 'ASPARTIC ACID' ? 'C4 H7 N O4'     133.103 
CYS 'L-peptide linking' y CYSTEINE        ? 'C3 H7 N O2 S'   121.158 
GLN 'L-peptide linking' y GLUTAMINE       ? 'C5 H10 N2 O3'   146.144 
GLU 'L-peptide linking' y 'GLUTAMIC ACID' ? 'C5 H9 N O4'     147.129 
GLY 'peptide linking'   y GLYCINE         ? 'C2 H5 N O2'     75.067  
HIS 'L-peptide linking' y HISTIDINE       ? 'C6 H10 N3 O2 1' 156.162 
ILE 'L-peptide linking' y ISOLEUCINE      ? 'C6 H13 N O2'    131.173 
LEU 'L-peptide linking' y LEUCINE         ? 'C6 H13 N O2'    131.173 
LYS 'L-peptide linking' y LYSINE          ? 'C6 H15 N2 O2 1' 147.195 
MET 'L-peptide linking' y METHIONINE      ? 'C5 H11 N O2 S'  149.211 
PHE 'L-peptide linking' y PHENYLALANINE   ? 'C9 H11 N O2'    165.189 
PRO 'L-peptide linking' y PROLINE         ? 'C5 H9 N O2'     115.130 
SER 'L-peptide linking' y SERINE          ? 'C3 H7 N O3'     105.093 
THR 'L-peptide linking' y THREONINE       ? 'C4 H9 N O3'     119.119 
TYR 'L-peptide linking' y TYROSINE        ? 'C9 H11 N O3'    181.189 
VAL 'L-peptide linking' y VALINE          ? 'C5 H11 N O2'    117.146 
ZN  non-polymer         . 'ZINC ION'      ? 'Zn 2'           65.409  
# 
loop_
_pdbx_poly_seq_scheme.asym_id 
_pdbx_poly_seq_scheme.entity_id 
_pdbx_poly_seq_scheme.seq_id 
_pdbx_poly_seq_scheme.mon_id 
_pdbx_poly_seq_scheme.ndb_seq_num 
_pdbx_poly_seq_scheme.pdb_seq_num 
_pdbx_poly_seq_scheme.auth_seq_num 
_pdbx_poly_seq_scheme.pdb_mon_id 
_pdbx_poly_seq_scheme.auth_mon_id 
_pdbx_poly_seq_scheme.pdb_strand_id 
_pdbx_poly_seq_scheme.pdb_ins_code 
_pdbx_poly_seq_scheme.hetero 
A 1 1  LEU 1  1  1  LEU LEU A . n 
A 1 2  CYS 2  2  2  CYS CYS A . n 
A 1 3  LEU 3  3  3  LEU LEU A . n 
A 1 4  VAL 4  4  4  VAL VAL A . n 
A 1 5  CYS 5  5  5  CYS CYS A . n 
A 1 6  SER 6  6  6  SER SER A . n 
A 1 7  ASP 7  7  7  ASP ASP A . n 
A 1 8  GLU 8  8  8  GLU GLU A . n 
A 1 9  ALA 9  9  9  ALA ALA A . n 
A 1 10 SER 10 10 10 SER SER A . n 
A 1 11 GLY 11 11 11 GLY GLY A . n 
A 1 12 CYS 12 12 12 CYS CYS A . n 
A 1 13 HIS 13 13 13 HIS HIS A . n 
A 1 14 TYR 14 14 14 TYR TYR A . n 
A 1 15 GLY 15 15 15 GLY GLY A . n 
A 1 16 VAL 16 16 16 VAL VAL A . n 
A 1 17 LEU 17 17 17 LEU LEU A . n 
A 1 18 THR 18 18 18 THR THR A . n 
A 1 19 CYS 19 19 19 CYS CYS A . n 
A 1 20 GLY 20 20 20 GLY GLY A . n 
A 1 21 SER 21 21 21 SER SER A . n 
A 1 22 CYS 22 22 22 CYS CYS A . n 
A 1 23 LYS 23 23 23 LYS LYS A . n 
A 1 24 VAL 24 24 24 VAL VAL A . n 
A 1 25 PHE 25 25 25 PHE PHE A . n 
A 1 26 PHE 26 26 26 PHE PHE A . n 
A 1 27 LYS 27 27 27 LYS LYS A . n 
A 1 28 ARG 28 28 28 ARG ARG A . n 
A 1 29 ALA 29 29 29 ALA ALA A . n 
A 1 30 VAL 30 30 30 VAL VAL A . n 
A 1 31 GLU 31 31 31 GLU GLU A . n 
A 1 32 GLY 32 32 32 GLY GLY A . n 
A 1 33 GLN 33 33 33 GLN GLN A . n 
A 1 34 HIS 34 34 34 HIS HIS A . n 
A 1 35 ASN 35 35 35 ASN ASN A . n 
A 1 36 TYR 36 36 36 TYR TYR A . n 
A 1 37 LEU 37 37 37 LEU LEU A . n 
A 1 38 CYS 38 38 38 CYS CYS A . n 
A 1 39 ALA 39 39 39 ALA ALA A . n 
A 1 40 GLY 40 40 40 GLY GLY A . n 
A 1 41 ARG 41 41 41 ARG ARG A . n 
A 1 42 ASN 42 42 42 ASN ASN A . n 
A 1 43 ASP 43 43 43 ASP ASP A . n 
A 1 44 CYS 44 44 44 CYS CYS A . n 
A 1 45 ILE 45 45 45 ILE ILE A . n 
A 1 46 ILE 46 46 46 ILE ILE A . n 
A 1 47 ASP 47 47 47 ASP ASP A . n 
A 1 48 LYS 48 48 48 LYS LYS A . n 
A 1 49 ILE 49 49 49 ILE ILE A . n 
A 1 50 ARG 50 50 50 ARG ARG A . n 
A 1 51 ARG 51 51 51 ARG ARG A . n 
A 1 52 LYS 52 52 52 LYS LYS A . n 
A 1 53 ASN 53 53 53 ASN ASN A . n 
A 1 54 CYS 54 54 54 CYS CYS A . n 
A 1 55 PRO 55 55 55 PRO PRO A . n 
A 1 56 ALA 56 56 56 ALA ALA A . n 
A 1 57 CYS 57 57 57 CYS CYS A . n 
A 1 58 ARG 58 58 58 ARG ARG A . n 
A 1 59 TYR 59 59 59 TYR TYR A . n 
A 1 60 ARG 60 60 60 ARG ARG A . n 
A 1 61 LYS 61 61 61 LYS LYS A . n 
A 1 62 CYS 62 62 62 CYS CYS A . n 
A 1 63 LEU 63 63 63 LEU LEU A . n 
A 1 64 GLN 64 64 64 GLN GLN A . n 
A 1 65 ALA 65 65 65 ALA ALA A . n 
A 1 66 GLY 66 66 66 GLY GLY A . n 
A 1 67 MET 67 67 67 MET MET A . n 
A 1 68 ASN 68 68 68 ASN ASN A . n 
A 1 69 LEU 69 69 69 LEU LEU A . n 
A 1 70 GLU 70 70 70 GLU GLU A . n 
A 1 71 ALA 71 71 71 ALA ALA A . n 
A 1 72 ARG 72 72 72 ARG ARG A . n 
# 
loop_
_pdbx_nonpoly_scheme.asym_id 
_pdbx_nonpoly_scheme.entity_id 
_pdbx_nonpoly_scheme.mon_id 
_pdbx_nonpoly_scheme.ndb_seq_num 
_pdbx_nonpoly_scheme.pdb_seq_num 
_pdbx_nonpoly_scheme.auth_seq_num 
_pdbx_nonpoly_scheme.pdb_mon_id 
_pdbx_nonpoly_scheme.auth_mon_id 
_pdbx_nonpoly_scheme.pdb_strand_id 
_pdbx_nonpoly_scheme.pdb_ins_code 
B 2 ZN 1 73 73 ZN ZN A . 
C 2 ZN 1 74 74 ZN ZN A . 
# 
_cell.entry_id           1GDC 
_cell.length_a           1.000 
_cell.length_b           1.000 
_cell.length_c           1.000 
_cell.angle_alpha        90.00 
_cell.angle_beta         90.00 
_cell.angle_gamma        90.00 
_cell.Z_PDB              1 
_cell.pdbx_unique_axis   ? 
# 
_symmetry.entry_id                         1GDC 
_symmetry.space_group_name_H-M             'P 1' 
_symmetry.pdbx_full_space_group_name_H-M   ? 
_symmetry.cell_setting                     ? 
_symmetry.Int_Tables_number                1 
# 
_exptl.entry_id          1GDC 
_exptl.method            'SOLUTION NMR' 
_exptl.crystals_number   ? 
# 
_struct.entry_id                  1GDC 
_struct.title                     'REFINED SOLUTION STRUCTURE OF THE GLUCOCORTICOID RECEPTOR DNA-BINDING DOMAIN' 
_struct.pdbx_model_details        ? 
_struct.pdbx_CASP_flag            ? 
_struct.pdbx_model_type_details   ? 
# 
_struct_keywords.entry_id        1GDC 
_struct_keywords.pdbx_keywords   'GLUCOCORTICOID RECEPTOR' 
_struct_keywords.text            'GLUCOCORTICOID RECEPTOR' 
# 
loop_
_struct_asym.id 
_struct_asym.pdbx_blank_PDB_chainid_flag 
_struct_asym.pdbx_modified 
_struct_asym.entity_id 
_struct_asym.details 
A Y N 1 ? 
B N N 2 ? 
C N N 2 ? 
# 
_struct_ref.id                         1 
_struct_ref.db_name                    UNP 
_struct_ref.db_code                    GCR_RAT 
_struct_ref.entity_id                  1 
_struct_ref.pdbx_db_accession          P06536 
_struct_ref.pdbx_align_begin           1 
_struct_ref.pdbx_seq_one_letter_code   
;MDSKESLAPPGRDEVPGSLLGQGRGSVMDFYKSLRGGATVKVSASSPSVAAASQADSKQQRILLDFSKGSTSNVQQRQQQ
QQQQQQQQQQQQQQQQPDLSKAVSLSMGLYMGETETKVMGNDLGYPQQGQLGLSSGETDFRLLEESIANLNRSTSVPENP
KSSTSATGCATPTEKEFPKTHSDASSEQQNRKSQTGTNGGSVKLYPTDQSTFDLLKDLEFSAGSPSKDTNESPWRSDLLI
DENLLSPLAGEDDPFLLEGNTNEDCKPLILPDTKPKIKDTGDTILSSPSSVALPQVKTEKDDFIELCTPGVIKQEKLGPV
YCQASFSGTNIIGNKMSAISVHGVSTSGGQMYHYDMNTASLSQQQDQKPVFNVIPPIPVGSENWNRCQGSGEDSLTSLGA
LNFPGRSVFSNGYSSPGMRPDVSSPPSSSSAATGPPPKLCLVCSDEASGCHYGVLTCGSCKVFFKRAVEGQHNYLCAGRN
DCIIDKIRRKNCPACRYRKCLQAGMNLEARKTKKKIKGIQQATAGVSQDTSENPNKTIVPAALPQLTPTLVSLLEVIEPE
VLYAGYDSSVPDSAWRIMTTLNMLGGRQVIAAVKWAKAILGLRNLHLDDQMTLLQYSWMFLMAFALGWRSYRQSSGNLLC
FAPDLIINEQRMSLPCMYDQCKHMLFVSSELQRLQVSYEEYLCMKTLLLLSSVPKEGLKSQELFDEIRMTYIKELGKAIV
KREGNSSQNWQRFYQLTKLLDSMHEVVENLLTYCFQTFLDKTMSIEFPEMLAEIITNQIPKYSNGNIKKLLFHQK
;
_struct_ref.pdbx_db_isoform            ? 
# 
_struct_ref_seq.align_id                      1 
_struct_ref_seq.ref_id                        1 
_struct_ref_seq.pdbx_PDB_id_code              1GDC 
_struct_ref_seq.pdbx_strand_id                A 
_struct_ref_seq.seq_align_beg                 1 
_struct_ref_seq.pdbx_seq_align_beg_ins_code   ? 
_struct_ref_seq.seq_align_end                 72 
_struct_ref_seq.pdbx_seq_align_end_ins_code   ? 
_struct_ref_seq.pdbx_db_accession             P06536 
_struct_ref_seq.db_align_beg                  439 
_struct_ref_seq.pdbx_db_align_beg_ins_code    ? 
_struct_ref_seq.db_align_end                  510 
_struct_ref_seq.pdbx_db_align_end_ins_code    ? 
_struct_ref_seq.pdbx_auth_seq_align_beg       1 
_struct_ref_seq.pdbx_auth_seq_align_end       72 
# 
_pdbx_struct_assembly.id                   1 
_pdbx_struct_assembly.details              author_defined_assembly 
_pdbx_struct_assembly.method_details       ? 
_pdbx_struct_assembly.oligomeric_details   monomeric 
_pdbx_struct_assembly.oligomeric_count     1 
# 
_pdbx_struct_assembly_gen.assembly_id       1 
_pdbx_struct_assembly_gen.oper_expression   1 
_pdbx_struct_assembly_gen.asym_id_list      A,B,C 
# 
_pdbx_struct_oper_list.id                   1 
_pdbx_struct_oper_list.type                 'identity operation' 
_pdbx_struct_oper_list.name                 1_555 
_pdbx_struct_oper_list.symmetry_operation   x,y,z 
_pdbx_struct_oper_list.matrix[1][1]         1.0000000000 
_pdbx_struct_oper_list.matrix[1][2]         0.0000000000 
_pdbx_struct_oper_list.matrix[1][3]         0.0000000000 
_pdbx_struct_oper_list.vector[1]            0.0000000000 
_pdbx_struct_oper_list.matrix[2][1]         0.0000000000 
_pdbx_struct_oper_list.matrix[2][2]         1.0000000000 
_pdbx_struct_oper_list.matrix[2][3]         0.0000000000 
_pdbx_struct_oper_list.vector[2]            0.0000000000 
_pdbx_struct_oper_list.matrix[3][1]         0.0000000000 
_pdbx_struct_oper_list.matrix[3][2]         0.0000000000 
_pdbx_struct_oper_list.matrix[3][3]         1.0000000000 
_pdbx_struct_oper_list.vector[3]            0.0000000000 
# 
_struct_biol.id   1 
# 
loop_
_struct_conf.conf_type_id 
_struct_conf.id 
_struct_conf.pdbx_PDB_helix_id 
_struct_conf.beg_label_comp_id 
_struct_conf.beg_label_asym_id 
_struct_conf.beg_label_seq_id 
_struct_conf.pdbx_beg_PDB_ins_code 
_struct_conf.end_label_comp_id 
_struct_conf.end_label_asym_id 
_struct_conf.end_label_seq_id 
_struct_conf.pdbx_end_PDB_ins_code 
_struct_conf.beg_auth_comp_id 
_struct_conf.beg_auth_asym_id 
_struct_conf.beg_auth_seq_id 
_struct_conf.end_auth_comp_id 
_struct_conf.end_auth_asym_id 
_struct_conf.end_auth_seq_id 
_struct_conf.pdbx_PDB_helix_class 
_struct_conf.details 
_struct_conf.pdbx_PDB_helix_length 
HELX_P HELX_P1 1 GLY A 20 ? GLU A 31 ? GLY A 20 GLU A 31 1 ? 12 
HELX_P HELX_P2 2 ILE A 49 ? ASN A 53 ? ILE A 49 ASN A 53 5 ? 5  
HELX_P HELX_P3 3 ALA A 56 ? GLY A 66 ? ALA A 56 GLY A 66 1 ? 11 
# 
_struct_conf_type.id          HELX_P 
_struct_conf_type.criteria    ? 
_struct_conf_type.reference   ? 
# 
loop_
_struct_conn.id 
_struct_conn.conn_type_id 
_struct_conn.pdbx_leaving_atom_flag 
_struct_conn.pdbx_PDB_id 
_struct_conn.ptnr1_label_asym_id 
_struct_conn.ptnr1_label_comp_id 
_struct_conn.ptnr1_label_seq_id 
_struct_conn.ptnr1_label_atom_id 
_struct_conn.pdbx_ptnr1_label_alt_id 
_struct_conn.pdbx_ptnr1_PDB_ins_code 
_struct_conn.pdbx_ptnr1_standard_comp_id 
_struct_conn.ptnr1_symmetry 
_struct_conn.ptnr2_label_asym_id 
_struct_conn.ptnr2_label_comp_id 
_struct_conn.ptnr2_label_seq_id 
_struct_conn.ptnr2_label_atom_id 
_struct_conn.pdbx_ptnr2_label_alt_id 
_struct_conn.pdbx_ptnr2_PDB_ins_code 
_struct_conn.ptnr1_auth_asym_id 
_struct_conn.ptnr1_auth_comp_id 
_struct_conn.ptnr1_auth_seq_id 
_struct_conn.ptnr2_auth_asym_id 
_struct_conn.ptnr2_auth_comp_id 
_struct_conn.ptnr2_auth_seq_id 
_struct_conn.ptnr2_symmetry 
_struct_conn.pdbx_ptnr3_label_atom_id 
_struct_conn.pdbx_ptnr3_label_seq_id 
_struct_conn.pdbx_ptnr3_label_comp_id 
_struct_conn.pdbx_ptnr3_label_asym_id 
_struct_conn.pdbx_ptnr3_label_alt_id 
_struct_conn.pdbx_ptnr3_PDB_ins_code 
_struct_conn.details 
_struct_conn.pdbx_dist_value 
_struct_conn.pdbx_value_order 
_struct_conn.pdbx_role 
metalc1 metalc ? ? A CYS 2  SG ? ? ? 1_555 B ZN . ZN ? ? A CYS 2  A ZN 73 1_555 ? ? ? ? ? ? ? 2.323 ? ? 
metalc2 metalc ? ? A CYS 5  SG ? ? ? 1_555 B ZN . ZN ? ? A CYS 5  A ZN 73 1_555 ? ? ? ? ? ? ? 2.318 ? ? 
metalc3 metalc ? ? A CYS 19 SG ? ? ? 1_555 B ZN . ZN ? ? A CYS 19 A ZN 73 1_555 ? ? ? ? ? ? ? 2.332 ? ? 
metalc4 metalc ? ? A CYS 22 SG ? ? ? 1_555 B ZN . ZN ? ? A CYS 22 A ZN 73 1_555 ? ? ? ? ? ? ? 2.314 ? ? 
metalc5 metalc ? ? A CYS 38 SG ? ? ? 1_555 C ZN . ZN ? ? A CYS 38 A ZN 74 1_555 ? ? ? ? ? ? ? 2.320 ? ? 
metalc6 metalc ? ? A CYS 44 SG ? ? ? 1_555 C ZN . ZN ? ? A CYS 44 A ZN 74 1_555 ? ? ? ? ? ? ? 2.340 ? ? 
metalc7 metalc ? ? A CYS 54 SG ? ? ? 1_555 C ZN . ZN ? ? A CYS 54 A ZN 74 1_555 ? ? ? ? ? ? ? 2.315 ? ? 
metalc8 metalc ? ? A CYS 57 SG ? ? ? 1_555 C ZN . ZN ? ? A CYS 57 A ZN 74 1_555 ? ? ? ? ? ? ? 2.316 ? ? 
# 
_struct_conn_type.id          metalc 
_struct_conn_type.criteria    ? 
_struct_conn_type.reference   ? 
# 
loop_
_pdbx_struct_conn_angle.id 
_pdbx_struct_conn_angle.ptnr1_label_atom_id 
_pdbx_struct_conn_angle.ptnr1_label_alt_id 
_pdbx_struct_conn_angle.ptnr1_label_asym_id 
_pdbx_struct_conn_angle.ptnr1_label_comp_id 
_pdbx_struct_conn_angle.ptnr1_label_seq_id 
_pdbx_struct_conn_angle.ptnr1_auth_atom_id 
_pdbx_struct_conn_angle.ptnr1_auth_asym_id 
_pdbx_struct_conn_angle.ptnr1_auth_comp_id 
_pdbx_struct_conn_angle.ptnr1_auth_seq_id 
_pdbx_struct_conn_angle.ptnr1_PDB_ins_code 
_pdbx_struct_conn_angle.ptnr1_symmetry 
_pdbx_struct_conn_angle.ptnr2_label_atom_id 
_pdbx_struct_conn_angle.ptnr2_label_alt_id 
_pdbx_struct_conn_angle.ptnr2_label_asym_id 
_pdbx_struct_conn_angle.ptnr2_label_comp_id 
_pdbx_struct_conn_angle.ptnr2_label_seq_id 
_pdbx_struct_conn_angle.ptnr2_auth_atom_id 
_pdbx_struct_conn_angle.ptnr2_auth_asym_id 
_pdbx_struct_conn_angle.ptnr2_auth_comp_id 
_pdbx_struct_conn_angle.ptnr2_auth_seq_id 
_pdbx_struct_conn_angle.ptnr2_PDB_ins_code 
_pdbx_struct_conn_angle.ptnr2_symmetry 
_pdbx_struct_conn_angle.ptnr3_label_atom_id 
_pdbx_struct_conn_angle.ptnr3_label_alt_id 
_pdbx_struct_conn_angle.ptnr3_label_asym_id 
_pdbx_struct_conn_angle.ptnr3_label_comp_id 
_pdbx_struct_conn_angle.ptnr3_label_seq_id 
_pdbx_struct_conn_angle.ptnr3_auth_atom_id 
_pdbx_struct_conn_angle.ptnr3_auth_asym_id 
_pdbx_struct_conn_angle.ptnr3_auth_comp_id 
_pdbx_struct_conn_angle.ptnr3_auth_seq_id 
_pdbx_struct_conn_angle.ptnr3_PDB_ins_code 
_pdbx_struct_conn_angle.ptnr3_symmetry 
_pdbx_struct_conn_angle.value 
_pdbx_struct_conn_angle.value_esd 
1  SG ? A CYS 2  ? A CYS 2  ? 1_555 ZN ? B ZN . ? A ZN 73 ? 1_555 SG ? A CYS 5  ? A CYS 5  ? 1_555 112.4 ? 
2  SG ? A CYS 2  ? A CYS 2  ? 1_555 ZN ? B ZN . ? A ZN 73 ? 1_555 SG ? A CYS 19 ? A CYS 19 ? 1_555 108.2 ? 
3  SG ? A CYS 5  ? A CYS 5  ? 1_555 ZN ? B ZN . ? A ZN 73 ? 1_555 SG ? A CYS 19 ? A CYS 19 ? 1_555 109.0 ? 
4  SG ? A CYS 2  ? A CYS 2  ? 1_555 ZN ? B ZN . ? A ZN 73 ? 1_555 SG ? A CYS 22 ? A CYS 22 ? 1_555 108.1 ? 
5  SG ? A CYS 5  ? A CYS 5  ? 1_555 ZN ? B ZN . ? A ZN 73 ? 1_555 SG ? A CYS 22 ? A CYS 22 ? 1_555 109.9 ? 
6  SG ? A CYS 19 ? A CYS 19 ? 1_555 ZN ? B ZN . ? A ZN 73 ? 1_555 SG ? A CYS 22 ? A CYS 22 ? 1_555 109.1 ? 
7  SG ? A CYS 38 ? A CYS 38 ? 1_555 ZN ? C ZN . ? A ZN 74 ? 1_555 SG ? A CYS 44 ? A CYS 44 ? 1_555 110.2 ? 
8  SG ? A CYS 38 ? A CYS 38 ? 1_555 ZN ? C ZN . ? A ZN 74 ? 1_555 SG ? A CYS 54 ? A CYS 54 ? 1_555 108.4 ? 
9  SG ? A CYS 44 ? A CYS 44 ? 1_555 ZN ? C ZN . ? A ZN 74 ? 1_555 SG ? A CYS 54 ? A CYS 54 ? 1_555 107.9 ? 
10 SG ? A CYS 38 ? A CYS 38 ? 1_555 ZN ? C ZN . ? A ZN 74 ? 1_555 SG ? A CYS 57 ? A CYS 57 ? 1_555 108.5 ? 
11 SG ? A CYS 44 ? A CYS 44 ? 1_555 ZN ? C ZN . ? A ZN 74 ? 1_555 SG ? A CYS 57 ? A CYS 57 ? 1_555 111.6 ? 
12 SG ? A CYS 54 ? A CYS 54 ? 1_555 ZN ? C ZN . ? A ZN 74 ? 1_555 SG ? A CYS 57 ? A CYS 57 ? 1_555 110.1 ? 
# 
_struct_sheet.id               A 
_struct_sheet.type             ? 
_struct_sheet.number_strands   2 
_struct_sheet.details          ? 
# 
_struct_sheet_order.sheet_id     A 
_struct_sheet_order.range_id_1   1 
_struct_sheet_order.range_id_2   2 
_struct_sheet_order.offset       ? 
_struct_sheet_order.sense        anti-parallel 
# 
loop_
_struct_sheet_range.sheet_id 
_struct_sheet_range.id 
_struct_sheet_range.beg_label_comp_id 
_struct_sheet_range.beg_label_asym_id 
_struct_sheet_range.beg_label_seq_id 
_struct_sheet_range.pdbx_beg_PDB_ins_code 
_struct_sheet_range.end_label_comp_id 
_struct_sheet_range.end_label_asym_id 
_struct_sheet_range.end_label_seq_id 
_struct_sheet_range.pdbx_end_PDB_ins_code 
_struct_sheet_range.beg_auth_comp_id 
_struct_sheet_range.beg_auth_asym_id 
_struct_sheet_range.beg_auth_seq_id 
_struct_sheet_range.end_auth_comp_id 
_struct_sheet_range.end_auth_asym_id 
_struct_sheet_range.end_auth_seq_id 
A 1 GLY A 11 ? HIS A 13 ? GLY A 11 HIS A 13 
A 2 VAL A 16 ? THR A 18 ? VAL A 16 THR A 18 
# 
_pdbx_struct_sheet_hbond.sheet_id                A 
_pdbx_struct_sheet_hbond.range_id_1              1 
_pdbx_struct_sheet_hbond.range_id_2              2 
_pdbx_struct_sheet_hbond.range_1_label_atom_id   N 
_pdbx_struct_sheet_hbond.range_1_label_comp_id   HIS 
_pdbx_struct_sheet_hbond.range_1_label_asym_id   A 
_pdbx_struct_sheet_hbond.range_1_label_seq_id    13 
_pdbx_struct_sheet_hbond.range_1_PDB_ins_code    ? 
_pdbx_struct_sheet_hbond.range_1_auth_atom_id    N 
_pdbx_struct_sheet_hbond.range_1_auth_comp_id    HIS 
_pdbx_struct_sheet_hbond.range_1_auth_asym_id    A 
_pdbx_struct_sheet_hbond.range_1_auth_seq_id     13 
_pdbx_struct_sheet_hbond.range_2_label_atom_id   O 
_pdbx_struct_sheet_hbond.range_2_label_comp_id   VAL 
_pdbx_struct_sheet_hbond.range_2_label_asym_id   A 
_pdbx_struct_sheet_hbond.range_2_label_seq_id    16 
_pdbx_struct_sheet_hbond.range_2_PDB_ins_code    ? 
_pdbx_struct_sheet_hbond.range_2_auth_atom_id    O 
_pdbx_struct_sheet_hbond.range_2_auth_comp_id    VAL 
_pdbx_struct_sheet_hbond.range_2_auth_asym_id    A 
_pdbx_struct_sheet_hbond.range_2_auth_seq_id     16 
# 
loop_
_struct_site.id 
_struct_site.pdbx_evidence_code 
_struct_site.pdbx_auth_asym_id 
_struct_site.pdbx_auth_comp_id 
_struct_site.pdbx_auth_seq_id 
_struct_site.pdbx_auth_ins_code 
_struct_site.pdbx_num_residues 
_struct_site.details 
AC1 Software A ZN 73 ? 4 'BINDING SITE FOR RESIDUE ZN A 73' 
AC2 Software A ZN 74 ? 4 'BINDING SITE FOR RESIDUE ZN A 74' 
# 
loop_
_struct_site_gen.id 
_struct_site_gen.site_id 
_struct_site_gen.pdbx_num_res 
_struct_site_gen.label_comp_id 
_struct_site_gen.label_asym_id 
_struct_site_gen.label_seq_id 
_struct_site_gen.pdbx_auth_ins_code 
_struct_site_gen.auth_comp_id 
_struct_site_gen.auth_asym_id 
_struct_site_gen.auth_seq_id 
_struct_site_gen.label_atom_id 
_struct_site_gen.label_alt_id 
_struct_site_gen.symmetry 
_struct_site_gen.details 
1 AC1 4 CYS A 2  ? CYS A 2  . ? 1_555 ? 
2 AC1 4 CYS A 5  ? CYS A 5  . ? 1_555 ? 
3 AC1 4 CYS A 19 ? CYS A 19 . ? 1_555 ? 
4 AC1 4 CYS A 22 ? CYS A 22 . ? 1_555 ? 
5 AC2 4 CYS A 38 ? CYS A 38 . ? 1_555 ? 
6 AC2 4 CYS A 44 ? CYS A 44 . ? 1_555 ? 
7 AC2 4 CYS A 54 ? CYS A 54 . ? 1_555 ? 
8 AC2 4 CYS A 57 ? CYS A 57 . ? 1_555 ? 
# 
loop_
_pdbx_validate_torsion.id 
_pdbx_validate_torsion.PDB_model_num 
_pdbx_validate_torsion.auth_comp_id 
_pdbx_validate_torsion.auth_asym_id 
_pdbx_validate_torsion.auth_seq_id 
_pdbx_validate_torsion.PDB_ins_code 
_pdbx_validate_torsion.label_alt_id 
_pdbx_validate_torsion.phi 
_pdbx_validate_torsion.psi 
1  1 VAL A 4  ? ? -120.21 -70.07  
2  1 SER A 6  ? ? 39.08   54.83   
3  1 TYR A 14 ? ? 82.17   -115.14 
4  1 CYS A 19 ? ? -80.52  -159.02 
5  1 VAL A 30 ? ? -104.37 -69.24  
6  1 CYS A 38 ? ? -175.22 52.72   
7  1 ARG A 41 ? ? -122.10 -91.09  
8  1 ASN A 42 ? ? 69.63   61.25   
9  1 ILE A 49 ? ? -121.76 -53.52  
10 1 GLU A 70 ? ? -158.02 62.43   
11 1 ALA A 71 ? ? -104.26 -131.70 
# 
loop_
_pdbx_validate_planes.id 
_pdbx_validate_planes.PDB_model_num 
_pdbx_validate_planes.auth_comp_id 
_pdbx_validate_planes.auth_asym_id 
_pdbx_validate_planes.auth_seq_id 
_pdbx_validate_planes.PDB_ins_code 
_pdbx_validate_planes.label_alt_id 
_pdbx_validate_planes.rmsd 
_pdbx_validate_planes.type 
1 1 ARG A 28 ? ? 0.093 'SIDE CHAIN' 
2 1 ARG A 41 ? ? 0.129 'SIDE CHAIN' 
3 1 ARG A 50 ? ? 0.077 'SIDE CHAIN' 
4 1 ARG A 51 ? ? 0.099 'SIDE CHAIN' 
5 1 ARG A 58 ? ? 0.174 'SIDE CHAIN' 
6 1 ARG A 60 ? ? 0.111 'SIDE CHAIN' 
# 
_pdbx_nmr_ensemble.entry_id                             1GDC 
_pdbx_nmr_ensemble.conformers_calculated_total_number   ? 
_pdbx_nmr_ensemble.conformers_submitted_total_number    1 
_pdbx_nmr_ensemble.conformer_selection_criteria         ? 
# 
loop_
_pdbx_nmr_software.classification 
_pdbx_nmr_software.name 
_pdbx_nmr_software.version 
_pdbx_nmr_software.authors 
_pdbx_nmr_software.ordinal 
refinement DGII   ? HAVEL  1 
refinement CHARMM ? BROOKS 2 
# 
loop_
_chem_comp_atom.comp_id 
_chem_comp_atom.atom_id 
_chem_comp_atom.type_symbol 
_chem_comp_atom.pdbx_aromatic_flag 
_chem_comp_atom.pdbx_stereo_config 
_chem_comp_atom.pdbx_ordinal 
ALA N    N  N N 1   
ALA CA   C  N S 2   
ALA C    C  N N 3   
ALA O    O  N N 4   
ALA CB   C  N N 5   
ALA OXT  O  N N 6   
ALA H    H  N N 7   
ALA H2   H  N N 8   
ALA HA   H  N N 9   
ALA HB1  H  N N 10  
ALA HB2  H  N N 11  
ALA HB3  H  N N 12  
ALA HXT  H  N N 13  
ARG N    N  N N 14  
ARG CA   C  N S 15  
ARG C    C  N N 16  
ARG O    O  N N 17  
ARG CB   C  N N 18  
ARG CG   C  N N 19  
ARG CD   C  N N 20  
ARG NE   N  N N 21  
ARG CZ   C  N N 22  
ARG NH1  N  N N 23  
ARG NH2  N  N N 24  
ARG OXT  O  N N 25  
ARG H    H  N N 26  
ARG H2   H  N N 27  
ARG HA   H  N N 28  
ARG HB2  H  N N 29  
ARG HB3  H  N N 30  
ARG HG2  H  N N 31  
ARG HG3  H  N N 32  
ARG HD2  H  N N 33  
ARG HD3  H  N N 34  
ARG HE   H  N N 35  
ARG HH11 H  N N 36  
ARG HH12 H  N N 37  
ARG HH21 H  N N 38  
ARG HH22 H  N N 39  
ARG HXT  H  N N 40  
ASN N    N  N N 41  
ASN CA   C  N S 42  
ASN C    C  N N 43  
ASN O    O  N N 44  
ASN CB   C  N N 45  
ASN CG   C  N N 46  
ASN OD1  O  N N 47  
ASN ND2  N  N N 48  
ASN OXT  O  N N 49  
ASN H    H  N N 50  
ASN H2   H  N N 51  
ASN HA   H  N N 52  
ASN HB2  H  N N 53  
ASN HB3  H  N N 54  
ASN HD21 H  N N 55  
ASN HD22 H  N N 56  
ASN HXT  H  N N 57  
ASP N    N  N N 58  
ASP CA   C  N S 59  
ASP C    C  N N 60  
ASP O    O  N N 61  
ASP CB   C  N N 62  
ASP CG   C  N N 63  
ASP OD1  O  N N 64  
ASP OD2  O  N N 65  
ASP OXT  O  N N 66  
ASP H    H  N N 67  
ASP H2   H  N N 68  
ASP HA   H  N N 69  
ASP HB2  H  N N 70  
ASP HB3  H  N N 71  
ASP HD2  H  N N 72  
ASP HXT  H  N N 73  
CYS N    N  N N 74  
CYS CA   C  N R 75  
CYS C    C  N N 76  
CYS O    O  N N 77  
CYS CB   C  N N 78  
CYS SG   S  N N 79  
CYS OXT  O  N N 80  
CYS H    H  N N 81  
CYS H2   H  N N 82  
CYS HA   H  N N 83  
CYS HB2  H  N N 84  
CYS HB3  H  N N 85  
CYS HG   H  N N 86  
CYS HXT  H  N N 87  
GLN N    N  N N 88  
GLN CA   C  N S 89  
GLN C    C  N N 90  
GLN O    O  N N 91  
GLN CB   C  N N 92  
GLN CG   C  N N 93  
GLN CD   C  N N 94  
GLN OE1  O  N N 95  
GLN NE2  N  N N 96  
GLN OXT  O  N N 97  
GLN H    H  N N 98  
GLN H2   H  N N 99  
GLN HA   H  N N 100 
GLN HB2  H  N N 101 
GLN HB3  H  N N 102 
GLN HG2  H  N N 103 
GLN HG3  H  N N 104 
GLN HE21 H  N N 105 
GLN HE22 H  N N 106 
GLN HXT  H  N N 107 
GLU N    N  N N 108 
GLU CA   C  N S 109 
GLU C    C  N N 110 
GLU O    O  N N 111 
GLU CB   C  N N 112 
GLU CG   C  N N 113 
GLU CD   C  N N 114 
GLU OE1  O  N N 115 
GLU OE2  O  N N 116 
GLU OXT  O  N N 117 
GLU H    H  N N 118 
GLU H2   H  N N 119 
GLU HA   H  N N 120 
GLU HB2  H  N N 121 
GLU HB3  H  N N 122 
GLU HG2  H  N N 123 
GLU HG3  H  N N 124 
GLU HE2  H  N N 125 
GLU HXT  H  N N 126 
GLY N    N  N N 127 
GLY CA   C  N N 128 
GLY C    C  N N 129 
GLY O    O  N N 130 
GLY OXT  O  N N 131 
GLY H    H  N N 132 
GLY H2   H  N N 133 
GLY HA2  H  N N 134 
GLY HA3  H  N N 135 
GLY HXT  H  N N 136 
HIS N    N  N N 137 
HIS CA   C  N S 138 
HIS C    C  N N 139 
HIS O    O  N N 140 
HIS CB   C  N N 141 
HIS CG   C  Y N 142 
HIS ND1  N  Y N 143 
HIS CD2  C  Y N 144 
HIS CE1  C  Y N 145 
HIS NE2  N  Y N 146 
HIS OXT  O  N N 147 
HIS H    H  N N 148 
HIS H2   H  N N 149 
HIS HA   H  N N 150 
HIS HB2  H  N N 151 
HIS HB3  H  N N 152 
HIS HD1  H  N N 153 
HIS HD2  H  N N 154 
HIS HE1  H  N N 155 
HIS HE2  H  N N 156 
HIS HXT  H  N N 157 
ILE N    N  N N 158 
ILE CA   C  N S 159 
ILE C    C  N N 160 
ILE O    O  N N 161 
ILE CB   C  N S 162 
ILE CG1  C  N N 163 
ILE CG2  C  N N 164 
ILE CD1  C  N N 165 
ILE OXT  O  N N 166 
ILE H    H  N N 167 
ILE H2   H  N N 168 
ILE HA   H  N N 169 
ILE HB   H  N N 170 
ILE HG12 H  N N 171 
ILE HG13 H  N N 172 
ILE HG21 H  N N 173 
ILE HG22 H  N N 174 
ILE HG23 H  N N 175 
ILE HD11 H  N N 176 
ILE HD12 H  N N 177 
ILE HD13 H  N N 178 
ILE HXT  H  N N 179 
LEU N    N  N N 180 
LEU CA   C  N S 181 
LEU C    C  N N 182 
LEU O    O  N N 183 
LEU CB   C  N N 184 
LEU CG   C  N N 185 
LEU CD1  C  N N 186 
LEU CD2  C  N N 187 
LEU OXT  O  N N 188 
LEU H    H  N N 189 
LEU H2   H  N N 190 
LEU HA   H  N N 191 
LEU HB2  H  N N 192 
LEU HB3  H  N N 193 
LEU HG   H  N N 194 
LEU HD11 H  N N 195 
LEU HD12 H  N N 196 
LEU HD13 H  N N 197 
LEU HD21 H  N N 198 
LEU HD22 H  N N 199 
LEU HD23 H  N N 200 
LEU HXT  H  N N 201 
LYS N    N  N N 202 
LYS CA   C  N S 203 
LYS C    C  N N 204 
LYS O    O  N N 205 
LYS CB   C  N N 206 
LYS CG   C  N N 207 
LYS CD   C  N N 208 
LYS CE   C  N N 209 
LYS NZ   N  N N 210 
LYS OXT  O  N N 211 
LYS H    H  N N 212 
LYS H2   H  N N 213 
LYS HA   H  N N 214 
LYS HB2  H  N N 215 
LYS HB3  H  N N 216 
LYS HG2  H  N N 217 
LYS HG3  H  N N 218 
LYS HD2  H  N N 219 
LYS HD3  H  N N 220 
LYS HE2  H  N N 221 
LYS HE3  H  N N 222 
LYS HZ1  H  N N 223 
LYS HZ2  H  N N 224 
LYS HZ3  H  N N 225 
LYS HXT  H  N N 226 
MET N    N  N N 227 
MET CA   C  N S 228 
MET C    C  N N 229 
MET O    O  N N 230 
MET CB   C  N N 231 
MET CG   C  N N 232 
MET SD   S  N N 233 
MET CE   C  N N 234 
MET OXT  O  N N 235 
MET H    H  N N 236 
MET H2   H  N N 237 
MET HA   H  N N 238 
MET HB2  H  N N 239 
MET HB3  H  N N 240 
MET HG2  H  N N 241 
MET HG3  H  N N 242 
MET HE1  H  N N 243 
MET HE2  H  N N 244 
MET HE3  H  N N 245 
MET HXT  H  N N 246 
PHE N    N  N N 247 
PHE CA   C  N S 248 
PHE C    C  N N 249 
PHE O    O  N N 250 
PHE CB   C  N N 251 
PHE CG   C  Y N 252 
PHE CD1  C  Y N 253 
PHE CD2  C  Y N 254 
PHE CE1  C  Y N 255 
PHE CE2  C  Y N 256 
PHE CZ   C  Y N 257 
PHE OXT  O  N N 258 
PHE H    H  N N 259 
PHE H2   H  N N 260 
PHE HA   H  N N 261 
PHE HB2  H  N N 262 
PHE HB3  H  N N 263 
PHE HD1  H  N N 264 
PHE HD2  H  N N 265 
PHE HE1  H  N N 266 
PHE HE2  H  N N 267 
PHE HZ   H  N N 268 
PHE HXT  H  N N 269 
PRO N    N  N N 270 
PRO CA   C  N S 271 
PRO C    C  N N 272 
PRO O    O  N N 273 
PRO CB   C  N N 274 
PRO CG   C  N N 275 
PRO CD   C  N N 276 
PRO OXT  O  N N 277 
PRO H    H  N N 278 
PRO HA   H  N N 279 
PRO HB2  H  N N 280 
PRO HB3  H  N N 281 
PRO HG2  H  N N 282 
PRO HG3  H  N N 283 
PRO HD2  H  N N 284 
PRO HD3  H  N N 285 
PRO HXT  H  N N 286 
SER N    N  N N 287 
SER CA   C  N S 288 
SER C    C  N N 289 
SER O    O  N N 290 
SER CB   C  N N 291 
SER OG   O  N N 292 
SER OXT  O  N N 293 
SER H    H  N N 294 
SER H2   H  N N 295 
SER HA   H  N N 296 
SER HB2  H  N N 297 
SER HB3  H  N N 298 
SER HG   H  N N 299 
SER HXT  H  N N 300 
THR N    N  N N 301 
THR CA   C  N S 302 
THR C    C  N N 303 
THR O    O  N N 304 
THR CB   C  N R 305 
THR OG1  O  N N 306 
THR CG2  C  N N 307 
THR OXT  O  N N 308 
THR H    H  N N 309 
THR H2   H  N N 310 
THR HA   H  N N 311 
THR HB   H  N N 312 
THR HG1  H  N N 313 
THR HG21 H  N N 314 
THR HG22 H  N N 315 
THR HG23 H  N N 316 
THR HXT  H  N N 317 
TYR N    N  N N 318 
TYR CA   C  N S 319 
TYR C    C  N N 320 
TYR O    O  N N 321 
TYR CB   C  N N 322 
TYR CG   C  Y N 323 
TYR CD1  C  Y N 324 
TYR CD2  C  Y N 325 
TYR CE1  C  Y N 326 
TYR CE2  C  Y N 327 
TYR CZ   C  Y N 328 
TYR OH   O  N N 329 
TYR OXT  O  N N 330 
TYR H    H  N N 331 
TYR H2   H  N N 332 
TYR HA   H  N N 333 
TYR HB2  H  N N 334 
TYR HB3  H  N N 335 
TYR HD1  H  N N 336 
TYR HD2  H  N N 337 
TYR HE1  H  N N 338 
TYR HE2  H  N N 339 
TYR HH   H  N N 340 
TYR HXT  H  N N 341 
VAL N    N  N N 342 
VAL CA   C  N S 343 
VAL C    C  N N 344 
VAL O    O  N N 345 
VAL CB   C  N N 346 
VAL CG1  C  N N 347 
VAL CG2  C  N N 348 
VAL OXT  O  N N 349 
VAL H    H  N N 350 
VAL H2   H  N N 351 
VAL HA   H  N N 352 
VAL HB   H  N N 353 
VAL HG11 H  N N 354 
VAL HG12 H  N N 355 
VAL HG13 H  N N 356 
VAL HG21 H  N N 357 
VAL HG22 H  N N 358 
VAL HG23 H  N N 359 
VAL HXT  H  N N 360 
ZN  ZN   ZN N N 361 
# 
loop_
_chem_comp_bond.comp_id 
_chem_comp_bond.atom_id_1 
_chem_comp_bond.atom_id_2 
_chem_comp_bond.value_order 
_chem_comp_bond.pdbx_aromatic_flag 
_chem_comp_bond.pdbx_stereo_config 
_chem_comp_bond.pdbx_ordinal 
ALA N   CA   sing N N 1   
ALA N   H    sing N N 2   
ALA N   H2   sing N N 3   
ALA CA  C    sing N N 4   
ALA CA  CB   sing N N 5   
ALA CA  HA   sing N N 6   
ALA C   O    doub N N 7   
ALA C   OXT  sing N N 8   
ALA CB  HB1  sing N N 9   
ALA CB  HB2  sing N N 10  
ALA CB  HB3  sing N N 11  
ALA OXT HXT  sing N N 12  
ARG N   CA   sing N N 13  
ARG N   H    sing N N 14  
ARG N   H2   sing N N 15  
ARG CA  C    sing N N 16  
ARG CA  CB   sing N N 17  
ARG CA  HA   sing N N 18  
ARG C   O    doub N N 19  
ARG C   OXT  sing N N 20  
ARG CB  CG   sing N N 21  
ARG CB  HB2  sing N N 22  
ARG CB  HB3  sing N N 23  
ARG CG  CD   sing N N 24  
ARG CG  HG2  sing N N 25  
ARG CG  HG3  sing N N 26  
ARG CD  NE   sing N N 27  
ARG CD  HD2  sing N N 28  
ARG CD  HD3  sing N N 29  
ARG NE  CZ   sing N N 30  
ARG NE  HE   sing N N 31  
ARG CZ  NH1  sing N N 32  
ARG CZ  NH2  doub N N 33  
ARG NH1 HH11 sing N N 34  
ARG NH1 HH12 sing N N 35  
ARG NH2 HH21 sing N N 36  
ARG NH2 HH22 sing N N 37  
ARG OXT HXT  sing N N 38  
ASN N   CA   sing N N 39  
ASN N   H    sing N N 40  
ASN N   H2   sing N N 41  
ASN CA  C    sing N N 42  
ASN CA  CB   sing N N 43  
ASN CA  HA   sing N N 44  
ASN C   O    doub N N 45  
ASN C   OXT  sing N N 46  
ASN CB  CG   sing N N 47  
ASN CB  HB2  sing N N 48  
ASN CB  HB3  sing N N 49  
ASN CG  OD1  doub N N 50  
ASN CG  ND2  sing N N 51  
ASN ND2 HD21 sing N N 52  
ASN ND2 HD22 sing N N 53  
ASN OXT HXT  sing N N 54  
ASP N   CA   sing N N 55  
ASP N   H    sing N N 56  
ASP N   H2   sing N N 57  
ASP CA  C    sing N N 58  
ASP CA  CB   sing N N 59  
ASP CA  HA   sing N N 60  
ASP C   O    doub N N 61  
ASP C   OXT  sing N N 62  
ASP CB  CG   sing N N 63  
ASP CB  HB2  sing N N 64  
ASP CB  HB3  sing N N 65  
ASP CG  OD1  doub N N 66  
ASP CG  OD2  sing N N 67  
ASP OD2 HD2  sing N N 68  
ASP OXT HXT  sing N N 69  
CYS N   CA   sing N N 70  
CYS N   H    sing N N 71  
CYS N   H2   sing N N 72  
CYS CA  C    sing N N 73  
CYS CA  CB   sing N N 74  
CYS CA  HA   sing N N 75  
CYS C   O    doub N N 76  
CYS C   OXT  sing N N 77  
CYS CB  SG   sing N N 78  
CYS CB  HB2  sing N N 79  
CYS CB  HB3  sing N N 80  
CYS SG  HG   sing N N 81  
CYS OXT HXT  sing N N 82  
GLN N   CA   sing N N 83  
GLN N   H    sing N N 84  
GLN N   H2   sing N N 85  
GLN CA  C    sing N N 86  
GLN CA  CB   sing N N 87  
GLN CA  HA   sing N N 88  
GLN C   O    doub N N 89  
GLN C   OXT  sing N N 90  
GLN CB  CG   sing N N 91  
GLN CB  HB2  sing N N 92  
GLN CB  HB3  sing N N 93  
GLN CG  CD   sing N N 94  
GLN CG  HG2  sing N N 95  
GLN CG  HG3  sing N N 96  
GLN CD  OE1  doub N N 97  
GLN CD  NE2  sing N N 98  
GLN NE2 HE21 sing N N 99  
GLN NE2 HE22 sing N N 100 
GLN OXT HXT  sing N N 101 
GLU N   CA   sing N N 102 
GLU N   H    sing N N 103 
GLU N   H2   sing N N 104 
GLU CA  C    sing N N 105 
GLU CA  CB   sing N N 106 
GLU CA  HA   sing N N 107 
GLU C   O    doub N N 108 
GLU C   OXT  sing N N 109 
GLU CB  CG   sing N N 110 
GLU CB  HB2  sing N N 111 
GLU CB  HB3  sing N N 112 
GLU CG  CD   sing N N 113 
GLU CG  HG2  sing N N 114 
GLU CG  HG3  sing N N 115 
GLU CD  OE1  doub N N 116 
GLU CD  OE2  sing N N 117 
GLU OE2 HE2  sing N N 118 
GLU OXT HXT  sing N N 119 
GLY N   CA   sing N N 120 
GLY N   H    sing N N 121 
GLY N   H2   sing N N 122 
GLY CA  C    sing N N 123 
GLY CA  HA2  sing N N 124 
GLY CA  HA3  sing N N 125 
GLY C   O    doub N N 126 
GLY C   OXT  sing N N 127 
GLY OXT HXT  sing N N 128 
HIS N   CA   sing N N 129 
HIS N   H    sing N N 130 
HIS N   H2   sing N N 131 
HIS CA  C    sing N N 132 
HIS CA  CB   sing N N 133 
HIS CA  HA   sing N N 134 
HIS C   O    doub N N 135 
HIS C   OXT  sing N N 136 
HIS CB  CG   sing N N 137 
HIS CB  HB2  sing N N 138 
HIS CB  HB3  sing N N 139 
HIS CG  ND1  sing Y N 140 
HIS CG  CD2  doub Y N 141 
HIS ND1 CE1  doub Y N 142 
HIS ND1 HD1  sing N N 143 
HIS CD2 NE2  sing Y N 144 
HIS CD2 HD2  sing N N 145 
HIS CE1 NE2  sing Y N 146 
HIS CE1 HE1  sing N N 147 
HIS NE2 HE2  sing N N 148 
HIS OXT HXT  sing N N 149 
ILE N   CA   sing N N 150 
ILE N   H    sing N N 151 
ILE N   H2   sing N N 152 
ILE CA  C    sing N N 153 
ILE CA  CB   sing N N 154 
ILE CA  HA   sing N N 155 
ILE C   O    doub N N 156 
ILE C   OXT  sing N N 157 
ILE CB  CG1  sing N N 158 
ILE CB  CG2  sing N N 159 
ILE CB  HB   sing N N 160 
ILE CG1 CD1  sing N N 161 
ILE CG1 HG12 sing N N 162 
ILE CG1 HG13 sing N N 163 
ILE CG2 HG21 sing N N 164 
ILE CG2 HG22 sing N N 165 
ILE CG2 HG23 sing N N 166 
ILE CD1 HD11 sing N N 167 
ILE CD1 HD12 sing N N 168 
ILE CD1 HD13 sing N N 169 
ILE OXT HXT  sing N N 170 
LEU N   CA   sing N N 171 
LEU N   H    sing N N 172 
LEU N   H2   sing N N 173 
LEU CA  C    sing N N 174 
LEU CA  CB   sing N N 175 
LEU CA  HA   sing N N 176 
LEU C   O    doub N N 177 
LEU C   OXT  sing N N 178 
LEU CB  CG   sing N N 179 
LEU CB  HB2  sing N N 180 
LEU CB  HB3  sing N N 181 
LEU CG  CD1  sing N N 182 
LEU CG  CD2  sing N N 183 
LEU CG  HG   sing N N 184 
LEU CD1 HD11 sing N N 185 
LEU CD1 HD12 sing N N 186 
LEU CD1 HD13 sing N N 187 
LEU CD2 HD21 sing N N 188 
LEU CD2 HD22 sing N N 189 
LEU CD2 HD23 sing N N 190 
LEU OXT HXT  sing N N 191 
LYS N   CA   sing N N 192 
LYS N   H    sing N N 193 
LYS N   H2   sing N N 194 
LYS CA  C    sing N N 195 
LYS CA  CB   sing N N 196 
LYS CA  HA   sing N N 197 
LYS C   O    doub N N 198 
LYS C   OXT  sing N N 199 
LYS CB  CG   sing N N 200 
LYS CB  HB2  sing N N 201 
LYS CB  HB3  sing N N 202 
LYS CG  CD   sing N N 203 
LYS CG  HG2  sing N N 204 
LYS CG  HG3  sing N N 205 
LYS CD  CE   sing N N 206 
LYS CD  HD2  sing N N 207 
LYS CD  HD3  sing N N 208 
LYS CE  NZ   sing N N 209 
LYS CE  HE2  sing N N 210 
LYS CE  HE3  sing N N 211 
LYS NZ  HZ1  sing N N 212 
LYS NZ  HZ2  sing N N 213 
LYS NZ  HZ3  sing N N 214 
LYS OXT HXT  sing N N 215 
MET N   CA   sing N N 216 
MET N   H    sing N N 217 
MET N   H2   sing N N 218 
MET CA  C    sing N N 219 
MET CA  CB   sing N N 220 
MET CA  HA   sing N N 221 
MET C   O    doub N N 222 
MET C   OXT  sing N N 223 
MET CB  CG   sing N N 224 
MET CB  HB2  sing N N 225 
MET CB  HB3  sing N N 226 
MET CG  SD   sing N N 227 
MET CG  HG2  sing N N 228 
MET CG  HG3  sing N N 229 
MET SD  CE   sing N N 230 
MET CE  HE1  sing N N 231 
MET CE  HE2  sing N N 232 
MET CE  HE3  sing N N 233 
MET OXT HXT  sing N N 234 
PHE N   CA   sing N N 235 
PHE N   H    sing N N 236 
PHE N   H2   sing N N 237 
PHE CA  C    sing N N 238 
PHE CA  CB   sing N N 239 
PHE CA  HA   sing N N 240 
PHE C   O    doub N N 241 
PHE C   OXT  sing N N 242 
PHE CB  CG   sing N N 243 
PHE CB  HB2  sing N N 244 
PHE CB  HB3  sing N N 245 
PHE CG  CD1  doub Y N 246 
PHE CG  CD2  sing Y N 247 
PHE CD1 CE1  sing Y N 248 
PHE CD1 HD1  sing N N 249 
PHE CD2 CE2  doub Y N 250 
PHE CD2 HD2  sing N N 251 
PHE CE1 CZ   doub Y N 252 
PHE CE1 HE1  sing N N 253 
PHE CE2 CZ   sing Y N 254 
PHE CE2 HE2  sing N N 255 
PHE CZ  HZ   sing N N 256 
PHE OXT HXT  sing N N 257 
PRO N   CA   sing N N 258 
PRO N   CD   sing N N 259 
PRO N   H    sing N N 260 
PRO CA  C    sing N N 261 
PRO CA  CB   sing N N 262 
PRO CA  HA   sing N N 263 
PRO C   O    doub N N 264 
PRO C   OXT  sing N N 265 
PRO CB  CG   sing N N 266 
PRO CB  HB2  sing N N 267 
PRO CB  HB3  sing N N 268 
PRO CG  CD   sing N N 269 
PRO CG  HG2  sing N N 270 
PRO CG  HG3  sing N N 271 
PRO CD  HD2  sing N N 272 
PRO CD  HD3  sing N N 273 
PRO OXT HXT  sing N N 274 
SER N   CA   sing N N 275 
SER N   H    sing N N 276 
SER N   H2   sing N N 277 
SER CA  C    sing N N 278 
SER CA  CB   sing N N 279 
SER CA  HA   sing N N 280 
SER C   O    doub N N 281 
SER C   OXT  sing N N 282 
SER CB  OG   sing N N 283 
SER CB  HB2  sing N N 284 
SER CB  HB3  sing N N 285 
SER OG  HG   sing N N 286 
SER OXT HXT  sing N N 287 
THR N   CA   sing N N 288 
THR N   H    sing N N 289 
THR N   H2   sing N N 290 
THR CA  C    sing N N 291 
THR CA  CB   sing N N 292 
THR CA  HA   sing N N 293 
THR C   O    doub N N 294 
THR C   OXT  sing N N 295 
THR CB  OG1  sing N N 296 
THR CB  CG2  sing N N 297 
THR CB  HB   sing N N 298 
THR OG1 HG1  sing N N 299 
THR CG2 HG21 sing N N 300 
THR CG2 HG22 sing N N 301 
THR CG2 HG23 sing N N 302 
THR OXT HXT  sing N N 303 
TYR N   CA   sing N N 304 
TYR N   H    sing N N 305 
TYR N   H2   sing N N 306 
TYR CA  C    sing N N 307 
TYR CA  CB   sing N N 308 
TYR CA  HA   sing N N 309 
TYR C   O    doub N N 310 
TYR C   OXT  sing N N 311 
TYR CB  CG   sing N N 312 
TYR CB  HB2  sing N N 313 
TYR CB  HB3  sing N N 314 
TYR CG  CD1  doub Y N 315 
TYR CG  CD2  sing Y N 316 
TYR CD1 CE1  sing Y N 317 
TYR CD1 HD1  sing N N 318 
TYR CD2 CE2  doub Y N 319 
TYR CD2 HD2  sing N N 320 
TYR CE1 CZ   doub Y N 321 
TYR CE1 HE1  sing N N 322 
TYR CE2 CZ   sing Y N 323 
TYR CE2 HE2  sing N N 324 
TYR CZ  OH   sing N N 325 
TYR OH  HH   sing N N 326 
TYR OXT HXT  sing N N 327 
VAL N   CA   sing N N 328 
VAL N   H    sing N N 329 
VAL N   H2   sing N N 330 
VAL CA  C    sing N N 331 
VAL CA  CB   sing N N 332 
VAL CA  HA   sing N N 333 
VAL C   O    doub N N 334 
VAL C   OXT  sing N N 335 
VAL CB  CG1  sing N N 336 
VAL CB  CG2  sing N N 337 
VAL CB  HB   sing N N 338 
VAL CG1 HG11 sing N N 339 
VAL CG1 HG12 sing N N 340 
VAL CG1 HG13 sing N N 341 
VAL CG2 HG21 sing N N 342 
VAL CG2 HG22 sing N N 343 
VAL CG2 HG23 sing N N 344 
VAL OXT HXT  sing N N 345 
# 
_atom_sites.entry_id                    1GDC 
_atom_sites.fract_transf_matrix[1][1]   1.000000 
_atom_sites.fract_transf_matrix[1][2]   0.000000 
_atom_sites.fract_transf_matrix[1][3]   0.000000 
_atom_sites.fract_transf_matrix[2][1]   0.000000 
_atom_sites.fract_transf_matrix[2][2]   1.000000 
_atom_sites.fract_transf_matrix[2][3]   0.000000 
_atom_sites.fract_transf_matrix[3][1]   0.000000 
_atom_sites.fract_transf_matrix[3][2]   0.000000 
_atom_sites.fract_transf_matrix[3][3]   1.000000 
_atom_sites.fract_transf_vector[1]      0.00000 
_atom_sites.fract_transf_vector[2]      0.00000 
_atom_sites.fract_transf_vector[3]      0.00000 
# 
loop_
_atom_type.symbol 
C  
H  
N  
O  
S  
ZN 
# 
loop_
_atom_site.group_PDB 
_atom_site.id 
_atom_site.type_symbol 
_atom_site.label_atom_id 
_atom_site.label_alt_id 
_atom_site.label_comp_id 
_atom_site.label_asym_id 
_atom_site.label_entity_id 
_atom_site.label_seq_id 
_atom_site.pdbx_PDB_ins_code 
_atom_site.Cartn_x 
_atom_site.Cartn_y 
_atom_site.Cartn_z 
_atom_site.occupancy 
_atom_site.B_iso_or_equiv 
_atom_site.pdbx_formal_charge 
_atom_site.auth_seq_id 
_atom_site.auth_comp_id 
_atom_site.auth_asym_id 
_atom_site.auth_atom_id 
_atom_site.pdbx_PDB_model_num 
ATOM   1    N  N    . LEU A 1 1  ? -12.507 1.609   -5.222  1.00 0.00 ? 1  LEU A N    1 
ATOM   2    C  CA   . LEU A 1 1  ? -11.632 0.445   -5.074  1.00 0.00 ? 1  LEU A CA   1 
ATOM   3    C  C    . LEU A 1 1  ? -10.255 0.877   -4.667  1.00 0.00 ? 1  LEU A C    1 
ATOM   4    O  O    . LEU A 1 1  ? -9.753  1.900   -5.131  1.00 0.00 ? 1  LEU A O    1 
ATOM   5    C  CB   . LEU A 1 1  ? -11.527 -0.349  -6.405  1.00 0.00 ? 1  LEU A CB   1 
ATOM   6    C  CG   . LEU A 1 1  ? -12.853 -0.960  -6.929  1.00 0.00 ? 1  LEU A CG   1 
ATOM   7    C  CD1  . LEU A 1 1  ? -12.666 -1.588  -8.322  1.00 0.00 ? 1  LEU A CD1  1 
ATOM   8    C  CD2  . LEU A 1 1  ? -13.472 -1.965  -5.941  1.00 0.00 ? 1  LEU A CD2  1 
ATOM   9    H  H1   . LEU A 1 1  ? -11.980 2.377   -5.684  1.00 0.00 ? 1  LEU A H1   1 
ATOM   10   H  H2   . LEU A 1 1  ? -13.329 1.354   -5.805  1.00 0.00 ? 1  LEU A H2   1 
ATOM   11   H  H3   . LEU A 1 1  ? -12.827 1.924   -4.286  1.00 0.00 ? 1  LEU A H3   1 
ATOM   12   H  HA   . LEU A 1 1  ? -12.055 -0.173  -4.300  1.00 0.00 ? 1  LEU A HA   1 
ATOM   13   H  HB2  . LEU A 1 1  ? -11.114 0.318   -7.196  1.00 0.00 ? 1  LEU A HB2  1 
ATOM   14   H  HB3  . LEU A 1 1  ? -10.798 -1.183  -6.282  1.00 0.00 ? 1  LEU A HB3  1 
ATOM   15   H  HG   . LEU A 1 1  ? -13.582 -0.124  -7.050  1.00 0.00 ? 1  LEU A HG   1 
ATOM   16   H  HD11 . LEU A 1 1  ? -12.321 -0.825  -9.052  1.00 0.00 ? 1  LEU A HD11 1 
ATOM   17   H  HD12 . LEU A 1 1  ? -13.628 -2.007  -8.687  1.00 0.00 ? 1  LEU A HD12 1 
ATOM   18   H  HD13 . LEU A 1 1  ? -11.915 -2.406  -8.286  1.00 0.00 ? 1  LEU A HD13 1 
ATOM   19   H  HD21 . LEU A 1 1  ? -14.426 -2.364  -6.343  1.00 0.00 ? 1  LEU A HD21 1 
ATOM   20   H  HD22 . LEU A 1 1  ? -13.695 -1.465  -4.977  1.00 0.00 ? 1  LEU A HD22 1 
ATOM   21   H  HD23 . LEU A 1 1  ? -12.778 -2.814  -5.756  1.00 0.00 ? 1  LEU A HD23 1 
ATOM   22   N  N    . CYS A 1 2  ? -9.580  0.044   -3.810  1.00 0.00 ? 2  CYS A N    1 
ATOM   23   C  CA   . CYS A 1 2  ? -8.235  0.158   -3.287  1.00 0.00 ? 2  CYS A CA   1 
ATOM   24   C  C    . CYS A 1 2  ? -7.390  -0.028  -4.501  1.00 0.00 ? 2  CYS A C    1 
ATOM   25   O  O    . CYS A 1 2  ? -7.595  -0.984  -5.241  1.00 0.00 ? 2  CYS A O    1 
ATOM   26   C  CB   . CYS A 1 2  ? -7.908  -0.866  -2.159  1.00 0.00 ? 2  CYS A CB   1 
ATOM   27   S  SG   . CYS A 1 2  ? -6.203  -0.720  -1.512  1.00 0.00 ? 2  CYS A SG   1 
ATOM   28   H  H    . CYS A 1 2  ? -10.029 -0.748  -3.416  1.00 0.00 ? 2  CYS A H    1 
ATOM   29   H  HA   . CYS A 1 2  ? -8.088  1.148   -2.906  1.00 0.00 ? 2  CYS A HA   1 
ATOM   30   H  HB2  . CYS A 1 2  ? -8.636  -0.696  -1.318  1.00 0.00 ? 2  CYS A HB2  1 
ATOM   31   H  HB3  . CYS A 1 2  ? -8.027  -1.901  -2.545  1.00 0.00 ? 2  CYS A HB3  1 
ATOM   32   N  N    . LEU A 1 3  ? -6.440  0.897   -4.742  1.00 0.00 ? 3  LEU A N    1 
ATOM   33   C  CA   . LEU A 1 3  ? -5.656  0.871   -5.946  1.00 0.00 ? 3  LEU A CA   1 
ATOM   34   C  C    . LEU A 1 3  ? -4.287  0.315   -5.694  1.00 0.00 ? 3  LEU A C    1 
ATOM   35   O  O    . LEU A 1 3  ? -3.343  0.512   -6.460  1.00 0.00 ? 3  LEU A O    1 
ATOM   36   C  CB   . LEU A 1 3  ? -5.540  2.283   -6.526  1.00 0.00 ? 3  LEU A CB   1 
ATOM   37   C  CG   . LEU A 1 3  ? -6.874  2.803   -7.108  1.00 0.00 ? 3  LEU A CG   1 
ATOM   38   C  CD1  . LEU A 1 3  ? -6.851  4.319   -7.373  1.00 0.00 ? 3  LEU A CD1  1 
ATOM   39   C  CD2  . LEU A 1 3  ? -7.309  2.033   -8.371  1.00 0.00 ? 3  LEU A CD2  1 
ATOM   40   H  H    . LEU A 1 3  ? -6.285  1.674   -4.137  1.00 0.00 ? 3  LEU A H    1 
ATOM   41   H  HA   . LEU A 1 3  ? -6.180  0.218   -6.611  1.00 0.00 ? 3  LEU A HA   1 
ATOM   42   H  HB2  . LEU A 1 3  ? -5.209  2.917   -5.673  1.00 0.00 ? 3  LEU A HB2  1 
ATOM   43   H  HB3  . LEU A 1 3  ? -4.763  2.335   -7.318  1.00 0.00 ? 3  LEU A HB3  1 
ATOM   44   H  HG   . LEU A 1 3  ? -7.650  2.612   -6.334  1.00 0.00 ? 3  LEU A HG   1 
ATOM   45   H  HD11 . LEU A 1 3  ? -7.814  4.651   -7.815  1.00 0.00 ? 3  LEU A HD11 1 
ATOM   46   H  HD12 . LEU A 1 3  ? -6.704  4.875   -6.426  1.00 0.00 ? 3  LEU A HD12 1 
ATOM   47   H  HD13 . LEU A 1 3  ? -6.031  4.583   -8.074  1.00 0.00 ? 3  LEU A HD13 1 
ATOM   48   H  HD21 . LEU A 1 3  ? -8.271  2.433   -8.756  1.00 0.00 ? 3  LEU A HD21 1 
ATOM   49   H  HD22 . LEU A 1 3  ? -6.544  2.133   -9.171  1.00 0.00 ? 3  LEU A HD22 1 
ATOM   50   H  HD23 . LEU A 1 3  ? -7.454  0.956   -8.154  1.00 0.00 ? 3  LEU A HD23 1 
ATOM   51   N  N    . VAL A 1 4  ? -4.197  -0.428  -4.584  1.00 0.00 ? 4  VAL A N    1 
ATOM   52   C  CA   . VAL A 1 4  ? -3.009  -1.055  -4.088  1.00 0.00 ? 4  VAL A CA   1 
ATOM   53   C  C    . VAL A 1 4  ? -3.231  -2.524  -4.020  1.00 0.00 ? 4  VAL A C    1 
ATOM   54   O  O    . VAL A 1 4  ? -2.613  -3.277  -4.766  1.00 0.00 ? 4  VAL A O    1 
ATOM   55   C  CB   . VAL A 1 4  ? -2.585  -0.514  -2.699  1.00 0.00 ? 4  VAL A CB   1 
ATOM   56   C  CG1  . VAL A 1 4  ? -1.208  -1.035  -2.259  1.00 0.00 ? 4  VAL A CG1  1 
ATOM   57   C  CG2  . VAL A 1 4  ? -2.728  1.014   -2.640  1.00 0.00 ? 4  VAL A CG2  1 
ATOM   58   H  H    . VAL A 1 4  ? -5.022  -0.506  -4.040  1.00 0.00 ? 4  VAL A H    1 
ATOM   59   H  HA   . VAL A 1 4  ? -2.204  -0.895  -4.772  1.00 0.00 ? 4  VAL A HA   1 
ATOM   60   H  HB   . VAL A 1 4  ? -3.285  -0.874  -1.925  1.00 0.00 ? 4  VAL A HB   1 
ATOM   61   H  HG11 . VAL A 1 4  ? -0.428  -0.688  -2.963  1.00 0.00 ? 4  VAL A HG11 1 
ATOM   62   H  HG12 . VAL A 1 4  ? -0.973  -0.693  -1.230  1.00 0.00 ? 4  VAL A HG12 1 
ATOM   63   H  HG13 . VAL A 1 4  ? -1.227  -2.148  -2.263  1.00 0.00 ? 4  VAL A HG13 1 
ATOM   64   H  HG21 . VAL A 1 4  ? -2.134  1.491   -3.442  1.00 0.00 ? 4  VAL A HG21 1 
ATOM   65   H  HG22 . VAL A 1 4  ? -3.798  1.277   -2.794  1.00 0.00 ? 4  VAL A HG22 1 
ATOM   66   H  HG23 . VAL A 1 4  ? -2.417  1.399   -1.648  1.00 0.00 ? 4  VAL A HG23 1 
ATOM   67   N  N    . CYS A 1 5  ? -4.090  -2.963  -3.074  1.00 0.00 ? 5  CYS A N    1 
ATOM   68   C  CA   . CYS A 1 5  ? -4.336  -4.363  -2.834  1.00 0.00 ? 5  CYS A CA   1 
ATOM   69   C  C    . CYS A 1 5  ? -5.681  -4.718  -3.391  1.00 0.00 ? 5  CYS A C    1 
ATOM   70   O  O    . CYS A 1 5  ? -6.283  -5.704  -2.977  1.00 0.00 ? 5  CYS A O    1 
ATOM   71   C  CB   . CYS A 1 5  ? -4.137  -4.821  -1.356  1.00 0.00 ? 5  CYS A CB   1 
ATOM   72   S  SG   . CYS A 1 5  ? -5.289  -4.181  -0.075  1.00 0.00 ? 5  CYS A SG   1 
ATOM   73   H  H    . CYS A 1 5  ? -4.634  -2.293  -2.578  1.00 0.00 ? 5  CYS A H    1 
ATOM   74   H  HA   . CYS A 1 5  ? -3.621  -4.954  -3.392  1.00 0.00 ? 5  CYS A HA   1 
ATOM   75   H  HB2  . CYS A 1 5  ? -4.123  -5.931  -1.334  1.00 0.00 ? 5  CYS A HB2  1 
ATOM   76   H  HB3  . CYS A 1 5  ? -3.105  -4.518  -1.068  1.00 0.00 ? 5  CYS A HB3  1 
ATOM   77   N  N    . SER A 1 6  ? -6.140  -3.919  -4.394  1.00 0.00 ? 6  SER A N    1 
ATOM   78   C  CA   . SER A 1 6  ? -7.268  -4.176  -5.296  1.00 0.00 ? 6  SER A CA   1 
ATOM   79   C  C    . SER A 1 6  ? -8.485  -4.825  -4.682  1.00 0.00 ? 6  SER A C    1 
ATOM   80   O  O    . SER A 1 6  ? -8.962  -5.878  -5.103  1.00 0.00 ? 6  SER A O    1 
ATOM   81   C  CB   . SER A 1 6  ? -6.811  -4.886  -6.587  1.00 0.00 ? 6  SER A CB   1 
ATOM   82   O  OG   . SER A 1 6  ? -5.496  -4.501  -6.971  1.00 0.00 ? 6  SER A OG   1 
ATOM   83   H  H    . SER A 1 6  ? -5.603  -3.100  -4.598  1.00 0.00 ? 6  SER A H    1 
ATOM   84   H  HA   . SER A 1 6  ? -7.590  -3.211  -5.629  1.00 0.00 ? 6  SER A HA   1 
ATOM   85   H  HB2  . SER A 1 6  ? -6.725  -5.965  -6.368  1.00 0.00 ? 6  SER A HB2  1 
ATOM   86   H  HB3  . SER A 1 6  ? -7.523  -4.729  -7.424  1.00 0.00 ? 6  SER A HB3  1 
ATOM   87   H  HG   . SER A 1 6  ? -5.542  -3.561  -7.159  1.00 0.00 ? 6  SER A HG   1 
ATOM   88   N  N    . ASP A 1 7  ? -8.964  -4.154  -3.621  1.00 0.00 ? 7  ASP A N    1 
ATOM   89   C  CA   . ASP A 1 7  ? -10.023 -4.583  -2.744  1.00 0.00 ? 7  ASP A CA   1 
ATOM   90   C  C    . ASP A 1 7  ? -11.020 -3.464  -2.794  1.00 0.00 ? 7  ASP A C    1 
ATOM   91   O  O    . ASP A 1 7  ? -10.727 -2.410  -3.340  1.00 0.00 ? 7  ASP A O    1 
ATOM   92   C  CB   . ASP A 1 7  ? -9.382  -4.730  -1.330  1.00 0.00 ? 7  ASP A CB   1 
ATOM   93   C  CG   . ASP A 1 7  ? -10.298 -5.216  -0.193  1.00 0.00 ? 7  ASP A CG   1 
ATOM   94   O  OD1  . ASP A 1 7  ? -10.877 -6.326  -0.315  1.00 0.00 ? 7  ASP A OD1  1 
ATOM   95   O  OD2  . ASP A 1 7  ? -10.431 -4.464  0.810   1.00 0.00 ? 7  ASP A OD2  1 
ATOM   96   H  H    . ASP A 1 7  ? -8.510  -3.299  -3.364  1.00 0.00 ? 7  ASP A H    1 
ATOM   97   H  HA   . ASP A 1 7  ? -10.478 -5.501  -3.093  1.00 0.00 ? 7  ASP A HA   1 
ATOM   98   H  HB2  . ASP A 1 7  ? -8.532  -5.434  -1.440  1.00 0.00 ? 7  ASP A HB2  1 
ATOM   99   H  HB3  . ASP A 1 7  ? -8.927  -3.759  -1.034  1.00 0.00 ? 7  ASP A HB3  1 
ATOM   100  N  N    . GLU A 1 8  ? -12.217 -3.642  -2.176  1.00 0.00 ? 8  GLU A N    1 
ATOM   101  C  CA   . GLU A 1 8  ? -13.258 -2.638  -2.068  1.00 0.00 ? 8  GLU A CA   1 
ATOM   102  C  C    . GLU A 1 8  ? -12.782 -1.542  -1.136  1.00 0.00 ? 8  GLU A C    1 
ATOM   103  O  O    . GLU A 1 8  ? -12.589 -1.794  0.053   1.00 0.00 ? 8  GLU A O    1 
ATOM   104  C  CB   . GLU A 1 8  ? -14.650 -3.188  -1.654  1.00 0.00 ? 8  GLU A CB   1 
ATOM   105  C  CG   . GLU A 1 8  ? -14.806 -4.722  -1.812  1.00 0.00 ? 8  GLU A CG   1 
ATOM   106  C  CD   . GLU A 1 8  ? -16.208 -5.242  -1.450  1.00 0.00 ? 8  GLU A CD   1 
ATOM   107  O  OE1  . GLU A 1 8  ? -17.083 -4.442  -1.023  1.00 0.00 ? 8  GLU A OE1  1 
ATOM   108  O  OE2  . GLU A 1 8  ? -16.412 -6.477  -1.602  1.00 0.00 ? 8  GLU A OE2  1 
ATOM   109  H  H    . GLU A 1 8  ? -12.471 -4.534  -1.818  1.00 0.00 ? 8  GLU A H    1 
ATOM   110  H  HA   . GLU A 1 8  ? -13.373 -2.225  -3.055  1.00 0.00 ? 8  GLU A HA   1 
ATOM   111  H  HB2  . GLU A 1 8  ? -14.869 -2.942  -0.590  1.00 0.00 ? 8  GLU A HB2  1 
ATOM   112  H  HB3  . GLU A 1 8  ? -15.423 -2.669  -2.264  1.00 0.00 ? 8  GLU A HB3  1 
ATOM   113  H  HG2  . GLU A 1 8  ? -14.595 -5.002  -2.868  1.00 0.00 ? 8  GLU A HG2  1 
ATOM   114  H  HG3  . GLU A 1 8  ? -14.069 -5.242  -1.164  1.00 0.00 ? 8  GLU A HG3  1 
ATOM   115  N  N    . ALA A 1 9  ? -12.561 -0.306  -1.665  1.00 0.00 ? 9  ALA A N    1 
ATOM   116  C  CA   . ALA A 1 9  ? -12.054 0.809   -0.885  1.00 0.00 ? 9  ALA A CA   1 
ATOM   117  C  C    . ALA A 1 9  ? -13.171 1.446   -0.115  1.00 0.00 ? 9  ALA A C    1 
ATOM   118  O  O    . ALA A 1 9  ? -14.306 1.536   -0.584  1.00 0.00 ? 9  ALA A O    1 
ATOM   119  C  CB   . ALA A 1 9  ? -11.325 1.900   -1.694  1.00 0.00 ? 9  ALA A CB   1 
ATOM   120  H  H    . ALA A 1 9  ? -12.720 -0.117  -2.631  1.00 0.00 ? 9  ALA A H    1 
ATOM   121  H  HA   . ALA A 1 9  ? -11.349 0.409   -0.178  1.00 0.00 ? 9  ALA A HA   1 
ATOM   122  H  HB1  . ALA A 1 9  ? -11.303 2.876   -1.166  1.00 0.00 ? 9  ALA A HB1  1 
ATOM   123  H  HB2  . ALA A 1 9  ? -10.257 1.616   -1.861  1.00 0.00 ? 9  ALA A HB2  1 
ATOM   124  H  HB3  . ALA A 1 9  ? -11.828 2.069   -2.666  1.00 0.00 ? 9  ALA A HB3  1 
ATOM   125  N  N    . SER A 1 10 ? -12.826 1.903   1.113   1.00 0.00 ? 10 SER A N    1 
ATOM   126  C  CA   . SER A 1 10 ? -13.725 2.518   2.061   1.00 0.00 ? 10 SER A CA   1 
ATOM   127  C  C    . SER A 1 10 ? -13.863 3.994   1.753   1.00 0.00 ? 10 SER A C    1 
ATOM   128  O  O    . SER A 1 10 ? -14.933 4.580   1.916   1.00 0.00 ? 10 SER A O    1 
ATOM   129  C  CB   . SER A 1 10 ? -13.275 2.283   3.528   1.00 0.00 ? 10 SER A CB   1 
ATOM   130  O  OG   . SER A 1 10 ? -11.980 2.803   3.816   1.00 0.00 ? 10 SER A OG   1 
ATOM   131  H  H    . SER A 1 10 ? -11.889 1.804   1.440   1.00 0.00 ? 10 SER A H    1 
ATOM   132  H  HA   . SER A 1 10 ? -14.693 2.054   1.945   1.00 0.00 ? 10 SER A HA   1 
ATOM   133  H  HB2  . SER A 1 10 ? -14.006 2.724   4.238   1.00 0.00 ? 10 SER A HB2  1 
ATOM   134  H  HB3  . SER A 1 10 ? -13.240 1.187   3.716   1.00 0.00 ? 10 SER A HB3  1 
ATOM   135  H  HG   . SER A 1 10 ? -11.863 2.700   4.764   1.00 0.00 ? 10 SER A HG   1 
ATOM   136  N  N    . GLY A 1 11 ? -12.746 4.603   1.294   1.00 0.00 ? 11 GLY A N    1 
ATOM   137  C  CA   . GLY A 1 11 ? -12.672 5.993   0.944   1.00 0.00 ? 11 GLY A CA   1 
ATOM   138  C  C    . GLY A 1 11 ? -11.220 6.282   0.745   1.00 0.00 ? 11 GLY A C    1 
ATOM   139  O  O    . GLY A 1 11 ? -10.359 5.529   1.201   1.00 0.00 ? 11 GLY A O    1 
ATOM   140  H  H    . GLY A 1 11 ? -11.901 4.090   1.176   1.00 0.00 ? 11 GLY A H    1 
ATOM   141  H  HA2  . GLY A 1 11 ? -13.194 6.134   0.009   1.00 0.00 ? 11 GLY A HA2  1 
ATOM   142  H  HA3  . GLY A 1 11 ? -13.040 6.589   1.769   1.00 0.00 ? 11 GLY A HA3  1 
ATOM   143  N  N    . CYS A 1 12 ? -10.913 7.414   0.059   1.00 0.00 ? 12 CYS A N    1 
ATOM   144  C  CA   . CYS A 1 12 ? -9.564  7.849   -0.267  1.00 0.00 ? 12 CYS A CA   1 
ATOM   145  C  C    . CYS A 1 12 ? -8.945  8.534   0.927   1.00 0.00 ? 12 CYS A C    1 
ATOM   146  O  O    . CYS A 1 12 ? -9.655  9.142   1.728   1.00 0.00 ? 12 CYS A O    1 
ATOM   147  C  CB   . CYS A 1 12 ? -9.519  8.768   -1.525  1.00 0.00 ? 12 CYS A CB   1 
ATOM   148  S  SG   . CYS A 1 12 ? -10.619 10.233  -1.465  1.00 0.00 ? 12 CYS A SG   1 
ATOM   149  H  H    . CYS A 1 12 ? -11.637 8.004   -0.290  1.00 0.00 ? 12 CYS A H    1 
ATOM   150  H  HA   . CYS A 1 12 ? -8.972  6.970   -0.477  1.00 0.00 ? 12 CYS A HA   1 
ATOM   151  H  HB2  . CYS A 1 12 ? -8.472  9.085   -1.715  1.00 0.00 ? 12 CYS A HB2  1 
ATOM   152  H  HB3  . CYS A 1 12 ? -9.821  8.156   -2.400  1.00 0.00 ? 12 CYS A HB3  1 
ATOM   153  H  HG   . CYS A 1 12 ? -10.018 10.808  -0.425  1.00 0.00 ? 12 CYS A HG   1 
ATOM   154  N  N    . HIS A 1 13 ? -7.599  8.436   1.071   1.00 0.00 ? 13 HIS A N    1 
ATOM   155  C  CA   . HIS A 1 13 ? -6.917  9.047   2.187   1.00 0.00 ? 13 HIS A CA   1 
ATOM   156  C  C    . HIS A 1 13 ? -5.512  9.185   1.729   1.00 0.00 ? 13 HIS A C    1 
ATOM   157  O  O    . HIS A 1 13 ? -4.963  8.278   1.108   1.00 0.00 ? 13 HIS A O    1 
ATOM   158  C  CB   . HIS A 1 13 ? -6.943  8.241   3.511   1.00 0.00 ? 13 HIS A CB   1 
ATOM   159  C  CG   . HIS A 1 13 ? -7.707  8.946   4.599   1.00 0.00 ? 13 HIS A CG   1 
ATOM   160  N  ND1  . HIS A 1 13 ? -9.075  8.774   4.736   1.00 0.00 ? 13 HIS A ND1  1 
ATOM   161  C  CD2  . HIS A 1 13 ? -7.250  9.848   5.510   1.00 0.00 ? 13 HIS A CD2  1 
ATOM   162  C  CE1  . HIS A 1 13 ? -9.415  9.575   5.728   1.00 0.00 ? 13 HIS A CE1  1 
ATOM   163  N  NE2  . HIS A 1 13 ? -8.351  10.249  6.232   1.00 0.00 ? 13 HIS A NE2  1 
ATOM   164  H  H    . HIS A 1 13 ? -7.004  7.959   0.415   1.00 0.00 ? 13 HIS A H    1 
ATOM   165  H  HA   . HIS A 1 13 ? -7.310  10.046  2.342   1.00 0.00 ? 13 HIS A HA   1 
ATOM   166  H  HB2  . HIS A 1 13 ? -7.369  7.231   3.332   1.00 0.00 ? 13 HIS A HB2  1 
ATOM   167  H  HB3  . HIS A 1 13 ? -5.921  8.085   3.923   1.00 0.00 ? 13 HIS A HB3  1 
ATOM   168  H  HD2  . HIS A 1 13 ? -6.251  10.225  5.679   1.00 0.00 ? 13 HIS A HD2  1 
ATOM   169  H  HE1  . HIS A 1 13 ? -10.426 9.702   6.109   1.00 0.00 ? 13 HIS A HE1  1 
ATOM   170  H  HE2  . HIS A 1 13 ? -8.354  10.921  6.975   1.00 0.00 ? 13 HIS A HE2  1 
ATOM   171  N  N    . TYR A 1 14 ? -4.900  10.360  2.048   1.00 0.00 ? 14 TYR A N    1 
ATOM   172  C  CA   . TYR A 1 14 ? -3.546  10.733  1.715   1.00 0.00 ? 14 TYR A CA   1 
ATOM   173  C  C    . TYR A 1 14 ? -3.652  11.228  0.301   1.00 0.00 ? 14 TYR A C    1 
ATOM   174  O  O    . TYR A 1 14 ? -4.355  12.211  0.065   1.00 0.00 ? 14 TYR A O    1 
ATOM   175  C  CB   . TYR A 1 14 ? -2.443  9.696   2.121   1.00 0.00 ? 14 TYR A CB   1 
ATOM   176  C  CG   . TYR A 1 14 ? -2.560  9.387   3.617   1.00 0.00 ? 14 TYR A CG   1 
ATOM   177  C  CD1  . TYR A 1 14 ? -2.728  10.403  4.587   1.00 0.00 ? 14 TYR A CD1  1 
ATOM   178  C  CD2  . TYR A 1 14 ? -2.490  8.072   4.090   1.00 0.00 ? 14 TYR A CD2  1 
ATOM   179  C  CE1  . TYR A 1 14 ? -2.976  10.115  5.933   1.00 0.00 ? 14 TYR A CE1  1 
ATOM   180  C  CE2  . TYR A 1 14 ? -2.703  7.777   5.440   1.00 0.00 ? 14 TYR A CE2  1 
ATOM   181  C  CZ   . TYR A 1 14 ? -2.983  8.787   6.360   1.00 0.00 ? 14 TYR A CZ   1 
ATOM   182  O  OH   . TYR A 1 14 ? -3.239  8.468   7.711   1.00 0.00 ? 14 TYR A OH   1 
ATOM   183  H  H    . TYR A 1 14 ? -5.384  11.076  2.542   1.00 0.00 ? 14 TYR A H    1 
ATOM   184  H  HA   . TYR A 1 14 ? -3.351  11.626  2.281   1.00 0.00 ? 14 TYR A HA   1 
ATOM   185  H  HB2  . TYR A 1 14 ? -2.481  8.793   1.482   1.00 0.00 ? 14 TYR A HB2  1 
ATOM   186  H  HB3  . TYR A 1 14 ? -1.418  10.036  1.990   1.00 0.00 ? 14 TYR A HB3  1 
ATOM   187  H  HD1  . TYR A 1 14 ? -2.677  11.432  4.308   1.00 0.00 ? 14 TYR A HD1  1 
ATOM   188  H  HD2  . TYR A 1 14 ? -2.247  7.275   3.416   1.00 0.00 ? 14 TYR A HD2  1 
ATOM   189  H  HE1  . TYR A 1 14 ? -3.147  10.919  6.635   1.00 0.00 ? 14 TYR A HE1  1 
ATOM   190  H  HE2  . TYR A 1 14 ? -2.667  6.763   5.770   1.00 0.00 ? 14 TYR A HE2  1 
ATOM   191  H  HH   . TYR A 1 14 ? -3.186  7.514   7.804   1.00 0.00 ? 14 TYR A HH   1 
ATOM   192  N  N    . GLY A 1 15 ? -3.023  10.546  -0.672  1.00 0.00 ? 15 GLY A N    1 
ATOM   193  C  CA   . GLY A 1 15 ? -3.068  10.947  -2.058  1.00 0.00 ? 15 GLY A CA   1 
ATOM   194  C  C    . GLY A 1 15 ? -3.990  10.141  -2.937  1.00 0.00 ? 15 GLY A C    1 
ATOM   195  O  O    . GLY A 1 15 ? -4.312  10.614  -4.026  1.00 0.00 ? 15 GLY A O    1 
ATOM   196  H  H    . GLY A 1 15 ? -2.441  9.777   -0.438  1.00 0.00 ? 15 GLY A H    1 
ATOM   197  H  HA2  . GLY A 1 15 ? -3.360  11.985  -2.146  1.00 0.00 ? 15 GLY A HA2  1 
ATOM   198  H  HA3  . GLY A 1 15 ? -2.066  10.787  -2.428  1.00 0.00 ? 15 GLY A HA3  1 
ATOM   199  N  N    . VAL A 1 16 ? -4.448  8.920   -2.522  1.00 0.00 ? 16 VAL A N    1 
ATOM   200  C  CA   . VAL A 1 16 ? -5.114  8.013   -3.452  1.00 0.00 ? 16 VAL A CA   1 
ATOM   201  C  C    . VAL A 1 16 ? -6.247  7.304   -2.771  1.00 0.00 ? 16 VAL A C    1 
ATOM   202  O  O    . VAL A 1 16 ? -6.291  7.184   -1.548  1.00 0.00 ? 16 VAL A O    1 
ATOM   203  C  CB   . VAL A 1 16 ? -4.125  6.938   -4.015  1.00 0.00 ? 16 VAL A CB   1 
ATOM   204  C  CG1  . VAL A 1 16 ? -4.613  6.103   -5.205  1.00 0.00 ? 16 VAL A CG1  1 
ATOM   205  C  CG2  . VAL A 1 16 ? -2.773  7.527   -4.417  1.00 0.00 ? 16 VAL A CG2  1 
ATOM   206  H  H    . VAL A 1 16 ? -4.183  8.504   -1.653  1.00 0.00 ? 16 VAL A H    1 
ATOM   207  H  HA   . VAL A 1 16 ? -5.538  8.570   -4.278  1.00 0.00 ? 16 VAL A HA   1 
ATOM   208  H  HB   . VAL A 1 16 ? -3.936  6.213   -3.194  1.00 0.00 ? 16 VAL A HB   1 
ATOM   209  H  HG11 . VAL A 1 16 ? -5.027  6.760   -5.996  1.00 0.00 ? 16 VAL A HG11 1 
ATOM   210  H  HG12 . VAL A 1 16 ? -3.744  5.550   -5.619  1.00 0.00 ? 16 VAL A HG12 1 
ATOM   211  H  HG13 . VAL A 1 16 ? -5.359  5.356   -4.882  1.00 0.00 ? 16 VAL A HG13 1 
ATOM   212  H  HG21 . VAL A 1 16 ? -2.877  8.222   -5.277  1.00 0.00 ? 16 VAL A HG21 1 
ATOM   213  H  HG22 . VAL A 1 16 ? -2.327  8.070   -3.572  1.00 0.00 ? 16 VAL A HG22 1 
ATOM   214  H  HG23 . VAL A 1 16 ? -2.070  6.712   -4.696  1.00 0.00 ? 16 VAL A HG23 1 
ATOM   215  N  N    . LEU A 1 17 ? -7.122  6.713   -3.628  1.00 0.00 ? 17 LEU A N    1 
ATOM   216  C  CA   . LEU A 1 17 ? -8.264  5.876   -3.324  1.00 0.00 ? 17 LEU A CA   1 
ATOM   217  C  C    . LEU A 1 17 ? -7.711  4.536   -2.897  1.00 0.00 ? 17 LEU A C    1 
ATOM   218  O  O    . LEU A 1 17 ? -7.242  3.757   -3.723  1.00 0.00 ? 17 LEU A O    1 
ATOM   219  C  CB   . LEU A 1 17 ? -9.246  5.749   -4.512  1.00 0.00 ? 17 LEU A CB   1 
ATOM   220  C  CG   . LEU A 1 17 ? -10.597 5.047   -4.214  1.00 0.00 ? 17 LEU A CG   1 
ATOM   221  C  CD1  . LEU A 1 17 ? -11.392 5.726   -3.085  1.00 0.00 ? 17 LEU A CD1  1 
ATOM   222  C  CD2  . LEU A 1 17 ? -11.442 4.921   -5.495  1.00 0.00 ? 17 LEU A CD2  1 
ATOM   223  H  H    . LEU A 1 17 ? -7.028  6.952   -4.590  1.00 0.00 ? 17 LEU A H    1 
ATOM   224  H  HA   . LEU A 1 17 ? -8.775  6.317   -2.487  1.00 0.00 ? 17 LEU A HA   1 
ATOM   225  H  HB2  . LEU A 1 17 ? -9.470  6.779   -4.872  1.00 0.00 ? 17 LEU A HB2  1 
ATOM   226  H  HB3  . LEU A 1 17 ? -8.744  5.228   -5.356  1.00 0.00 ? 17 LEU A HB3  1 
ATOM   227  H  HG   . LEU A 1 17 ? -10.372 4.013   -3.868  1.00 0.00 ? 17 LEU A HG   1 
ATOM   228  H  HD11 . LEU A 1 17 ? -12.367 5.215   -2.934  1.00 0.00 ? 17 LEU A HD11 1 
ATOM   229  H  HD12 . LEU A 1 17 ? -10.830 5.672   -2.130  1.00 0.00 ? 17 LEU A HD12 1 
ATOM   230  H  HD13 . LEU A 1 17 ? -11.587 6.793   -3.327  1.00 0.00 ? 17 LEU A HD13 1 
ATOM   231  H  HD21 . LEU A 1 17 ? -12.405 4.413   -5.278  1.00 0.00 ? 17 LEU A HD21 1 
ATOM   232  H  HD22 . LEU A 1 17 ? -11.664 5.923   -5.917  1.00 0.00 ? 17 LEU A HD22 1 
ATOM   233  H  HD23 . LEU A 1 17 ? -10.898 4.328   -6.263  1.00 0.00 ? 17 LEU A HD23 1 
ATOM   234  N  N    . THR A 1 18 ? -7.744  4.276   -1.575  1.00 0.00 ? 18 THR A N    1 
ATOM   235  C  CA   . THR A 1 18 ? -7.176  3.105   -0.951  1.00 0.00 ? 18 THR A CA   1 
ATOM   236  C  C    . THR A 1 18 ? -8.239  2.538   -0.083  1.00 0.00 ? 18 THR A C    1 
ATOM   237  O  O    . THR A 1 18 ? -9.297  3.138   0.093   1.00 0.00 ? 18 THR A O    1 
ATOM   238  C  CB   . THR A 1 18 ? -5.966  3.480   -0.024  1.00 0.00 ? 18 THR A CB   1 
ATOM   239  O  OG1  . THR A 1 18 ? -6.119  4.776   0.553   1.00 0.00 ? 18 THR A OG1  1 
ATOM   240  C  CG2  . THR A 1 18 ? -4.621  3.410   -0.743  1.00 0.00 ? 18 THR A CG2  1 
ATOM   241  H  H    . THR A 1 18 ? -8.139  4.933   -0.938  1.00 0.00 ? 18 THR A H    1 
ATOM   242  H  HA   . THR A 1 18 ? -6.965  2.340   -1.705  1.00 0.00 ? 18 THR A HA   1 
ATOM   243  H  HB   . THR A 1 18 ? -5.876  2.780   0.836   1.00 0.00 ? 18 THR A HB   1 
ATOM   244  H  HG1  . THR A 1 18 ? -5.332  4.927   1.079   1.00 0.00 ? 18 THR A HG1  1 
ATOM   245  H  HG21 . THR A 1 18 ? -3.799  3.695   -0.048  1.00 0.00 ? 18 THR A HG21 1 
ATOM   246  H  HG22 . THR A 1 18 ? -4.467  2.359   -1.063  1.00 0.00 ? 18 THR A HG22 1 
ATOM   247  H  HG23 . THR A 1 18 ? -4.606  4.084   -1.625  1.00 0.00 ? 18 THR A HG23 1 
ATOM   248  N  N    . CYS A 1 19 ? -7.945  1.357   0.522   1.00 0.00 ? 19 CYS A N    1 
ATOM   249  C  CA   . CYS A 1 19 ? -8.869  0.671   1.408   1.00 0.00 ? 19 CYS A CA   1 
ATOM   250  C  C    . CYS A 1 19 ? -8.801  1.315   2.789   1.00 0.00 ? 19 CYS A C    1 
ATOM   251  O  O    . CYS A 1 19 ? -8.360  2.454   2.941   1.00 0.00 ? 19 CYS A O    1 
ATOM   252  C  CB   . CYS A 1 19 ? -8.775  -0.890  1.454   1.00 0.00 ? 19 CYS A CB   1 
ATOM   253  S  SG   . CYS A 1 19 ? -7.207  -1.661  1.999   1.00 0.00 ? 19 CYS A SG   1 
ATOM   254  H  H    . CYS A 1 19 ? -7.055  0.927   0.342   1.00 0.00 ? 19 CYS A H    1 
ATOM   255  H  HA   . CYS A 1 19 ? -9.849  0.834   0.998   1.00 0.00 ? 19 CYS A HA   1 
ATOM   256  H  HB2  . CYS A 1 19 ? -9.606  -1.262  2.075   1.00 0.00 ? 19 CYS A HB2  1 
ATOM   257  H  HB3  . CYS A 1 19 ? -9.040  -1.295  0.466   1.00 0.00 ? 19 CYS A HB3  1 
ATOM   258  N  N    . GLY A 1 20 ? -9.234  0.578   3.839   1.00 0.00 ? 20 GLY A N    1 
ATOM   259  C  CA   . GLY A 1 20 ? -9.214  1.032   5.213   1.00 0.00 ? 20 GLY A CA   1 
ATOM   260  C  C    . GLY A 1 20 ? -7.844  0.801   5.786   1.00 0.00 ? 20 GLY A C    1 
ATOM   261  O  O    . GLY A 1 20 ? -7.285  1.668   6.452   1.00 0.00 ? 20 GLY A O    1 
ATOM   262  H  H    . GLY A 1 20 ? -9.582  -0.345  3.685   1.00 0.00 ? 20 GLY A H    1 
ATOM   263  H  HA2  . GLY A 1 20 ? -9.449  2.087   5.256   1.00 0.00 ? 20 GLY A HA2  1 
ATOM   264  H  HA3  . GLY A 1 20 ? -9.917  0.417   5.755   1.00 0.00 ? 20 GLY A HA3  1 
ATOM   265  N  N    . SER A 1 21 ? -7.264  -0.384  5.469   1.00 0.00 ? 21 SER A N    1 
ATOM   266  C  CA   . SER A 1 21 ? -5.982  -0.860  5.955   1.00 0.00 ? 21 SER A CA   1 
ATOM   267  C  C    . SER A 1 21 ? -4.791  -0.172  5.331   1.00 0.00 ? 21 SER A C    1 
ATOM   268  O  O    . SER A 1 21 ? -3.808  0.049   6.031   1.00 0.00 ? 21 SER A O    1 
ATOM   269  C  CB   . SER A 1 21 ? -5.811  -2.382  5.762   1.00 0.00 ? 21 SER A CB   1 
ATOM   270  O  OG   . SER A 1 21 ? -6.890  -3.086  6.366   1.00 0.00 ? 21 SER A OG   1 
ATOM   271  H  H    . SER A 1 21 ? -7.806  -1.061  4.971   1.00 0.00 ? 21 SER A H    1 
ATOM   272  H  HA   . SER A 1 21 ? -5.932  -0.634  7.023   1.00 0.00 ? 21 SER A HA   1 
ATOM   273  H  HB2  . SER A 1 21 ? -5.792  -2.644  4.684   1.00 0.00 ? 21 SER A HB2  1 
ATOM   274  H  HB3  . SER A 1 21 ? -4.865  -2.739  6.224   1.00 0.00 ? 21 SER A HB3  1 
ATOM   275  H  HG   . SER A 1 21 ? -6.788  -4.003  6.102   1.00 0.00 ? 21 SER A HG   1 
ATOM   276  N  N    . CYS A 1 22 ? -4.849  0.198   4.010   1.00 0.00 ? 22 CYS A N    1 
ATOM   277  C  CA   . CYS A 1 22 ? -3.745  0.775   3.237   1.00 0.00 ? 22 CYS A CA   1 
ATOM   278  C  C    . CYS A 1 22 ? -3.392  2.164   3.681   1.00 0.00 ? 22 CYS A C    1 
ATOM   279  O  O    . CYS A 1 22 ? -2.268  2.619   3.490   1.00 0.00 ? 22 CYS A O    1 
ATOM   280  C  CB   . CYS A 1 22 ? -3.864  0.688   1.703   1.00 0.00 ? 22 CYS A CB   1 
ATOM   281  S  SG   . CYS A 1 22 ? -3.574  -1.027  1.150   1.00 0.00 ? 22 CYS A SG   1 
ATOM   282  H  H    . CYS A 1 22 ? -5.650  -0.013  3.462   1.00 0.00 ? 22 CYS A H    1 
ATOM   283  H  HA   . CYS A 1 22 ? -2.886  0.186   3.482   1.00 0.00 ? 22 CYS A HA   1 
ATOM   284  H  HB2  . CYS A 1 22 ? -4.872  1.026   1.387   1.00 0.00 ? 22 CYS A HB2  1 
ATOM   285  H  HB3  . CYS A 1 22 ? -3.115  1.342   1.206   1.00 0.00 ? 22 CYS A HB3  1 
ATOM   286  N  N    . LYS A 1 23 ? -4.354  2.818   4.371   1.00 0.00 ? 23 LYS A N    1 
ATOM   287  C  CA   . LYS A 1 23 ? -4.256  4.100   5.020   1.00 0.00 ? 23 LYS A CA   1 
ATOM   288  C  C    . LYS A 1 23 ? -3.244  3.995   6.151   1.00 0.00 ? 23 LYS A C    1 
ATOM   289  O  O    . LYS A 1 23 ? -2.162  4.574   6.117   1.00 0.00 ? 23 LYS A O    1 
ATOM   290  C  CB   . LYS A 1 23 ? -5.640  4.553   5.558   1.00 0.00 ? 23 LYS A CB   1 
ATOM   291  C  CG   . LYS A 1 23 ? -5.708  5.937   6.241   1.00 0.00 ? 23 LYS A CG   1 
ATOM   292  C  CD   . LYS A 1 23 ? -6.625  5.948   7.481   1.00 0.00 ? 23 LYS A CD   1 
ATOM   293  C  CE   . LYS A 1 23 ? -6.632  7.295   8.223   1.00 0.00 ? 23 LYS A CE   1 
ATOM   294  N  NZ   . LYS A 1 23 ? -7.546  7.263   9.364   1.00 0.00 ? 23 LYS A NZ   1 
ATOM   295  H  H    . LYS A 1 23 ? -5.256  2.408   4.403   1.00 0.00 ? 23 LYS A H    1 
ATOM   296  H  HA   . LYS A 1 23 ? -3.899  4.788   4.286   1.00 0.00 ? 23 LYS A HA   1 
ATOM   297  H  HB2  . LYS A 1 23 ? -6.365  4.548   4.714   1.00 0.00 ? 23 LYS A HB2  1 
ATOM   298  H  HB3  . LYS A 1 23 ? -6.009  3.784   6.271   1.00 0.00 ? 23 LYS A HB3  1 
ATOM   299  H  HG2  . LYS A 1 23 ? -4.696  6.262   6.556   1.00 0.00 ? 23 LYS A HG2  1 
ATOM   300  H  HG3  . LYS A 1 23 ? -6.068  6.688   5.510   1.00 0.00 ? 23 LYS A HG3  1 
ATOM   301  H  HD2  . LYS A 1 23 ? -7.661  5.685   7.170   1.00 0.00 ? 23 LYS A HD2  1 
ATOM   302  H  HD3  . LYS A 1 23 ? -6.279  5.156   8.186   1.00 0.00 ? 23 LYS A HD3  1 
ATOM   303  H  HE2  . LYS A 1 23 ? -5.619  7.529   8.612   1.00 0.00 ? 23 LYS A HE2  1 
ATOM   304  H  HE3  . LYS A 1 23 ? -6.958  8.115   7.551   1.00 0.00 ? 23 LYS A HE3  1 
ATOM   305  H  HZ1  . LYS A 1 23 ? -7.439  8.136   9.918   1.00 0.00 ? 23 LYS A HZ1  1 
ATOM   306  H  HZ2  . LYS A 1 23 ? -8.525  7.185   9.019   1.00 0.00 ? 23 LYS A HZ2  1 
ATOM   307  H  HZ3  . LYS A 1 23 ? -7.321  6.441   9.961   1.00 0.00 ? 23 LYS A HZ3  1 
ATOM   308  N  N    . VAL A 1 24 ? -3.602  3.173   7.160   1.00 0.00 ? 24 VAL A N    1 
ATOM   309  C  CA   . VAL A 1 24 ? -2.899  2.903   8.404   1.00 0.00 ? 24 VAL A CA   1 
ATOM   310  C  C    . VAL A 1 24 ? -1.531  2.309   8.198   1.00 0.00 ? 24 VAL A C    1 
ATOM   311  O  O    . VAL A 1 24 ? -0.579  2.643   8.902   1.00 0.00 ? 24 VAL A O    1 
ATOM   312  C  CB   . VAL A 1 24 ? -3.743  1.955   9.314   1.00 0.00 ? 24 VAL A CB   1 
ATOM   313  C  CG1  . VAL A 1 24 ? -3.159  1.742   10.725  1.00 0.00 ? 24 VAL A CG1  1 
ATOM   314  C  CG2  . VAL A 1 24 ? -5.224  2.380   9.400   1.00 0.00 ? 24 VAL A CG2  1 
ATOM   315  H  H    . VAL A 1 24 ? -4.496  2.748   7.080   1.00 0.00 ? 24 VAL A H    1 
ATOM   316  H  HA   . VAL A 1 24 ? -2.729  3.868   8.848   1.00 0.00 ? 24 VAL A HA   1 
ATOM   317  H  HB   . VAL A 1 24 ? -3.755  0.949   8.827   1.00 0.00 ? 24 VAL A HB   1 
ATOM   318  H  HG11 . VAL A 1 24 ? -3.153  2.696   11.294  1.00 0.00 ? 24 VAL A HG11 1 
ATOM   319  H  HG12 . VAL A 1 24 ? -3.780  0.994   11.264  1.00 0.00 ? 24 VAL A HG12 1 
ATOM   320  H  HG13 . VAL A 1 24 ? -2.120  1.357   10.670  1.00 0.00 ? 24 VAL A HG13 1 
ATOM   321  H  HG21 . VAL A 1 24 ? -5.314  3.424   9.767   1.00 0.00 ? 24 VAL A HG21 1 
ATOM   322  H  HG22 . VAL A 1 24 ? -5.715  2.296   8.408   1.00 0.00 ? 24 VAL A HG22 1 
ATOM   323  H  HG23 . VAL A 1 24 ? -5.776  1.712   10.096  1.00 0.00 ? 24 VAL A HG23 1 
ATOM   324  N  N    . PHE A 1 25 ? -1.447  1.428   7.180   1.00 0.00 ? 25 PHE A N    1 
ATOM   325  C  CA   . PHE A 1 25 ? -0.297  0.720   6.663   1.00 0.00 ? 25 PHE A CA   1 
ATOM   326  C  C    . PHE A 1 25 ? 0.770   1.688   6.260   1.00 0.00 ? 25 PHE A C    1 
ATOM   327  O  O    . PHE A 1 25 ? 1.902   1.613   6.723   1.00 0.00 ? 25 PHE A O    1 
ATOM   328  C  CB   . PHE A 1 25 ? -0.741  -0.061  5.399   1.00 0.00 ? 25 PHE A CB   1 
ATOM   329  C  CG   . PHE A 1 25 ? 0.354   -0.740  4.607   1.00 0.00 ? 25 PHE A CG   1 
ATOM   330  C  CD1  . PHE A 1 25 ? 1.293   -1.615  5.182   1.00 0.00 ? 25 PHE A CD1  1 
ATOM   331  C  CD2  . PHE A 1 25 ? 0.492   -0.381  3.255   1.00 0.00 ? 25 PHE A CD2  1 
ATOM   332  C  CE1  . PHE A 1 25 ? 2.358   -2.109  4.416   1.00 0.00 ? 25 PHE A CE1  1 
ATOM   333  C  CE2  . PHE A 1 25 ? 1.559   -0.857  2.499   1.00 0.00 ? 25 PHE A CE2  1 
ATOM   334  C  CZ   . PHE A 1 25 ? 2.498   -1.717  3.078   1.00 0.00 ? 25 PHE A CZ   1 
ATOM   335  H  H    . PHE A 1 25 ? -2.290  1.228   6.693   1.00 0.00 ? 25 PHE A H    1 
ATOM   336  H  HA   . PHE A 1 25 ? 0.072   0.059   7.433   1.00 0.00 ? 25 PHE A HA   1 
ATOM   337  H  HB2  . PHE A 1 25 ? -1.472  -0.828  5.693   1.00 0.00 ? 25 PHE A HB2  1 
ATOM   338  H  HB3  . PHE A 1 25 ? -1.278  0.634   4.723   1.00 0.00 ? 25 PHE A HB3  1 
ATOM   339  H  HD1  . PHE A 1 25 ? 1.213   -1.886  6.225   1.00 0.00 ? 25 PHE A HD1  1 
ATOM   340  H  HD2  . PHE A 1 25 ? -0.209  0.306   2.800   1.00 0.00 ? 25 PHE A HD2  1 
ATOM   341  H  HE1  . PHE A 1 25 ? 3.077   -2.779  4.859   1.00 0.00 ? 25 PHE A HE1  1 
ATOM   342  H  HE2  . PHE A 1 25 ? 1.642   -0.549  1.470   1.00 0.00 ? 25 PHE A HE2  1 
ATOM   343  H  HZ   . PHE A 1 25 ? 3.324   -2.081  2.487   1.00 0.00 ? 25 PHE A HZ   1 
ATOM   344  N  N    . PHE A 1 26 ? 0.350   2.621   5.381   1.00 0.00 ? 26 PHE A N    1 
ATOM   345  C  CA   . PHE A 1 26 ? 1.132   3.639   4.736   1.00 0.00 ? 26 PHE A CA   1 
ATOM   346  C  C    . PHE A 1 26 ? 1.683   4.638   5.719   1.00 0.00 ? 26 PHE A C    1 
ATOM   347  O  O    . PHE A 1 26 ? 2.847   5.003   5.636   1.00 0.00 ? 26 PHE A O    1 
ATOM   348  C  CB   . PHE A 1 26 ? 0.326   4.295   3.593   1.00 0.00 ? 26 PHE A CB   1 
ATOM   349  C  CG   . PHE A 1 26 ? 1.093   5.335   2.818   1.00 0.00 ? 26 PHE A CG   1 
ATOM   350  C  CD1  . PHE A 1 26 ? 2.187   4.991   2.004   1.00 0.00 ? 26 PHE A CD1  1 
ATOM   351  C  CD2  . PHE A 1 26 ? 0.706   6.677   2.903   1.00 0.00 ? 26 PHE A CD2  1 
ATOM   352  C  CE1  . PHE A 1 26 ? 2.859   5.973   1.265   1.00 0.00 ? 26 PHE A CE1  1 
ATOM   353  C  CE2  . PHE A 1 26 ? 1.363   7.651   2.155   1.00 0.00 ? 26 PHE A CE2  1 
ATOM   354  C  CZ   . PHE A 1 26 ? 2.447   7.310   1.345   1.00 0.00 ? 26 PHE A CZ   1 
ATOM   355  H  H    . PHE A 1 26 ? -0.594  2.544   5.067   1.00 0.00 ? 26 PHE A H    1 
ATOM   356  H  HA   . PHE A 1 26 ? 1.968   3.132   4.304   1.00 0.00 ? 26 PHE A HA   1 
ATOM   357  H  HB2  . PHE A 1 26 ? 0.021   3.512   2.867   1.00 0.00 ? 26 PHE A HB2  1 
ATOM   358  H  HB3  . PHE A 1 26 ? -0.604  4.756   3.993   1.00 0.00 ? 26 PHE A HB3  1 
ATOM   359  H  HD1  . PHE A 1 26 ? 2.512   3.963   1.948   1.00 0.00 ? 26 PHE A HD1  1 
ATOM   360  H  HD2  . PHE A 1 26 ? -0.109  6.964   3.543   1.00 0.00 ? 26 PHE A HD2  1 
ATOM   361  H  HE1  . PHE A 1 26 ? 3.690   5.691   0.637   1.00 0.00 ? 26 PHE A HE1  1 
ATOM   362  H  HE2  . PHE A 1 26 ? 1.015   8.663   2.205   1.00 0.00 ? 26 PHE A HE2  1 
ATOM   363  H  HZ   . PHE A 1 26 ? 2.954   8.093   0.803   1.00 0.00 ? 26 PHE A HZ   1 
ATOM   364  N  N    . LYS A 1 27 ? 0.871   5.057   6.712   1.00 0.00 ? 27 LYS A N    1 
ATOM   365  C  CA   . LYS A 1 27 ? 1.251   6.047   7.722   1.00 0.00 ? 27 LYS A CA   1 
ATOM   366  C  C    . LYS A 1 27 ? 2.313   5.483   8.671   1.00 0.00 ? 27 LYS A C    1 
ATOM   367  O  O    . LYS A 1 27 ? 3.143   6.230   9.191   1.00 0.00 ? 27 LYS A O    1 
ATOM   368  C  CB   . LYS A 1 27 ? 0.057   6.768   8.409   1.00 0.00 ? 27 LYS A CB   1 
ATOM   369  C  CG   . LYS A 1 27 ? 0.446   7.812   9.486   1.00 0.00 ? 27 LYS A CG   1 
ATOM   370  C  CD   . LYS A 1 27 ? -0.737  8.594   10.088  1.00 0.00 ? 27 LYS A CD   1 
ATOM   371  C  CE   . LYS A 1 27 ? -1.723  7.724   10.885  1.00 0.00 ? 27 LYS A CE   1 
ATOM   372  N  NZ   . LYS A 1 27 ? -2.836  8.525   11.409  1.00 0.00 ? 27 LYS A NZ   1 
ATOM   373  H  H    . LYS A 1 27 ? -0.067  4.733   6.681   1.00 0.00 ? 27 LYS A H    1 
ATOM   374  H  HA   . LYS A 1 27 ? 1.752   6.833   7.177   1.00 0.00 ? 27 LYS A HA   1 
ATOM   375  H  HB2  . LYS A 1 27 ? -0.521  7.314   7.613   1.00 0.00 ? 27 LYS A HB2  1 
ATOM   376  H  HB3  . LYS A 1 27 ? -0.624  6.010   8.851   1.00 0.00 ? 27 LYS A HB3  1 
ATOM   377  H  HG2  . LYS A 1 27 ? 0.985   7.308   10.318  1.00 0.00 ? 27 LYS A HG2  1 
ATOM   378  H  HG3  . LYS A 1 27 ? 1.153   8.542   9.033   1.00 0.00 ? 27 LYS A HG3  1 
ATOM   379  H  HD2  . LYS A 1 27 ? -0.328  9.382   10.759  1.00 0.00 ? 27 LYS A HD2  1 
ATOM   380  H  HD3  . LYS A 1 27 ? -1.271  9.120   9.270   1.00 0.00 ? 27 LYS A HD3  1 
ATOM   381  H  HE2  . LYS A 1 27 ? -2.157  6.928   10.247  1.00 0.00 ? 27 LYS A HE2  1 
ATOM   382  H  HE3  . LYS A 1 27 ? -1.216  7.252   11.753  1.00 0.00 ? 27 LYS A HE3  1 
ATOM   383  H  HZ1  . LYS A 1 27 ? -2.143  8.520   12.187  1.00 0.00 ? 27 LYS A HZ1  1 
ATOM   384  H  HZ2  . LYS A 1 27 ? -2.726  8.929   10.454  1.00 0.00 ? 27 LYS A HZ2  1 
ATOM   385  H  HZ3  . LYS A 1 27 ? -2.970  9.507   11.716  1.00 0.00 ? 27 LYS A HZ3  1 
ATOM   386  N  N    . ARG A 1 28 ? 2.334   4.130   8.855   1.00 0.00 ? 28 ARG A N    1 
ATOM   387  C  CA   . ARG A 1 28 ? 3.321   3.390   9.630   1.00 0.00 ? 28 ARG A CA   1 
ATOM   388  C  C    . ARG A 1 28 ? 4.582   3.204   8.809   1.00 0.00 ? 28 ARG A C    1 
ATOM   389  O  O    . ARG A 1 28 ? 5.699   3.388   9.287   1.00 0.00 ? 28 ARG A O    1 
ATOM   390  C  CB   . ARG A 1 28 ? 2.808   1.980   10.044  1.00 0.00 ? 28 ARG A CB   1 
ATOM   391  C  CG   . ARG A 1 28 ? 2.597   1.802   11.561  1.00 0.00 ? 28 ARG A CG   1 
ATOM   392  C  CD   . ARG A 1 28 ? 1.293   2.422   12.103  1.00 0.00 ? 28 ARG A CD   1 
ATOM   393  N  NE   . ARG A 1 28 ? 1.190   2.085   13.572  1.00 0.00 ? 28 ARG A NE   1 
ATOM   394  C  CZ   . ARG A 1 28 ? 0.245   2.614   14.414  1.00 0.00 ? 28 ARG A CZ   1 
ATOM   395  N  NH1  . ARG A 1 28 ? -0.446  3.752   14.111  1.00 0.00 ? 28 ARG A NH1  1 
ATOM   396  N  NH2  . ARG A 1 28 ? 0.005   1.972   15.597  1.00 0.00 ? 28 ARG A NH2  1 
ATOM   397  H  H    . ARG A 1 28 ? 1.631   3.555   8.435   1.00 0.00 ? 28 ARG A H    1 
ATOM   398  H  HA   . ARG A 1 28 ? 3.582   3.963   10.499  1.00 0.00 ? 28 ARG A HA   1 
ATOM   399  H  HB2  . ARG A 1 28 ? 1.854   1.762   9.517   1.00 0.00 ? 28 ARG A HB2  1 
ATOM   400  H  HB3  . ARG A 1 28 ? 3.500   1.165   9.727   1.00 0.00 ? 28 ARG A HB3  1 
ATOM   401  H  HG2  . ARG A 1 28 ? 2.586   0.708   11.776  1.00 0.00 ? 28 ARG A HG2  1 
ATOM   402  H  HG3  . ARG A 1 28 ? 3.483   2.215   12.093  1.00 0.00 ? 28 ARG A HG3  1 
ATOM   403  H  HD2  . ARG A 1 28 ? 1.301   3.526   11.964  1.00 0.00 ? 28 ARG A HD2  1 
ATOM   404  H  HD3  . ARG A 1 28 ? 0.418   1.971   11.581  1.00 0.00 ? 28 ARG A HD3  1 
ATOM   405  H  HE   . ARG A 1 28 ? 1.376   1.125   13.786  1.00 0.00 ? 28 ARG A HE   1 
ATOM   406  H  HH11 . ARG A 1 28 ? -0.271  4.233   13.253  1.00 0.00 ? 28 ARG A HH11 1 
ATOM   407  H  HH12 . ARG A 1 28 ? -1.130  4.112   14.753  1.00 0.00 ? 28 ARG A HH12 1 
ATOM   408  H  HH21 . ARG A 1 28 ? 0.539   1.158   15.824  1.00 0.00 ? 28 ARG A HH21 1 
ATOM   409  H  HH22 . ARG A 1 28 ? -0.672  2.319   16.246  1.00 0.00 ? 28 ARG A HH22 1 
ATOM   410  N  N    . ALA A 1 29 ? 4.370   2.853   7.523   1.00 0.00 ? 29 ALA A N    1 
ATOM   411  C  CA   . ALA A 1 29 ? 5.334   2.495   6.501   1.00 0.00 ? 29 ALA A CA   1 
ATOM   412  C  C    . ALA A 1 29 ? 6.172   3.641   6.001   1.00 0.00 ? 29 ALA A C    1 
ATOM   413  O  O    . ALA A 1 29 ? 7.179   3.429   5.327   1.00 0.00 ? 29 ALA A O    1 
ATOM   414  C  CB   . ALA A 1 29 ? 4.630   1.883   5.284   1.00 0.00 ? 29 ALA A CB   1 
ATOM   415  H  H    . ALA A 1 29 ? 3.421   2.704   7.268   1.00 0.00 ? 29 ALA A H    1 
ATOM   416  H  HA   . ALA A 1 29 ? 5.999   1.762   6.932   1.00 0.00 ? 29 ALA A HA   1 
ATOM   417  H  HB1  . ALA A 1 29 ? 5.350   1.585   4.493   1.00 0.00 ? 29 ALA A HB1  1 
ATOM   418  H  HB2  . ALA A 1 29 ? 4.067   0.974   5.587   1.00 0.00 ? 29 ALA A HB2  1 
ATOM   419  H  HB3  . ALA A 1 29 ? 3.904   2.613   4.865   1.00 0.00 ? 29 ALA A HB3  1 
ATOM   420  N  N    . VAL A 1 30 ? 5.749   4.882   6.320   1.00 0.00 ? 30 VAL A N    1 
ATOM   421  C  CA   . VAL A 1 30 ? 6.393   6.110   5.917   1.00 0.00 ? 30 VAL A CA   1 
ATOM   422  C  C    . VAL A 1 30 ? 7.123   6.648   7.118   1.00 0.00 ? 30 VAL A C    1 
ATOM   423  O  O    . VAL A 1 30 ? 8.352   6.679   7.152   1.00 0.00 ? 30 VAL A O    1 
ATOM   424  C  CB   . VAL A 1 30 ? 5.389   7.160   5.342   1.00 0.00 ? 30 VAL A CB   1 
ATOM   425  C  CG1  . VAL A 1 30 ? 6.046   8.522   5.042   1.00 0.00 ? 30 VAL A CG1  1 
ATOM   426  C  CG2  . VAL A 1 30 ? 4.647   6.660   4.085   1.00 0.00 ? 30 VAL A CG2  1 
ATOM   427  H  H    . VAL A 1 30 ? 4.916   4.979   6.859   1.00 0.00 ? 30 VAL A H    1 
ATOM   428  H  HA   . VAL A 1 30 ? 7.131   5.912   5.165   1.00 0.00 ? 30 VAL A HA   1 
ATOM   429  H  HB   . VAL A 1 30 ? 4.604   7.328   6.119   1.00 0.00 ? 30 VAL A HB   1 
ATOM   430  H  HG11 . VAL A 1 30 ? 6.809   8.392   4.244   1.00 0.00 ? 30 VAL A HG11 1 
ATOM   431  H  HG12 . VAL A 1 30 ? 5.284   9.253   4.705   1.00 0.00 ? 30 VAL A HG12 1 
ATOM   432  H  HG13 . VAL A 1 30 ? 6.552   8.916   5.949   1.00 0.00 ? 30 VAL A HG13 1 
ATOM   433  H  HG21 . VAL A 1 30 ? 5.215   6.895   3.161   1.00 0.00 ? 30 VAL A HG21 1 
ATOM   434  H  HG22 . VAL A 1 30 ? 4.486   5.566   4.107   1.00 0.00 ? 30 VAL A HG22 1 
ATOM   435  H  HG23 . VAL A 1 30 ? 3.646   7.145   4.026   1.00 0.00 ? 30 VAL A HG23 1 
ATOM   436  N  N    . GLU A 1 31 ? 6.336   7.105   8.116   1.00 0.00 ? 31 GLU A N    1 
ATOM   437  C  CA   . GLU A 1 31 ? 6.790   7.765   9.323   1.00 0.00 ? 31 GLU A CA   1 
ATOM   438  C  C    . GLU A 1 31 ? 6.843   6.768   10.444  1.00 0.00 ? 31 GLU A C    1 
ATOM   439  O  O    . GLU A 1 31 ? 6.199   6.915   11.484  1.00 0.00 ? 31 GLU A O    1 
ATOM   440  C  CB   . GLU A 1 31 ? 5.914   8.982   9.710   1.00 0.00 ? 31 GLU A CB   1 
ATOM   441  C  CG   . GLU A 1 31 ? 6.017   10.142  8.694   1.00 0.00 ? 31 GLU A CG   1 
ATOM   442  C  CD   . GLU A 1 31 ? 5.232   11.372  9.166   1.00 0.00 ? 31 GLU A CD   1 
ATOM   443  O  OE1  . GLU A 1 31 ? 5.575   11.919  10.250  1.00 0.00 ? 31 GLU A OE1  1 
ATOM   444  O  OE2  . GLU A 1 31 ? 4.286   11.785  8.445   1.00 0.00 ? 31 GLU A OE2  1 
ATOM   445  H  H    . GLU A 1 31 ? 5.355   7.023   7.997   1.00 0.00 ? 31 GLU A H    1 
ATOM   446  H  HA   . GLU A 1 31 ? 7.798   8.129   9.171   1.00 0.00 ? 31 GLU A HA   1 
ATOM   447  H  HB2  . GLU A 1 31 ? 4.852   8.661   9.794   1.00 0.00 ? 31 GLU A HB2  1 
ATOM   448  H  HB3  . GLU A 1 31 ? 6.234   9.362   10.707  1.00 0.00 ? 31 GLU A HB3  1 
ATOM   449  H  HG2  . GLU A 1 31 ? 7.083   10.430  8.559   1.00 0.00 ? 31 GLU A HG2  1 
ATOM   450  H  HG3  . GLU A 1 31 ? 5.625   9.812   7.709   1.00 0.00 ? 31 GLU A HG3  1 
ATOM   451  N  N    . GLY A 1 32 ? 7.675   5.730   10.237  1.00 0.00 ? 32 GLY A N    1 
ATOM   452  C  CA   . GLY A 1 32 ? 7.911   4.714   11.238  1.00 0.00 ? 32 GLY A CA   1 
ATOM   453  C  C    . GLY A 1 32 ? 9.082   3.884   10.825  1.00 0.00 ? 32 GLY A C    1 
ATOM   454  O  O    . GLY A 1 32 ? 9.941   4.339   10.072  1.00 0.00 ? 32 GLY A O    1 
ATOM   455  H  H    . GLY A 1 32 ? 8.135   5.663   9.349   1.00 0.00 ? 32 GLY A H    1 
ATOM   456  H  HA2  . GLY A 1 32 ? 8.168   5.199   12.169  1.00 0.00 ? 32 GLY A HA2  1 
ATOM   457  H  HA3  . GLY A 1 32 ? 7.034   4.085   11.302  1.00 0.00 ? 32 GLY A HA3  1 
ATOM   458  N  N    . GLN A 1 33 ? 9.130   2.628   11.340  1.00 0.00 ? 33 GLN A N    1 
ATOM   459  C  CA   . GLN A 1 33 ? 10.156  1.643   11.064  1.00 0.00 ? 33 GLN A CA   1 
ATOM   460  C  C    . GLN A 1 33 ? 9.409   0.496   10.444  1.00 0.00 ? 33 GLN A C    1 
ATOM   461  O  O    . GLN A 1 33 ? 8.281   0.200   10.839  1.00 0.00 ? 33 GLN A O    1 
ATOM   462  C  CB   . GLN A 1 33 ? 10.987  1.235   12.306  1.00 0.00 ? 33 GLN A CB   1 
ATOM   463  C  CG   . GLN A 1 33 ? 10.207  0.669   13.522  1.00 0.00 ? 33 GLN A CG   1 
ATOM   464  C  CD   . GLN A 1 33 ? 10.592  -0.793  13.802  1.00 0.00 ? 33 GLN A CD   1 
ATOM   465  O  OE1  . GLN A 1 33 ? 11.601  -1.050  14.469  1.00 0.00 ? 33 GLN A OE1  1 
ATOM   466  N  NE2  . GLN A 1 33 ? 9.776   -1.754  13.274  1.00 0.00 ? 33 GLN A NE2  1 
ATOM   467  H  H    . GLN A 1 33 ? 8.410   2.306   11.950  1.00 0.00 ? 33 GLN A H    1 
ATOM   468  H  HA   . GLN A 1 33 ? 10.843  2.030   10.321  1.00 0.00 ? 33 GLN A HA   1 
ATOM   469  H  HB2  . GLN A 1 33 ? 11.803  0.552   11.987  1.00 0.00 ? 33 GLN A HB2  1 
ATOM   470  H  HB3  . GLN A 1 33 ? 11.505  2.158   12.658  1.00 0.00 ? 33 GLN A HB3  1 
ATOM   471  H  HG2  . GLN A 1 33 ? 10.466  1.267   14.424  1.00 0.00 ? 33 GLN A HG2  1 
ATOM   472  H  HG3  . GLN A 1 33 ? 9.112   0.762   13.379  1.00 0.00 ? 33 GLN A HG3  1 
ATOM   473  H  HE21 . GLN A 1 33 ? 8.974   -1.487  12.741  1.00 0.00 ? 33 GLN A HE21 1 
ATOM   474  H  HE22 . GLN A 1 33 ? 9.986   -2.720  13.419  1.00 0.00 ? 33 GLN A HE22 1 
ATOM   475  N  N    . HIS A 1 34 ? 10.024  -0.151  9.422   1.00 0.00 ? 34 HIS A N    1 
ATOM   476  C  CA   . HIS A 1 34 ? 9.381   -1.167  8.612   1.00 0.00 ? 34 HIS A CA   1 
ATOM   477  C  C    . HIS A 1 34 ? 10.339  -2.310  8.433   1.00 0.00 ? 34 HIS A C    1 
ATOM   478  O  O    . HIS A 1 34 ? 11.553  -2.124  8.504   1.00 0.00 ? 34 HIS A O    1 
ATOM   479  C  CB   . HIS A 1 34 ? 8.944   -0.621  7.225   1.00 0.00 ? 34 HIS A CB   1 
ATOM   480  C  CG   . HIS A 1 34 ? 9.243   0.844   7.059   1.00 0.00 ? 34 HIS A CG   1 
ATOM   481  N  ND1  . HIS A 1 34 ? 10.343  1.303   6.353   1.00 0.00 ? 34 HIS A ND1  1 
ATOM   482  C  CD2  . HIS A 1 34 ? 8.614   1.870   7.687   1.00 0.00 ? 34 HIS A CD2  1 
ATOM   483  C  CE1  . HIS A 1 34 ? 10.348  2.606   6.567   1.00 0.00 ? 34 HIS A CE1  1 
ATOM   484  N  NE2  . HIS A 1 34 ? 9.329   3.000   7.371   1.00 0.00 ? 34 HIS A NE2  1 
ATOM   485  H  H    . HIS A 1 34 ? 10.942  0.103   9.132   1.00 0.00 ? 34 HIS A H    1 
ATOM   486  H  HA   . HIS A 1 34 ? 8.492   -1.519  9.113   1.00 0.00 ? 34 HIS A HA   1 
ATOM   487  H  HB2  . HIS A 1 34 ? 9.356   -1.194  6.365   1.00 0.00 ? 34 HIS A HB2  1 
ATOM   488  H  HB3  . HIS A 1 34 ? 7.838   -0.711  7.162   1.00 0.00 ? 34 HIS A HB3  1 
ATOM   489  H  HD2  . HIS A 1 34 ? 7.779   1.811   8.373   1.00 0.00 ? 34 HIS A HD2  1 
ATOM   490  H  HE1  . HIS A 1 34 ? 11.082  3.304   6.169   1.00 0.00 ? 34 HIS A HE1  1 
ATOM   491  H  HE2  . HIS A 1 34 ? 9.136   3.927   7.700   1.00 0.00 ? 34 HIS A HE2  1 
ATOM   492  N  N    . ASN A 1 35 ? 9.786   -3.524  8.181   1.00 0.00 ? 35 ASN A N    1 
ATOM   493  C  CA   . ASN A 1 35 ? 10.541  -4.737  7.935   1.00 0.00 ? 35 ASN A CA   1 
ATOM   494  C  C    . ASN A 1 35 ? 9.720   -5.532  6.950   1.00 0.00 ? 35 ASN A C    1 
ATOM   495  O  O    . ASN A 1 35 ? 9.165   -6.581  7.281   1.00 0.00 ? 35 ASN A O    1 
ATOM   496  C  CB   . ASN A 1 35 ? 10.812  -5.619  9.192   1.00 0.00 ? 35 ASN A CB   1 
ATOM   497  C  CG   . ASN A 1 35 ? 11.901  -5.017  10.099  1.00 0.00 ? 35 ASN A CG   1 
ATOM   498  O  OD1  . ASN A 1 35 ? 13.061  -4.909  9.684   1.00 0.00 ? 35 ASN A OD1  1 
ATOM   499  N  ND2  . ASN A 1 35 ? 11.511  -4.636  11.354  1.00 0.00 ? 35 ASN A ND2  1 
ATOM   500  H  H    . ASN A 1 35 ? 8.796   -3.629  8.133   1.00 0.00 ? 35 ASN A H    1 
ATOM   501  H  HA   . ASN A 1 35 ? 11.472  -4.487  7.438   1.00 0.00 ? 35 ASN A HA   1 
ATOM   502  H  HB2  . ASN A 1 35 ? 9.868   -5.774  9.760   1.00 0.00 ? 35 ASN A HB2  1 
ATOM   503  H  HB3  . ASN A 1 35 ? 11.185  -6.622  8.881   1.00 0.00 ? 35 ASN A HB3  1 
ATOM   504  H  HD21 . ASN A 1 35 ? 10.561  -4.764  11.640  1.00 0.00 ? 35 ASN A HD21 1 
ATOM   505  H  HD22 . ASN A 1 35 ? 12.182  -4.263  11.996  1.00 0.00 ? 35 ASN A HD22 1 
ATOM   506  N  N    . TYR A 1 36 ? 9.644   -5.038  5.687   1.00 0.00 ? 36 TYR A N    1 
ATOM   507  C  CA   . TYR A 1 36 ? 8.982   -5.685  4.577   1.00 0.00 ? 36 TYR A CA   1 
ATOM   508  C  C    . TYR A 1 36 ? 10.080  -5.885  3.566   1.00 0.00 ? 36 TYR A C    1 
ATOM   509  O  O    . TYR A 1 36 ? 10.914  -4.998  3.382   1.00 0.00 ? 36 TYR A O    1 
ATOM   510  C  CB   . TYR A 1 36 ? 7.770   -4.927  3.975   1.00 0.00 ? 36 TYR A CB   1 
ATOM   511  C  CG   . TYR A 1 36 ? 7.044   -4.000  4.927   1.00 0.00 ? 36 TYR A CG   1 
ATOM   512  C  CD1  . TYR A 1 36 ? 6.435   -4.499  6.094   1.00 0.00 ? 36 TYR A CD1  1 
ATOM   513  C  CD2  . TYR A 1 36 ? 6.843   -2.648  4.587   1.00 0.00 ? 36 TYR A CD2  1 
ATOM   514  C  CE1  . TYR A 1 36 ? 5.644   -3.671  6.899   1.00 0.00 ? 36 TYR A CE1  1 
ATOM   515  C  CE2  . TYR A 1 36 ? 6.043   -1.821  5.382   1.00 0.00 ? 36 TYR A CE2  1 
ATOM   516  C  CZ   . TYR A 1 36 ? 5.446   -2.330  6.540   1.00 0.00 ? 36 TYR A CZ   1 
ATOM   517  O  OH   . TYR A 1 36 ? 4.624   -1.497  7.330   1.00 0.00 ? 36 TYR A OH   1 
ATOM   518  H  H    . TYR A 1 36 ? 10.080  -4.183  5.424   1.00 0.00 ? 36 TYR A H    1 
ATOM   519  H  HA   . TYR A 1 36 ? 8.632   -6.662  4.886   1.00 0.00 ? 36 TYR A HA   1 
ATOM   520  H  HB2  . TYR A 1 36 ? 8.104   -4.297  3.119   1.00 0.00 ? 36 TYR A HB2  1 
ATOM   521  H  HB3  . TYR A 1 36 ? 7.028   -5.660  3.595   1.00 0.00 ? 36 TYR A HB3  1 
ATOM   522  H  HD1  . TYR A 1 36 ? 6.553   -5.539  6.365   1.00 0.00 ? 36 TYR A HD1  1 
ATOM   523  H  HD2  . TYR A 1 36 ? 7.277   -2.251  3.681   1.00 0.00 ? 36 TYR A HD2  1 
ATOM   524  H  HE1  . TYR A 1 36 ? 5.173   -4.076  7.782   1.00 0.00 ? 36 TYR A HE1  1 
ATOM   525  H  HE2  . TYR A 1 36 ? 5.880   -0.795  5.085   1.00 0.00 ? 36 TYR A HE2  1 
ATOM   526  H  HH   . TYR A 1 36 ? 4.238   -2.038  8.022   1.00 0.00 ? 36 TYR A HH   1 
ATOM   527  N  N    . LEU A 1 37 ? 10.107  -7.069  2.898   1.00 0.00 ? 37 LEU A N    1 
ATOM   528  C  CA   . LEU A 1 37 ? 11.172  -7.445  1.993   1.00 0.00 ? 37 LEU A CA   1 
ATOM   529  C  C    . LEU A 1 37 ? 10.676  -7.751  0.604   1.00 0.00 ? 37 LEU A C    1 
ATOM   530  O  O    . LEU A 1 37 ? 9.962   -8.726  0.373   1.00 0.00 ? 37 LEU A O    1 
ATOM   531  C  CB   . LEU A 1 37 ? 11.947  -8.683  2.509   1.00 0.00 ? 37 LEU A CB   1 
ATOM   532  C  CG   . LEU A 1 37 ? 12.687  -8.470  3.853   1.00 0.00 ? 37 LEU A CG   1 
ATOM   533  C  CD1  . LEU A 1 37 ? 13.248  -9.801  4.392   1.00 0.00 ? 37 LEU A CD1  1 
ATOM   534  C  CD2  . LEU A 1 37 ? 13.796  -7.404  3.759   1.00 0.00 ? 37 LEU A CD2  1 
ATOM   535  H  H    . LEU A 1 37 ? 9.414   -7.767  3.058   1.00 0.00 ? 37 LEU A H    1 
ATOM   536  H  HA   . LEU A 1 37 ? 11.879  -6.634  1.893   1.00 0.00 ? 37 LEU A HA   1 
ATOM   537  H  HB2  . LEU A 1 37 ? 11.230  -9.526  2.637   1.00 0.00 ? 37 LEU A HB2  1 
ATOM   538  H  HB3  . LEU A 1 37 ? 12.700  -9.007  1.754   1.00 0.00 ? 37 LEU A HB3  1 
ATOM   539  H  HG   . LEU A 1 37 ? 11.942  -8.113  4.603   1.00 0.00 ? 37 LEU A HG   1 
ATOM   540  H  HD11 . LEU A 1 37 ? 13.738  -9.645  5.376   1.00 0.00 ? 37 LEU A HD11 1 
ATOM   541  H  HD12 . LEU A 1 37 ? 12.434  -10.544 4.524   1.00 0.00 ? 37 LEU A HD12 1 
ATOM   542  H  HD13 . LEU A 1 37 ? 13.997  -10.221 3.687   1.00 0.00 ? 37 LEU A HD13 1 
ATOM   543  H  HD21 . LEU A 1 37 ? 13.392  -6.436  3.405   1.00 0.00 ? 37 LEU A HD21 1 
ATOM   544  H  HD22 . LEU A 1 37 ? 14.592  -7.732  3.058   1.00 0.00 ? 37 LEU A HD22 1 
ATOM   545  H  HD23 . LEU A 1 37 ? 14.254  -7.237  4.756   1.00 0.00 ? 37 LEU A HD23 1 
ATOM   546  N  N    . CYS A 1 38 ? 11.130  -6.890  -0.340  1.00 0.00 ? 38 CYS A N    1 
ATOM   547  C  CA   . CYS A 1 38 ? 11.025  -6.942  -1.787  1.00 0.00 ? 38 CYS A CA   1 
ATOM   548  C  C    . CYS A 1 38 ? 11.846  -5.747  -2.183  1.00 0.00 ? 38 CYS A C    1 
ATOM   549  O  O    . CYS A 1 38 ? 11.453  -4.871  -2.954  1.00 0.00 ? 38 CYS A O    1 
ATOM   550  C  CB   . CYS A 1 38 ? 9.627   -6.939  -2.451  1.00 0.00 ? 38 CYS A CB   1 
ATOM   551  S  SG   . CYS A 1 38 ? 9.056   -8.642  -2.789  1.00 0.00 ? 38 CYS A SG   1 
ATOM   552  H  H    . CYS A 1 38 ? 11.682  -6.120  -0.030  1.00 0.00 ? 38 CYS A H    1 
ATOM   553  H  HA   . CYS A 1 38 ? 11.602  -7.801  -2.105  1.00 0.00 ? 38 CYS A HA   1 
ATOM   554  H  HB2  . CYS A 1 38 ? 8.908   -6.386  -1.812  1.00 0.00 ? 38 CYS A HB2  1 
ATOM   555  H  HB3  . CYS A 1 38 ? 9.658   -6.409  -3.424  1.00 0.00 ? 38 CYS A HB3  1 
ATOM   556  N  N    . ALA A 1 39 ? 13.072  -5.767  -1.627  1.00 0.00 ? 39 ALA A N    1 
ATOM   557  C  CA   . ALA A 1 39 ? 14.148  -4.824  -1.775  1.00 0.00 ? 39 ALA A CA   1 
ATOM   558  C  C    . ALA A 1 39 ? 15.094  -5.285  -2.852  1.00 0.00 ? 39 ALA A C    1 
ATOM   559  O  O    . ALA A 1 39 ? 15.935  -4.515  -3.318  1.00 0.00 ? 39 ALA A O    1 
ATOM   560  C  CB   . ALA A 1 39 ? 14.951  -4.691  -0.470  1.00 0.00 ? 39 ALA A CB   1 
ATOM   561  H  H    . ALA A 1 39 ? 13.253  -6.512  -1.004  1.00 0.00 ? 39 ALA A H    1 
ATOM   562  H  HA   . ALA A 1 39 ? 13.727  -3.879  -2.053  1.00 0.00 ? 39 ALA A HA   1 
ATOM   563  H  HB1  . ALA A 1 39 ? 15.772  -3.950  -0.567  1.00 0.00 ? 39 ALA A HB1  1 
ATOM   564  H  HB2  . ALA A 1 39 ? 14.284  -4.361  0.354   1.00 0.00 ? 39 ALA A HB2  1 
ATOM   565  H  HB3  . ALA A 1 39 ? 15.386  -5.675  -0.185  1.00 0.00 ? 39 ALA A HB3  1 
ATOM   566  N  N    . GLY A 1 40 ? 14.965  -6.566  -3.261  1.00 0.00 ? 40 GLY A N    1 
ATOM   567  C  CA   . GLY A 1 40 ? 15.811  -7.166  -4.264  1.00 0.00 ? 40 GLY A CA   1 
ATOM   568  C  C    . GLY A 1 40 ? 15.106  -8.278  -4.978  1.00 0.00 ? 40 GLY A C    1 
ATOM   569  O  O    . GLY A 1 40 ? 15.762  -9.113  -5.600  1.00 0.00 ? 40 GLY A O    1 
ATOM   570  H  H    . GLY A 1 40 ? 14.267  -7.141  -2.846  1.00 0.00 ? 40 GLY A H    1 
ATOM   571  H  HA2  . GLY A 1 40 ? 16.063  -6.423  -5.012  1.00 0.00 ? 40 GLY A HA2  1 
ATOM   572  H  HA3  . GLY A 1 40 ? 16.672  -7.577  -3.757  1.00 0.00 ? 40 GLY A HA3  1 
ATOM   573  N  N    . ARG A 1 41 ? 13.747  -8.309  -4.937  1.00 0.00 ? 41 ARG A N    1 
ATOM   574  C  CA   . ARG A 1 41 ? 12.943  -9.267  -5.651  1.00 0.00 ? 41 ARG A CA   1 
ATOM   575  C  C    . ARG A 1 41 ? 12.081  -8.377  -6.488  1.00 0.00 ? 41 ARG A C    1 
ATOM   576  O  O    . ARG A 1 41 ? 12.450  -8.014  -7.606  1.00 0.00 ? 41 ARG A O    1 
ATOM   577  C  CB   . ARG A 1 41 ? 12.104  -10.224 -4.768  1.00 0.00 ? 41 ARG A CB   1 
ATOM   578  C  CG   . ARG A 1 41 ? 12.892  -11.396 -4.149  1.00 0.00 ? 41 ARG A CG   1 
ATOM   579  C  CD   . ARG A 1 41 ? 13.485  -12.350 -5.202  1.00 0.00 ? 41 ARG A CD   1 
ATOM   580  N  NE   . ARG A 1 41 ? 13.890  -13.643 -4.541  1.00 0.00 ? 41 ARG A NE   1 
ATOM   581  C  CZ   . ARG A 1 41 ? 14.596  -14.605 -5.216  1.00 0.00 ? 41 ARG A CZ   1 
ATOM   582  N  NH1  . ARG A 1 41 ? 15.387  -14.305 -6.288  1.00 0.00 ? 41 ARG A NH1  1 
ATOM   583  N  NH2  . ARG A 1 41 ? 14.503  -15.905 -4.803  1.00 0.00 ? 41 ARG A NH2  1 
ATOM   584  H  H    . ARG A 1 41 ? 13.193  -7.658  -4.421  1.00 0.00 ? 41 ARG A H    1 
ATOM   585  H  HA   . ARG A 1 41 ? 13.533  -9.847  -6.337  1.00 0.00 ? 41 ARG A HA   1 
ATOM   586  H  HB2  . ARG A 1 41 ? 11.636  -9.649  -3.941  1.00 0.00 ? 41 ARG A HB2  1 
ATOM   587  H  HB3  . ARG A 1 41 ? 11.281  -10.661 -5.385  1.00 0.00 ? 41 ARG A HB3  1 
ATOM   588  H  HG2  . ARG A 1 41 ? 13.704  -11.003 -3.500  1.00 0.00 ? 41 ARG A HG2  1 
ATOM   589  H  HG3  . ARG A 1 41 ? 12.191  -11.960 -3.493  1.00 0.00 ? 41 ARG A HG3  1 
ATOM   590  H  HD2  . ARG A 1 41 ? 12.725  -12.593 -5.974  1.00 0.00 ? 41 ARG A HD2  1 
ATOM   591  H  HD3  . ARG A 1 41 ? 14.370  -11.886 -5.690  1.00 0.00 ? 41 ARG A HD3  1 
ATOM   592  H  HE   . ARG A 1 41 ? 13.191  -14.038 -3.943  1.00 0.00 ? 41 ARG A HE   1 
ATOM   593  H  HH11 . ARG A 1 41 ? 15.467  -13.360 -6.604  1.00 0.00 ? 41 ARG A HH11 1 
ATOM   594  H  HH12 . ARG A 1 41 ? 15.883  -15.034 -6.762  1.00 0.00 ? 41 ARG A HH12 1 
ATOM   595  H  HH21 . ARG A 1 41 ? 13.920  -16.141 -4.027  1.00 0.00 ? 41 ARG A HH21 1 
ATOM   596  H  HH22 . ARG A 1 41 ? 15.001  -16.621 -5.293  1.00 0.00 ? 41 ARG A HH22 1 
ATOM   597  N  N    . ASN A 1 42 ? 10.899  -8.014  -5.930  1.00 0.00 ? 42 ASN A N    1 
ATOM   598  C  CA   . ASN A 1 42 ? 9.850   -7.175  -6.481  1.00 0.00 ? 42 ASN A CA   1 
ATOM   599  C  C    . ASN A 1 42 ? 9.227   -7.979  -7.607  1.00 0.00 ? 42 ASN A C    1 
ATOM   600  O  O    . ASN A 1 42 ? 9.279   -7.606  -8.779  1.00 0.00 ? 42 ASN A O    1 
ATOM   601  C  CB   . ASN A 1 42 ? 10.313  -5.729  -6.848  1.00 0.00 ? 42 ASN A CB   1 
ATOM   602  C  CG   . ASN A 1 42 ? 9.171   -4.802  -7.319  1.00 0.00 ? 42 ASN A CG   1 
ATOM   603  O  OD1  . ASN A 1 42 ? 8.094   -4.775  -6.711  1.00 0.00 ? 42 ASN A OD1  1 
ATOM   604  N  ND2  . ASN A 1 42 ? 9.430   -4.039  -8.423  1.00 0.00 ? 42 ASN A ND2  1 
ATOM   605  H  H    . ASN A 1 42 ? 10.705  -8.372  -5.022  1.00 0.00 ? 42 ASN A H    1 
ATOM   606  H  HA   . ASN A 1 42 ? 9.110   -7.101  -5.697  1.00 0.00 ? 42 ASN A HA   1 
ATOM   607  H  HB2  . ASN A 1 42 ? 10.771  -5.271  -5.945  1.00 0.00 ? 42 ASN A HB2  1 
ATOM   608  H  HB3  . ASN A 1 42 ? 11.105  -5.777  -7.625  1.00 0.00 ? 42 ASN A HB3  1 
ATOM   609  H  HD21 . ASN A 1 42 ? 10.319  -4.106  -8.878  1.00 0.00 ? 42 ASN A HD21 1 
ATOM   610  H  HD22 . ASN A 1 42 ? 8.732   -3.420  -8.779  1.00 0.00 ? 42 ASN A HD22 1 
ATOM   611  N  N    . ASP A 1 43 ? 8.667   -9.147  -7.220  1.00 0.00 ? 43 ASP A N    1 
ATOM   612  C  CA   . ASP A 1 43 ? 8.047   -10.096 -8.115  1.00 0.00 ? 43 ASP A CA   1 
ATOM   613  C  C    . ASP A 1 43 ? 6.567   -10.159 -7.923  1.00 0.00 ? 43 ASP A C    1 
ATOM   614  O  O    . ASP A 1 43 ? 5.819   -10.019 -8.890  1.00 0.00 ? 43 ASP A O    1 
ATOM   615  C  CB   . ASP A 1 43 ? 8.570   -11.566 -7.973  1.00 0.00 ? 43 ASP A CB   1 
ATOM   616  C  CG   . ASP A 1 43 ? 9.208   -11.995 -6.636  1.00 0.00 ? 43 ASP A CG   1 
ATOM   617  O  OD1  . ASP A 1 43 ? 8.614   -11.751 -5.556  1.00 0.00 ? 43 ASP A OD1  1 
ATOM   618  O  OD2  . ASP A 1 43 ? 10.308  -12.607 -6.699  1.00 0.00 ? 43 ASP A OD2  1 
ATOM   619  H  H    . ASP A 1 43 ? 8.641   -9.384  -6.253  1.00 0.00 ? 43 ASP A H    1 
ATOM   620  H  HA   . ASP A 1 43 ? 8.212   -9.796  -9.143  1.00 0.00 ? 43 ASP A HA   1 
ATOM   621  H  HB2  . ASP A 1 43 ? 7.770   -12.304 -8.226  1.00 0.00 ? 43 ASP A HB2  1 
ATOM   622  H  HB3  . ASP A 1 43 ? 9.378   -11.656 -8.720  1.00 0.00 ? 43 ASP A HB3  1 
ATOM   623  N  N    . CYS A 1 44 ? 6.118   -10.403 -6.670  1.00 0.00 ? 44 CYS A N    1 
ATOM   624  C  CA   . CYS A 1 44 ? 4.761   -10.677 -6.298  1.00 0.00 ? 44 CYS A CA   1 
ATOM   625  C  C    . CYS A 1 44 ? 3.765   -9.584  -6.637  1.00 0.00 ? 44 CYS A C    1 
ATOM   626  O  O    . CYS A 1 44 ? 4.078   -8.395  -6.588  1.00 0.00 ? 44 CYS A O    1 
ATOM   627  C  CB   . CYS A 1 44 ? 4.611   -11.072 -4.787  1.00 0.00 ? 44 CYS A CB   1 
ATOM   628  S  SG   . CYS A 1 44 ? 6.073   -10.850 -3.698  1.00 0.00 ? 44 CYS A SG   1 
ATOM   629  H  H    . CYS A 1 44 ? 6.717   -10.519 -5.884  1.00 0.00 ? 44 CYS A H    1 
ATOM   630  H  HA   . CYS A 1 44 ? 4.557   -11.552 -6.906  1.00 0.00 ? 44 CYS A HA   1 
ATOM   631  H  HB2  . CYS A 1 44 ? 3.717   -10.611 -4.315  1.00 0.00 ? 44 CYS A HB2  1 
ATOM   632  H  HB3  . CYS A 1 44 ? 4.425   -12.161 -4.783  1.00 0.00 ? 44 CYS A HB3  1 
ATOM   633  N  N    . ILE A 1 45 ? 2.524   -10.007 -6.990  1.00 0.00 ? 45 ILE A N    1 
ATOM   634  C  CA   . ILE A 1 45 ? 1.409   -9.138  -7.307  1.00 0.00 ? 45 ILE A CA   1 
ATOM   635  C  C    . ILE A 1 45 ? 0.646   -9.064  -6.017  1.00 0.00 ? 45 ILE A C    1 
ATOM   636  O  O    . ILE A 1 45 ? 0.432   -10.074 -5.350  1.00 0.00 ? 45 ILE A O    1 
ATOM   637  C  CB   . ILE A 1 45 ? 0.499   -9.650  -8.468  1.00 0.00 ? 45 ILE A CB   1 
ATOM   638  C  CG1  . ILE A 1 45 ? 1.309   -9.924  -9.762  1.00 0.00 ? 45 ILE A CG1  1 
ATOM   639  C  CG2  . ILE A 1 45 ? -0.719  -8.734  -8.754  1.00 0.00 ? 45 ILE A CG2  1 
ATOM   640  C  CD1  . ILE A 1 45 ? 2.014   -8.699  -10.367 1.00 0.00 ? 45 ILE A CD1  1 
ATOM   641  H  H    . ILE A 1 45 ? 2.312   -10.981 -7.022  1.00 0.00 ? 45 ILE A H    1 
ATOM   642  H  HA   . ILE A 1 45 ? 1.772   -8.149  -7.557  1.00 0.00 ? 45 ILE A HA   1 
ATOM   643  H  HB   . ILE A 1 45 ? 0.084   -10.639 -8.158  1.00 0.00 ? 45 ILE A HB   1 
ATOM   644  H  HG12 . ILE A 1 45 ? 2.071   -10.706 -9.557  1.00 0.00 ? 45 ILE A HG12 1 
ATOM   645  H  HG13 . ILE A 1 45 ? 0.620   -10.347 -10.526 1.00 0.00 ? 45 ILE A HG13 1 
ATOM   646  H  HG21 . ILE A 1 45 ? -1.307  -9.128  -9.609  1.00 0.00 ? 45 ILE A HG21 1 
ATOM   647  H  HG22 . ILE A 1 45 ? -1.398  -8.675  -7.876  1.00 0.00 ? 45 ILE A HG22 1 
ATOM   648  H  HG23 . ILE A 1 45 ? -0.386  -7.705  -9.002  1.00 0.00 ? 45 ILE A HG23 1 
ATOM   649  H  HD11 . ILE A 1 45 ? 2.556   -8.990  -11.292 1.00 0.00 ? 45 ILE A HD11 1 
ATOM   650  H  HD12 . ILE A 1 45 ? 1.278   -7.910  -10.631 1.00 0.00 ? 45 ILE A HD12 1 
ATOM   651  H  HD13 . ILE A 1 45 ? 2.751   -8.273  -9.653  1.00 0.00 ? 45 ILE A HD13 1 
ATOM   652  N  N    . ILE A 1 46 ? 0.240   -7.830  -5.656  1.00 0.00 ? 46 ILE A N    1 
ATOM   653  C  CA   . ILE A 1 46 ? -0.454  -7.506  -4.437  1.00 0.00 ? 46 ILE A CA   1 
ATOM   654  C  C    . ILE A 1 46 ? -1.850  -7.165  -4.864  1.00 0.00 ? 46 ILE A C    1 
ATOM   655  O  O    . ILE A 1 46 ? -2.077  -6.224  -5.624  1.00 0.00 ? 46 ILE A O    1 
ATOM   656  C  CB   . ILE A 1 46 ? 0.339   -6.401  -3.666  1.00 0.00 ? 46 ILE A CB   1 
ATOM   657  C  CG1  . ILE A 1 46 ? 1.147   -6.984  -2.486  1.00 0.00 ? 46 ILE A CG1  1 
ATOM   658  C  CG2  . ILE A 1 46 ? -0.414  -5.136  -3.211  1.00 0.00 ? 46 ILE A CG2  1 
ATOM   659  C  CD1  . ILE A 1 46 ? 2.021   -8.185  -2.837  1.00 0.00 ? 46 ILE A CD1  1 
ATOM   660  H  H    . ILE A 1 46 ? 0.437   -7.046  -6.239  1.00 0.00 ? 46 ILE A H    1 
ATOM   661  H  HA   . ILE A 1 46 ? -0.527  -8.382  -3.806  1.00 0.00 ? 46 ILE A HA   1 
ATOM   662  H  HB   . ILE A 1 46 ? 1.105   -6.018  -4.388  1.00 0.00 ? 46 ILE A HB   1 
ATOM   663  H  HG12 . ILE A 1 46 ? 1.824   -6.190  -2.102  1.00 0.00 ? 46 ILE A HG12 1 
ATOM   664  H  HG13 . ILE A 1 46 ? 0.457   -7.263  -1.662  1.00 0.00 ? 46 ILE A HG13 1 
ATOM   665  H  HG21 . ILE A 1 46 ? 0.312   -4.487  -2.679  1.00 0.00 ? 46 ILE A HG21 1 
ATOM   666  H  HG22 . ILE A 1 46 ? -0.781  -4.569  -4.087  1.00 0.00 ? 46 ILE A HG22 1 
ATOM   667  H  HG23 . ILE A 1 46 ? -1.265  -5.372  -2.535  1.00 0.00 ? 46 ILE A HG23 1 
ATOM   668  H  HD11 . ILE A 1 46 ? 2.761   -8.330  -2.028  1.00 0.00 ? 46 ILE A HD11 1 
ATOM   669  H  HD12 . ILE A 1 46 ? 1.404   -9.101  -2.942  1.00 0.00 ? 46 ILE A HD12 1 
ATOM   670  H  HD13 . ILE A 1 46 ? 2.566   -7.980  -3.781  1.00 0.00 ? 46 ILE A HD13 1 
ATOM   671  N  N    . ASP A 1 47 ? -2.815  -7.977  -4.375  1.00 0.00 ? 47 ASP A N    1 
ATOM   672  C  CA   . ASP A 1 47 ? -4.213  -7.815  -4.662  1.00 0.00 ? 47 ASP A CA   1 
ATOM   673  C  C    . ASP A 1 47 ? -4.943  -8.312  -3.443  1.00 0.00 ? 47 ASP A C    1 
ATOM   674  O  O    . ASP A 1 47 ? -4.362  -8.438  -2.368  1.00 0.00 ? 47 ASP A O    1 
ATOM   675  C  CB   . ASP A 1 47 ? -4.708  -8.397  -6.018  1.00 0.00 ? 47 ASP A CB   1 
ATOM   676  C  CG   . ASP A 1 47 ? -4.530  -9.915  -6.183  1.00 0.00 ? 47 ASP A CG   1 
ATOM   677  O  OD1  . ASP A 1 47 ? -3.363  -10.369 -6.318  1.00 0.00 ? 47 ASP A OD1  1 
ATOM   678  O  OD2  . ASP A 1 47 ? -5.565  -10.633 -6.175  1.00 0.00 ? 47 ASP A OD2  1 
ATOM   679  H  H    . ASP A 1 47 ? -2.591  -8.733  -3.763  1.00 0.00 ? 47 ASP A H    1 
ATOM   680  H  HA   . ASP A 1 47 ? -4.425  -6.763  -4.725  1.00 0.00 ? 47 ASP A HA   1 
ATOM   681  H  HB2  . ASP A 1 47 ? -5.767  -8.089  -6.153  1.00 0.00 ? 47 ASP A HB2  1 
ATOM   682  H  HB3  . ASP A 1 47 ? -4.147  -7.900  -6.841  1.00 0.00 ? 47 ASP A HB3  1 
ATOM   683  N  N    . LYS A 1 48 ? -6.259  -8.597  -3.595  1.00 0.00 ? 48 LYS A N    1 
ATOM   684  C  CA   . LYS A 1 48 ? -7.203  -8.975  -2.558  1.00 0.00 ? 48 LYS A CA   1 
ATOM   685  C  C    . LYS A 1 48 ? -6.892  -10.257 -1.802  1.00 0.00 ? 48 LYS A C    1 
ATOM   686  O  O    . LYS A 1 48 ? -7.477  -10.522 -0.752  1.00 0.00 ? 48 LYS A O    1 
ATOM   687  C  CB   . LYS A 1 48 ? -8.618  -9.118  -3.174  1.00 0.00 ? 48 LYS A CB   1 
ATOM   688  C  CG   . LYS A 1 48 ? -9.782  -8.839  -2.198  1.00 0.00 ? 48 LYS A CG   1 
ATOM   689  C  CD   . LYS A 1 48 ? -11.164 -9.311  -2.688  1.00 0.00 ? 48 LYS A CD   1 
ATOM   690  C  CE   . LYS A 1 48 ? -11.279 -10.840 -2.830  1.00 0.00 ? 48 LYS A CE   1 
ATOM   691  N  NZ   . LYS A 1 48 ? -12.618 -11.216 -3.277  1.00 0.00 ? 48 LYS A NZ   1 
ATOM   692  H  H    . LYS A 1 48 ? -6.668  -8.463  -4.493  1.00 0.00 ? 48 LYS A H    1 
ATOM   693  H  HA   . LYS A 1 48 ? -7.205  -8.162  -1.853  1.00 0.00 ? 48 LYS A HA   1 
ATOM   694  H  HB2  . LYS A 1 48 ? -8.717  -8.383  -4.006  1.00 0.00 ? 48 LYS A HB2  1 
ATOM   695  H  HB3  . LYS A 1 48 ? -8.732  -10.119 -3.645  1.00 0.00 ? 48 LYS A HB3  1 
ATOM   696  H  HG2  . LYS A 1 48 ? -9.588  -9.306  -1.210  1.00 0.00 ? 48 LYS A HG2  1 
ATOM   697  H  HG3  . LYS A 1 48 ? -9.818  -7.741  -2.036  1.00 0.00 ? 48 LYS A HG3  1 
ATOM   698  H  HD2  . LYS A 1 48 ? -11.927 -8.960  -1.952  1.00 0.00 ? 48 LYS A HD2  1 
ATOM   699  H  HD3  . LYS A 1 48 ? -11.394 -8.823  -3.660  1.00 0.00 ? 48 LYS A HD3  1 
ATOM   700  H  HE2  . LYS A 1 48 ? -10.556 -11.231 -3.577  1.00 0.00 ? 48 LYS A HE2  1 
ATOM   701  H  HE3  . LYS A 1 48 ? -11.090 -11.338 -1.854  1.00 0.00 ? 48 LYS A HE3  1 
ATOM   702  H  HZ1  . LYS A 1 48 ? -12.830 -10.736 -4.177  1.00 0.00 ? 48 LYS A HZ1  1 
ATOM   703  H  HZ2  . LYS A 1 48 ? -12.661 -12.246 -3.419  1.00 0.00 ? 48 LYS A HZ2  1 
ATOM   704  H  HZ3  . LYS A 1 48 ? -13.315 -10.931 -2.559  1.00 0.00 ? 48 LYS A HZ3  1 
ATOM   705  N  N    . ILE A 1 49 ? -5.965  -11.076 -2.343  1.00 0.00 ? 49 ILE A N    1 
ATOM   706  C  CA   . ILE A 1 49 ? -5.627  -12.387 -1.842  1.00 0.00 ? 49 ILE A CA   1 
ATOM   707  C  C    . ILE A 1 49 ? -4.166  -12.460 -1.499  1.00 0.00 ? 49 ILE A C    1 
ATOM   708  O  O    . ILE A 1 49 ? -3.787  -12.877 -0.404  1.00 0.00 ? 49 ILE A O    1 
ATOM   709  C  CB   . ILE A 1 49 ? -5.984  -13.474 -2.914  1.00 0.00 ? 49 ILE A CB   1 
ATOM   710  C  CG1  . ILE A 1 49 ? -7.501  -13.521 -3.240  1.00 0.00 ? 49 ILE A CG1  1 
ATOM   711  C  CG2  . ILE A 1 49 ? -5.417  -14.879 -2.615  1.00 0.00 ? 49 ILE A CG2  1 
ATOM   712  C  CD1  . ILE A 1 49 ? -8.415  -13.893 -2.062  1.00 0.00 ? 49 ILE A CD1  1 
ATOM   713  H  H    . ILE A 1 49 ? -5.503  -10.800 -3.180  1.00 0.00 ? 49 ILE A H    1 
ATOM   714  H  HA   . ILE A 1 49 ? -6.157  -12.594 -0.934  1.00 0.00 ? 49 ILE A HA   1 
ATOM   715  H  HB   . ILE A 1 49 ? -5.496  -13.152 -3.869  1.00 0.00 ? 49 ILE A HB   1 
ATOM   716  H  HG12 . ILE A 1 49 ? -7.822  -12.535 -3.642  1.00 0.00 ? 49 ILE A HG12 1 
ATOM   717  H  HG13 . ILE A 1 49 ? -7.663  -14.258 -4.058  1.00 0.00 ? 49 ILE A HG13 1 
ATOM   718  H  HG21 . ILE A 1 49 ? -5.735  -15.610 -3.388  1.00 0.00 ? 49 ILE A HG21 1 
ATOM   719  H  HG22 . ILE A 1 49 ? -4.304  -14.826 -2.622  1.00 0.00 ? 49 ILE A HG22 1 
ATOM   720  H  HG23 . ILE A 1 49 ? -5.748  -15.227 -1.616  1.00 0.00 ? 49 ILE A HG23 1 
ATOM   721  H  HD11 . ILE A 1 49 ? -9.472  -13.931 -2.400  1.00 0.00 ? 49 ILE A HD11 1 
ATOM   722  H  HD12 . ILE A 1 49 ? -8.144  -14.888 -1.653  1.00 0.00 ? 49 ILE A HD12 1 
ATOM   723  H  HD13 . ILE A 1 49 ? -8.339  -13.141 -1.249  1.00 0.00 ? 49 ILE A HD13 1 
ATOM   724  N  N    . ARG A 1 50 ? -3.329  -12.093 -2.490  1.00 0.00 ? 50 ARG A N    1 
ATOM   725  C  CA   . ARG A 1 50 ? -1.890  -12.233 -2.504  1.00 0.00 ? 50 ARG A CA   1 
ATOM   726  C  C    . ARG A 1 50 ? -1.149  -11.236 -1.665  1.00 0.00 ? 50 ARG A C    1 
ATOM   727  O  O    . ARG A 1 50 ? 0.072   -11.320 -1.546  1.00 0.00 ? 50 ARG A O    1 
ATOM   728  C  CB   . ARG A 1 50 ? -1.333  -12.199 -3.942  1.00 0.00 ? 50 ARG A CB   1 
ATOM   729  C  CG   . ARG A 1 50 ? -1.685  -13.462 -4.755  1.00 0.00 ? 50 ARG A CG   1 
ATOM   730  C  CD   . ARG A 1 50 ? -0.996  -13.506 -6.130  1.00 0.00 ? 50 ARG A CD   1 
ATOM   731  N  NE   . ARG A 1 50 ? -1.114  -14.906 -6.685  1.00 0.00 ? 50 ARG A NE   1 
ATOM   732  C  CZ   . ARG A 1 50 ? -0.407  -15.333 -7.782  1.00 0.00 ? 50 ARG A CZ   1 
ATOM   733  N  NH1  . ARG A 1 50 ? 0.676   -14.648 -8.252  1.00 0.00 ? 50 ARG A NH1  1 
ATOM   734  N  NH2  . ARG A 1 50 ? -0.778  -16.493 -8.401  1.00 0.00 ? 50 ARG A NH2  1 
ATOM   735  H  H    . ARG A 1 50 ? -3.740  -11.754 -3.326  1.00 0.00 ? 50 ARG A H    1 
ATOM   736  H  HA   . ARG A 1 50 ? -1.660  -13.206 -2.094  1.00 0.00 ? 50 ARG A HA   1 
ATOM   737  H  HB2  . ARG A 1 50 ? -1.719  -11.299 -4.468  1.00 0.00 ? 50 ARG A HB2  1 
ATOM   738  H  HB3  . ARG A 1 50 ? -0.222  -12.128 -3.927  1.00 0.00 ? 50 ARG A HB3  1 
ATOM   739  H  HG2  . ARG A 1 50 ? -1.364  -14.347 -4.161  1.00 0.00 ? 50 ARG A HG2  1 
ATOM   740  H  HG3  . ARG A 1 50 ? -2.787  -13.535 -4.887  1.00 0.00 ? 50 ARG A HG3  1 
ATOM   741  H  HD2  . ARG A 1 50 ? -1.478  -12.795 -6.833  1.00 0.00 ? 50 ARG A HD2  1 
ATOM   742  H  HD3  . ARG A 1 50 ? 0.081   -13.247 -6.021  1.00 0.00 ? 50 ARG A HD3  1 
ATOM   743  H  HE   . ARG A 1 50 ? -2.028  -15.305 -6.643  1.00 0.00 ? 50 ARG A HE   1 
ATOM   744  H  HH11 . ARG A 1 50 ? 0.964   -13.802 -7.804  1.00 0.00 ? 50 ARG A HH11 1 
ATOM   745  H  HH12 . ARG A 1 50 ? 1.192   -14.996 -9.032  1.00 0.00 ? 50 ARG A HH12 1 
ATOM   746  H  HH21 . ARG A 1 50 ? -1.560  -17.020 -8.063  1.00 0.00 ? 50 ARG A HH21 1 
ATOM   747  H  HH22 . ARG A 1 50 ? -0.275  -16.818 -9.202  1.00 0.00 ? 50 ARG A HH22 1 
ATOM   748  N  N    . ARG A 1 51 ? -1.881  -10.317 -0.990  1.00 0.00 ? 51 ARG A N    1 
ATOM   749  C  CA   . ARG A 1 51 ? -1.278  -9.304  -0.134  1.00 0.00 ? 51 ARG A CA   1 
ATOM   750  C  C    . ARG A 1 51 ? -0.800  -9.873  1.198   1.00 0.00 ? 51 ARG A C    1 
ATOM   751  O  O    . ARG A 1 51 ? -0.045  -9.224  1.921   1.00 0.00 ? 51 ARG A O    1 
ATOM   752  C  CB   . ARG A 1 51 ? -2.049  -7.967  -0.006  1.00 0.00 ? 51 ARG A CB   1 
ATOM   753  C  CG   . ARG A 1 51 ? -3.006  -7.761  1.187   1.00 0.00 ? 51 ARG A CG   1 
ATOM   754  C  CD   . ARG A 1 51 ? -4.167  -8.761  1.286   1.00 0.00 ? 51 ARG A CD   1 
ATOM   755  N  NE   . ARG A 1 51 ? -4.905  -8.460  2.565   1.00 0.00 ? 51 ARG A NE   1 
ATOM   756  C  CZ   . ARG A 1 51 ? -5.872  -9.282  3.079   1.00 0.00 ? 51 ARG A CZ   1 
ATOM   757  N  NH1  . ARG A 1 51 ? -5.974  -10.596 2.727   1.00 0.00 ? 51 ARG A NH1  1 
ATOM   758  N  NH2  . ARG A 1 51 ? -6.752  -8.772  3.994   1.00 0.00 ? 51 ARG A NH2  1 
ATOM   759  H  H    . ARG A 1 51 ? -2.855  -10.261 -1.209  1.00 0.00 ? 51 ARG A H    1 
ATOM   760  H  HA   . ARG A 1 51 ? -0.382  -9.012  -0.661  1.00 0.00 ? 51 ARG A HA   1 
ATOM   761  H  HB2  . ARG A 1 51 ? -1.282  -7.164  0.052   1.00 0.00 ? 51 ARG A HB2  1 
ATOM   762  H  HB3  . ARG A 1 51 ? -2.585  -7.772  -0.955  1.00 0.00 ? 51 ARG A HB3  1 
ATOM   763  H  HG2  . ARG A 1 51 ? -2.407  -7.794  2.124   1.00 0.00 ? 51 ARG A HG2  1 
ATOM   764  H  HG3  . ARG A 1 51 ? -3.422  -6.730  1.118   1.00 0.00 ? 51 ARG A HG3  1 
ATOM   765  H  HD2  . ARG A 1 51 ? -4.866  -8.641  0.431   1.00 0.00 ? 51 ARG A HD2  1 
ATOM   766  H  HD3  . ARG A 1 51 ? -3.789  -9.806  1.318   1.00 0.00 ? 51 ARG A HD3  1 
ATOM   767  H  HE   . ARG A 1 51 ? -5.114  -7.491  2.705   1.00 0.00 ? 51 ARG A HE   1 
ATOM   768  H  HH11 . ARG A 1 51 ? -5.315  -10.998 2.090   1.00 0.00 ? 51 ARG A HH11 1 
ATOM   769  H  HH12 . ARG A 1 51 ? -6.677  -11.171 3.146   1.00 0.00 ? 51 ARG A HH12 1 
ATOM   770  H  HH21 . ARG A 1 51 ? -6.684  -7.814  4.274   1.00 0.00 ? 51 ARG A HH21 1 
ATOM   771  H  HH22 . ARG A 1 51 ? -7.457  -9.359  4.390   1.00 0.00 ? 51 ARG A HH22 1 
ATOM   772  N  N    . LYS A 1 52 ? -1.239  -11.126 1.526   1.00 0.00 ? 52 LYS A N    1 
ATOM   773  C  CA   . LYS A 1 52 ? -0.891  -11.877 2.717   1.00 0.00 ? 52 LYS A CA   1 
ATOM   774  C  C    . LYS A 1 52 ? 0.443   -12.559 2.536   1.00 0.00 ? 52 LYS A C    1 
ATOM   775  O  O    . LYS A 1 52 ? 1.043   -13.038 3.498   1.00 0.00 ? 52 LYS A O    1 
ATOM   776  C  CB   . LYS A 1 52 ? -1.899  -13.001 3.071   1.00 0.00 ? 52 LYS A CB   1 
ATOM   777  C  CG   . LYS A 1 52 ? -3.296  -12.517 3.499   1.00 0.00 ? 52 LYS A CG   1 
ATOM   778  C  CD   . LYS A 1 52 ? -4.269  -13.668 3.841   1.00 0.00 ? 52 LYS A CD   1 
ATOM   779  C  CE   . LYS A 1 52 ? -3.857  -14.510 5.067   1.00 0.00 ? 52 LYS A CE   1 
ATOM   780  N  NZ   . LYS A 1 52 ? -4.811  -15.593 5.314   1.00 0.00 ? 52 LYS A NZ   1 
ATOM   781  H  H    . LYS A 1 52 ? -1.855  -11.617 0.921   1.00 0.00 ? 52 LYS A H    1 
ATOM   782  H  HA   . LYS A 1 52 ? -0.815  -11.182 3.530   1.00 0.00 ? 52 LYS A HA   1 
ATOM   783  H  HB2  . LYS A 1 52 ? -2.017  -13.683 2.197   1.00 0.00 ? 52 LYS A HB2  1 
ATOM   784  H  HB3  . LYS A 1 52 ? -1.496  -13.610 3.913   1.00 0.00 ? 52 LYS A HB3  1 
ATOM   785  H  HG2  . LYS A 1 52 ? -3.204  -11.846 4.380   1.00 0.00 ? 52 LYS A HG2  1 
ATOM   786  H  HG3  . LYS A 1 52 ? -3.729  -11.922 2.667   1.00 0.00 ? 52 LYS A HG3  1 
ATOM   787  H  HD2  . LYS A 1 52 ? -5.276  -13.233 4.032   1.00 0.00 ? 52 LYS A HD2  1 
ATOM   788  H  HD3  . LYS A 1 52 ? -4.364  -14.331 2.953   1.00 0.00 ? 52 LYS A HD3  1 
ATOM   789  H  HE2  . LYS A 1 52 ? -2.860  -14.977 4.922   1.00 0.00 ? 52 LYS A HE2  1 
ATOM   790  H  HE3  . LYS A 1 52 ? -3.827  -13.876 5.978   1.00 0.00 ? 52 LYS A HE3  1 
ATOM   791  H  HZ1  . LYS A 1 52 ? -5.781  -15.232 5.213   1.00 0.00 ? 52 LYS A HZ1  1 
ATOM   792  H  HZ2  . LYS A 1 52 ? -4.652  -16.360 4.629   1.00 0.00 ? 52 LYS A HZ2  1 
ATOM   793  H  HZ3  . LYS A 1 52 ? -4.674  -15.961 6.278   1.00 0.00 ? 52 LYS A HZ3  1 
ATOM   794  N  N    . ASN A 1 53 ? 0.928   -12.606 1.271   1.00 0.00 ? 53 ASN A N    1 
ATOM   795  C  CA   . ASN A 1 53 ? 2.165   -13.225 0.859   1.00 0.00 ? 53 ASN A CA   1 
ATOM   796  C  C    . ASN A 1 53 ? 3.289   -12.245 1.040   1.00 0.00 ? 53 ASN A C    1 
ATOM   797  O  O    . ASN A 1 53 ? 4.432   -12.647 1.245   1.00 0.00 ? 53 ASN A O    1 
ATOM   798  C  CB   . ASN A 1 53 ? 2.189   -13.669 -0.633  1.00 0.00 ? 53 ASN A CB   1 
ATOM   799  C  CG   . ASN A 1 53 ? 1.041   -14.641 -0.968  1.00 0.00 ? 53 ASN A CG   1 
ATOM   800  O  OD1  . ASN A 1 53 ? 0.481   -15.313 -0.092  1.00 0.00 ? 53 ASN A OD1  1 
ATOM   801  N  ND2  . ASN A 1 53 ? 0.699   -14.711 -2.290  1.00 0.00 ? 53 ASN A ND2  1 
ATOM   802  H  H    . ASN A 1 53 ? 0.409   -12.203 0.531   1.00 0.00 ? 53 ASN A H    1 
ATOM   803  H  HA   . ASN A 1 53 ? 2.335   -14.079 1.491   1.00 0.00 ? 53 ASN A HA   1 
ATOM   804  H  HB2  . ASN A 1 53 ? 2.139   -12.791 -1.316  1.00 0.00 ? 53 ASN A HB2  1 
ATOM   805  H  HB3  . ASN A 1 53 ? 3.147   -14.186 -0.864  1.00 0.00 ? 53 ASN A HB3  1 
ATOM   806  H  HD21 . ASN A 1 53 ? 1.175   -14.142 -2.961  1.00 0.00 ? 53 ASN A HD21 1 
ATOM   807  H  HD22 . ASN A 1 53 ? -0.042  -15.315 -2.585  1.00 0.00 ? 53 ASN A HD22 1 
ATOM   808  N  N    . CYS A 1 54 ? 2.978   -10.923 0.953   1.00 0.00 ? 54 CYS A N    1 
ATOM   809  C  CA   . CYS A 1 54 ? 3.982   -9.891  0.990   1.00 0.00 ? 54 CYS A CA   1 
ATOM   810  C  C    . CYS A 1 54 ? 3.290   -8.564  1.295   1.00 0.00 ? 54 CYS A C    1 
ATOM   811  O  O    . CYS A 1 54 ? 2.419   -8.161  0.526   1.00 0.00 ? 54 CYS A O    1 
ATOM   812  C  CB   . CYS A 1 54 ? 4.695   -9.861  -0.391  1.00 0.00 ? 54 CYS A CB   1 
ATOM   813  S  SG   . CYS A 1 54 ? 5.930   -8.578  -0.701  1.00 0.00 ? 54 CYS A SG   1 
ATOM   814  H  H    . CYS A 1 54 ? 2.043   -10.614 0.793   1.00 0.00 ? 54 CYS A H    1 
ATOM   815  H  HA   . CYS A 1 54 ? 4.705   -10.133 1.758   1.00 0.00 ? 54 CYS A HA   1 
ATOM   816  H  HB2  . CYS A 1 54 ? 5.244   -10.816 -0.501  1.00 0.00 ? 54 CYS A HB2  1 
ATOM   817  H  HB3  . CYS A 1 54 ? 3.928   -9.855  -1.194  1.00 0.00 ? 54 CYS A HB3  1 
ATOM   818  N  N    . PRO A 1 55 ? 3.709   -7.832  2.362   1.00 0.00 ? 55 PRO A N    1 
ATOM   819  C  CA   . PRO A 1 55 ? 3.303   -6.451  2.617   1.00 0.00 ? 55 PRO A CA   1 
ATOM   820  C  C    . PRO A 1 55 ? 4.406   -5.469  2.211   1.00 0.00 ? 55 PRO A C    1 
ATOM   821  O  O    . PRO A 1 55 ? 4.440   -4.366  2.753   1.00 0.00 ? 55 PRO A O    1 
ATOM   822  C  CB   . PRO A 1 55 ? 3.091   -6.452  4.125   1.00 0.00 ? 55 PRO A CB   1 
ATOM   823  C  CG   . PRO A 1 55 ? 4.203   -7.372  4.644   1.00 0.00 ? 55 PRO A CG   1 
ATOM   824  C  CD   . PRO A 1 55 ? 4.332   -8.437  3.544   1.00 0.00 ? 55 PRO A CD   1 
ATOM   825  H  HA   . PRO A 1 55 ? 2.393   -6.192  2.102   1.00 0.00 ? 55 PRO A HA   1 
ATOM   826  H  HB2  . PRO A 1 55 ? 3.116   -5.474  4.584   1.00 0.00 ? 55 PRO A HB2  1 
ATOM   827  H  HB3  . PRO A 1 55 ? 2.126   -6.894  4.354   1.00 0.00 ? 55 PRO A HB3  1 
ATOM   828  H  HG2  . PRO A 1 55 ? 5.131   -6.818  4.727   1.00 0.00 ? 55 PRO A HG2  1 
ATOM   829  H  HG3  . PRO A 1 55 ? 3.969   -7.799  5.608   1.00 0.00 ? 55 PRO A HG3  1 
ATOM   830  H  HD2  . PRO A 1 55 ? 5.369   -8.681  3.356   1.00 0.00 ? 55 PRO A HD2  1 
ATOM   831  H  HD3  . PRO A 1 55 ? 3.796   -9.336  3.829   1.00 0.00 ? 55 PRO A HD3  1 
ATOM   832  N  N    . ALA A 1 56 ? 5.334   -5.804  1.272   1.00 0.00 ? 56 ALA A N    1 
ATOM   833  C  CA   . ALA A 1 56 ? 6.462   -4.994  0.861   1.00 0.00 ? 56 ALA A CA   1 
ATOM   834  C  C    . ALA A 1 56 ? 6.113   -4.332  -0.436  1.00 0.00 ? 56 ALA A C    1 
ATOM   835  O  O    . ALA A 1 56 ? 6.247   -3.118  -0.564  1.00 0.00 ? 56 ALA A O    1 
ATOM   836  C  CB   . ALA A 1 56 ? 7.757   -5.790  0.671   1.00 0.00 ? 56 ALA A CB   1 
ATOM   837  H  H    . ALA A 1 56 ? 5.311   -6.688  0.823   1.00 0.00 ? 56 ALA A H    1 
ATOM   838  H  HA   . ALA A 1 56 ? 6.639   -4.247  1.612   1.00 0.00 ? 56 ALA A HA   1 
ATOM   839  H  HB1  . ALA A 1 56 ? 8.621   -5.113  0.485   1.00 0.00 ? 56 ALA A HB1  1 
ATOM   840  H  HB2  . ALA A 1 56 ? 7.955   -6.386  1.582   1.00 0.00 ? 56 ALA A HB2  1 
ATOM   841  H  HB3  . ALA A 1 56 ? 7.680   -6.502  -0.171  1.00 0.00 ? 56 ALA A HB3  1 
ATOM   842  N  N    . CYS A 1 57 ? 5.611   -5.138  -1.415  1.00 0.00 ? 57 CYS A N    1 
ATOM   843  C  CA   . CYS A 1 57 ? 5.114   -4.749  -2.715  1.00 0.00 ? 57 CYS A CA   1 
ATOM   844  C  C    . CYS A 1 57 ? 4.001   -3.751  -2.671  1.00 0.00 ? 57 CYS A C    1 
ATOM   845  O  O    . CYS A 1 57 ? 3.937   -2.881  -3.528  1.00 0.00 ? 57 CYS A O    1 
ATOM   846  C  CB   . CYS A 1 57 ? 4.621   -5.949  -3.545  1.00 0.00 ? 57 CYS A CB   1 
ATOM   847  S  SG   . CYS A 1 57 ? 5.947   -7.030  -4.167  1.00 0.00 ? 57 CYS A SG   1 
ATOM   848  H  H    . CYS A 1 57 ? 5.555   -6.124  -1.292  1.00 0.00 ? 57 CYS A H    1 
ATOM   849  H  HA   . CYS A 1 57 ? 5.928   -4.261  -3.219  1.00 0.00 ? 57 CYS A HA   1 
ATOM   850  H  HB2  . CYS A 1 57 ? 3.962   -6.552  -2.888  1.00 0.00 ? 57 CYS A HB2  1 
ATOM   851  H  HB3  . CYS A 1 57 ? 3.983   -5.602  -4.371  1.00 0.00 ? 57 CYS A HB3  1 
ATOM   852  N  N    . ARG A 1 58 ? 3.142   -3.844  -1.632  1.00 0.00 ? 58 ARG A N    1 
ATOM   853  C  CA   . ARG A 1 58 ? 2.032   -2.965  -1.328  1.00 0.00 ? 58 ARG A CA   1 
ATOM   854  C  C    . ARG A 1 58 ? 2.469   -1.545  -1.089  1.00 0.00 ? 58 ARG A C    1 
ATOM   855  O  O    . ARG A 1 58 ? 1.732   -0.612  -1.393  1.00 0.00 ? 58 ARG A O    1 
ATOM   856  C  CB   . ARG A 1 58 ? 1.231   -3.333  -0.054  1.00 0.00 ? 58 ARG A CB   1 
ATOM   857  C  CG   . ARG A 1 58 ? 0.911   -4.824  0.115   1.00 0.00 ? 58 ARG A CG   1 
ATOM   858  C  CD   . ARG A 1 58 ? -0.116  -5.199  1.209   1.00 0.00 ? 58 ARG A CD   1 
ATOM   859  N  NE   . ARG A 1 58 ? -0.070  -4.273  2.397   1.00 0.00 ? 58 ARG A NE   1 
ATOM   860  C  CZ   . ARG A 1 58 ? -0.786  -4.559  3.531   1.00 0.00 ? 58 ARG A CZ   1 
ATOM   861  N  NH1  . ARG A 1 58 ? -0.989  -5.843  3.949   1.00 0.00 ? 58 ARG A NH1  1 
ATOM   862  N  NH2  . ARG A 1 58 ? -1.311  -3.531  4.262   1.00 0.00 ? 58 ARG A NH2  1 
ATOM   863  H  H    . ARG A 1 58 ? 3.240   -4.629  -1.045  1.00 0.00 ? 58 ARG A H    1 
ATOM   864  H  HA   . ARG A 1 58 ? 1.399   -3.006  -2.197  1.00 0.00 ? 58 ARG A HA   1 
ATOM   865  H  HB2  . ARG A 1 58 ? 1.806   -3.047  0.854   1.00 0.00 ? 58 ARG A HB2  1 
ATOM   866  H  HB3  . ARG A 1 58 ? 0.276   -2.759  -0.045  1.00 0.00 ? 58 ARG A HB3  1 
ATOM   867  H  HG2  . ARG A 1 58 ? 0.491   -5.189  -0.834  1.00 0.00 ? 58 ARG A HG2  1 
ATOM   868  H  HG3  . ARG A 1 58 ? 1.866   -5.364  0.273   1.00 0.00 ? 58 ARG A HG3  1 
ATOM   869  H  HD2  . ARG A 1 58 ? -1.142  -5.125  0.787   1.00 0.00 ? 58 ARG A HD2  1 
ATOM   870  H  HD3  . ARG A 1 58 ? 0.070   -6.244  1.541   1.00 0.00 ? 58 ARG A HD3  1 
ATOM   871  H  HE   . ARG A 1 58 ? -0.109  -3.305  2.145   1.00 0.00 ? 58 ARG A HE   1 
ATOM   872  H  HH11 . ARG A 1 58 ? -0.606  -6.604  3.427   1.00 0.00 ? 58 ARG A HH11 1 
ATOM   873  H  HH12 . ARG A 1 58 ? -1.512  -6.018  4.784   1.00 0.00 ? 58 ARG A HH12 1 
ATOM   874  H  HH21 . ARG A 1 58 ? -1.173  -2.586  3.964   1.00 0.00 ? 58 ARG A HH21 1 
ATOM   875  H  HH22 . ARG A 1 58 ? -1.839  -3.723  5.089   1.00 0.00 ? 58 ARG A HH22 1 
ATOM   876  N  N    . TYR A 1 59 ? 3.699   -1.364  -0.527  1.00 0.00 ? 59 TYR A N    1 
ATOM   877  C  CA   . TYR A 1 59 ? 4.262   -0.060  -0.215  1.00 0.00 ? 59 TYR A CA   1 
ATOM   878  C  C    . TYR A 1 59 ? 4.720   0.572   -1.514  1.00 0.00 ? 59 TYR A C    1 
ATOM   879  O  O    . TYR A 1 59 ? 4.508   1.760   -1.744  1.00 0.00 ? 59 TYR A O    1 
ATOM   880  C  CB   . TYR A 1 59 ? 5.421   -0.165  0.809   1.00 0.00 ? 59 TYR A CB   1 
ATOM   881  C  CG   . TYR A 1 59 ? 6.005   1.174   1.249   1.00 0.00 ? 59 TYR A CG   1 
ATOM   882  C  CD1  . TYR A 1 59 ? 5.188   2.231   1.705   1.00 0.00 ? 59 TYR A CD1  1 
ATOM   883  C  CD2  . TYR A 1 59 ? 7.398   1.374   1.212   1.00 0.00 ? 59 TYR A CD2  1 
ATOM   884  C  CE1  . TYR A 1 59 ? 5.750   3.454   2.099   1.00 0.00 ? 59 TYR A CE1  1 
ATOM   885  C  CE2  . TYR A 1 59 ? 7.961   2.592   1.609   1.00 0.00 ? 59 TYR A CE2  1 
ATOM   886  C  CZ   . TYR A 1 59 ? 7.137   3.634   2.052   1.00 0.00 ? 59 TYR A CZ   1 
ATOM   887  O  OH   . TYR A 1 59 ? 7.703   4.866   2.452   1.00 0.00 ? 59 TYR A OH   1 
ATOM   888  H  H    . TYR A 1 59 ? 4.281   -2.151  -0.291  1.00 0.00 ? 59 TYR A H    1 
ATOM   889  H  HA   . TYR A 1 59 ? 3.476   0.546   0.212   1.00 0.00 ? 59 TYR A HA   1 
ATOM   890  H  HB2  . TYR A 1 59 ? 5.051   -0.704  1.708   1.00 0.00 ? 59 TYR A HB2  1 
ATOM   891  H  HB3  . TYR A 1 59 ? 6.245   -0.779  0.383   1.00 0.00 ? 59 TYR A HB3  1 
ATOM   892  H  HD1  . TYR A 1 59 ? 4.117   2.105   1.753   1.00 0.00 ? 59 TYR A HD1  1 
ATOM   893  H  HD2  . TYR A 1 59 ? 8.047   0.581   0.869   1.00 0.00 ? 59 TYR A HD2  1 
ATOM   894  H  HE1  . TYR A 1 59 ? 5.119   4.262   2.444   1.00 0.00 ? 59 TYR A HE1  1 
ATOM   895  H  HE2  . TYR A 1 59 ? 9.033   2.725   1.572   1.00 0.00 ? 59 TYR A HE2  1 
ATOM   896  H  HH   . TYR A 1 59 ? 8.656   4.800   2.353   1.00 0.00 ? 59 TYR A HH   1 
ATOM   897  N  N    . ARG A 1 60 ? 5.289   -0.265  -2.418  1.00 0.00 ? 60 ARG A N    1 
ATOM   898  C  CA   . ARG A 1 60 ? 5.784   0.103   -3.730  1.00 0.00 ? 60 ARG A CA   1 
ATOM   899  C  C    . ARG A 1 60 ? 4.658   0.449   -4.678  1.00 0.00 ? 60 ARG A C    1 
ATOM   900  O  O    . ARG A 1 60 ? 4.769   1.367   -5.488  1.00 0.00 ? 60 ARG A O    1 
ATOM   901  C  CB   . ARG A 1 60 ? 6.695   -0.977  -4.362  1.00 0.00 ? 60 ARG A CB   1 
ATOM   902  C  CG   . ARG A 1 60 ? 7.777   -1.506  -3.395  1.00 0.00 ? 60 ARG A CG   1 
ATOM   903  C  CD   . ARG A 1 60 ? 8.818   -2.454  -4.031  1.00 0.00 ? 60 ARG A CD   1 
ATOM   904  N  NE   . ARG A 1 60 ? 10.131  -1.747  -4.285  1.00 0.00 ? 60 ARG A NE   1 
ATOM   905  C  CZ   . ARG A 1 60 ? 10.326  -0.841  -5.297  1.00 0.00 ? 60 ARG A CZ   1 
ATOM   906  N  NH1  . ARG A 1 60 ? 9.542   -0.818  -6.414  1.00 0.00 ? 60 ARG A NH1  1 
ATOM   907  N  NH2  . ARG A 1 60 ? 11.351  0.056   -5.185  1.00 0.00 ? 60 ARG A NH2  1 
ATOM   908  H  H    . ARG A 1 60 ? 5.492   -1.204  -2.150  1.00 0.00 ? 60 ARG A H    1 
ATOM   909  H  HA   . ARG A 1 60 ? 6.364   0.994   -3.597  1.00 0.00 ? 60 ARG A HA   1 
ATOM   910  H  HB2  . ARG A 1 60 ? 6.088   -1.845  -4.702  1.00 0.00 ? 60 ARG A HB2  1 
ATOM   911  H  HB3  . ARG A 1 60 ? 7.183   -0.546  -5.262  1.00 0.00 ? 60 ARG A HB3  1 
ATOM   912  H  HG2  . ARG A 1 60 ? 8.282   -0.655  -2.890  1.00 0.00 ? 60 ARG A HG2  1 
ATOM   913  H  HG3  . ARG A 1 60 ? 7.258   -2.082  -2.597  1.00 0.00 ? 60 ARG A HG3  1 
ATOM   914  H  HD2  . ARG A 1 60 ? 9.044   -3.277  -3.319  1.00 0.00 ? 60 ARG A HD2  1 
ATOM   915  H  HD3  . ARG A 1 60 ? 8.441   -2.899  -4.973  1.00 0.00 ? 60 ARG A HD3  1 
ATOM   916  H  HE   . ARG A 1 60 ? 10.629  -1.501  -3.454  1.00 0.00 ? 60 ARG A HE   1 
ATOM   917  H  HH11 . ARG A 1 60 ? 8.777   -1.457  -6.501  1.00 0.00 ? 60 ARG A HH11 1 
ATOM   918  H  HH12 . ARG A 1 60 ? 9.707   -0.134  -7.124  1.00 0.00 ? 60 ARG A HH12 1 
ATOM   919  H  HH21 . ARG A 1 60 ? 11.934  0.051   -4.371  1.00 0.00 ? 60 ARG A HH21 1 
ATOM   920  H  HH22 . ARG A 1 60 ? 11.511  0.728   -5.908  1.00 0.00 ? 60 ARG A HH22 1 
ATOM   921  N  N    . LYS A 1 61 ? 3.529   -0.292  -4.538  1.00 0.00 ? 61 LYS A N    1 
ATOM   922  C  CA   . LYS A 1 61 ? 2.333   -0.259  -5.343  1.00 0.00 ? 61 LYS A CA   1 
ATOM   923  C  C    . LYS A 1 61 ? 1.538   0.991   -5.110  1.00 0.00 ? 61 LYS A C    1 
ATOM   924  O  O    . LYS A 1 61 ? 1.173   1.684   -6.056  1.00 0.00 ? 61 LYS A O    1 
ATOM   925  C  CB   . LYS A 1 61 ? 1.516   -1.543  -5.084  1.00 0.00 ? 61 LYS A CB   1 
ATOM   926  C  CG   . LYS A 1 61 ? 0.230   -1.745  -5.900  1.00 0.00 ? 61 LYS A CG   1 
ATOM   927  C  CD   . LYS A 1 61 ? 0.393   -2.467  -7.251  1.00 0.00 ? 61 LYS A CD   1 
ATOM   928  C  CE   . LYS A 1 61 ? 1.291   -1.747  -8.268  1.00 0.00 ? 61 LYS A CE   1 
ATOM   929  N  NZ   . LYS A 1 61 ? 1.298   -2.463  -9.545  1.00 0.00 ? 61 LYS A NZ   1 
ATOM   930  H  H    . LYS A 1 61 ? 3.517   -1.054  -3.890  1.00 0.00 ? 61 LYS A H    1 
ATOM   931  H  HA   . LYS A 1 61 ? 2.656   -0.206  -6.362  1.00 0.00 ? 61 LYS A HA   1 
ATOM   932  H  HB2  . LYS A 1 61 ? 2.173   -2.423  -5.263  1.00 0.00 ? 61 LYS A HB2  1 
ATOM   933  H  HB3  . LYS A 1 61 ? 1.253   -1.576  -4.005  1.00 0.00 ? 61 LYS A HB3  1 
ATOM   934  H  HG2  . LYS A 1 61 ? -0.428  -2.376  -5.267  1.00 0.00 ? 61 LYS A HG2  1 
ATOM   935  H  HG3  . LYS A 1 61 ? -0.286  -0.775  -6.044  1.00 0.00 ? 61 LYS A HG3  1 
ATOM   936  H  HD2  . LYS A 1 61 ? 0.797   -3.487  -7.063  1.00 0.00 ? 61 LYS A HD2  1 
ATOM   937  H  HD3  . LYS A 1 61 ? -0.623  -2.597  -7.691  1.00 0.00 ? 61 LYS A HD3  1 
ATOM   938  H  HE2  . LYS A 1 61 ? 0.925   -0.717  -8.460  1.00 0.00 ? 61 LYS A HE2  1 
ATOM   939  H  HE3  . LYS A 1 61 ? 2.339   -1.704  -7.910  1.00 0.00 ? 61 LYS A HE3  1 
ATOM   940  H  HZ1  . LYS A 1 61 ? 1.897   -1.958  -10.227 1.00 0.00 ? 61 LYS A HZ1  1 
ATOM   941  H  HZ2  . LYS A 1 61 ? 1.669   -3.423  -9.397  1.00 0.00 ? 61 LYS A HZ2  1 
ATOM   942  H  HZ3  . LYS A 1 61 ? 0.326   -2.523  -9.912  1.00 0.00 ? 61 LYS A HZ3  1 
ATOM   943  N  N    . CYS A 1 62 ? 1.307   1.314   -3.815  1.00 0.00 ? 62 CYS A N    1 
ATOM   944  C  CA   . CYS A 1 62 ? 0.588   2.476   -3.330  1.00 0.00 ? 62 CYS A CA   1 
ATOM   945  C  C    . CYS A 1 62 ? 1.294   3.766   -3.700  1.00 0.00 ? 62 CYS A C    1 
ATOM   946  O  O    . CYS A 1 62 ? 0.651   4.757   -4.036  1.00 0.00 ? 62 CYS A O    1 
ATOM   947  C  CB   . CYS A 1 62 ? 0.200   2.374   -1.825  1.00 0.00 ? 62 CYS A CB   1 
ATOM   948  S  SG   . CYS A 1 62 ? 1.506   2.654   -0.577  1.00 0.00 ? 62 CYS A SG   1 
ATOM   949  H  H    . CYS A 1 62 ? 1.578   0.664   -3.116  1.00 0.00 ? 62 CYS A H    1 
ATOM   950  H  HA   . CYS A 1 62 ? -0.342  2.477   -3.878  1.00 0.00 ? 62 CYS A HA   1 
ATOM   951  H  HB2  . CYS A 1 62 ? -0.653  3.051   -1.629  1.00 0.00 ? 62 CYS A HB2  1 
ATOM   952  H  HB3  . CYS A 1 62 ? -0.199  1.354   -1.661  1.00 0.00 ? 62 CYS A HB3  1 
ATOM   953  H  HG   . CYS A 1 62 ? 1.790   3.901   -0.952  1.00 0.00 ? 62 CYS A HG   1 
ATOM   954  N  N    . LEU A 1 63 ? 2.657   3.729   -3.716  1.00 0.00 ? 63 LEU A N    1 
ATOM   955  C  CA   . LEU A 1 63 ? 3.543   4.821   -4.069  1.00 0.00 ? 63 LEU A CA   1 
ATOM   956  C  C    . LEU A 1 63 ? 3.452   5.120   -5.547  1.00 0.00 ? 63 LEU A C    1 
ATOM   957  O  O    . LEU A 1 63 ? 3.421   6.290   -5.932  1.00 0.00 ? 63 LEU A O    1 
ATOM   958  C  CB   . LEU A 1 63 ? 5.011   4.599   -3.637  1.00 0.00 ? 63 LEU A CB   1 
ATOM   959  C  CG   . LEU A 1 63 ? 5.275   4.864   -2.132  1.00 0.00 ? 63 LEU A CG   1 
ATOM   960  C  CD1  . LEU A 1 63 ? 6.658   4.336   -1.705  1.00 0.00 ? 63 LEU A CD1  1 
ATOM   961  C  CD2  . LEU A 1 63 ? 5.118   6.353   -1.758  1.00 0.00 ? 63 LEU A CD2  1 
ATOM   962  H  H    . LEU A 1 63 ? 3.125   2.921   -3.373  1.00 0.00 ? 63 LEU A H    1 
ATOM   963  H  HA   . LEU A 1 63 ? 3.159   5.693   -3.566  1.00 0.00 ? 63 LEU A HA   1 
ATOM   964  H  HB2  . LEU A 1 63 ? 5.296   3.552   -3.879  1.00 0.00 ? 63 LEU A HB2  1 
ATOM   965  H  HB3  . LEU A 1 63 ? 5.695   5.262   -4.213  1.00 0.00 ? 63 LEU A HB3  1 
ATOM   966  H  HG   . LEU A 1 63 ? 4.515   4.300   -1.544  1.00 0.00 ? 63 LEU A HG   1 
ATOM   967  H  HD11 . LEU A 1 63 ? 6.818   4.510   -0.620  1.00 0.00 ? 63 LEU A HD11 1 
ATOM   968  H  HD12 . LEU A 1 63 ? 6.741   3.246   -1.899  1.00 0.00 ? 63 LEU A HD12 1 
ATOM   969  H  HD13 . LEU A 1 63 ? 7.464   4.857   -2.264  1.00 0.00 ? 63 LEU A HD13 1 
ATOM   970  H  HD21 . LEU A 1 63 ? 5.378   6.515   -0.691  1.00 0.00 ? 63 LEU A HD21 1 
ATOM   971  H  HD22 . LEU A 1 63 ? 5.790   6.982   -2.378  1.00 0.00 ? 63 LEU A HD22 1 
ATOM   972  H  HD23 . LEU A 1 63 ? 4.074   6.694   -1.910  1.00 0.00 ? 63 LEU A HD23 1 
ATOM   973  N  N    . GLN A 1 64 ? 3.336   4.057   -6.403  1.00 0.00 ? 64 GLN A N    1 
ATOM   974  C  CA   . GLN A 1 64 ? 3.182   4.153   -7.850  1.00 0.00 ? 64 GLN A CA   1 
ATOM   975  C  C    . GLN A 1 64 ? 1.851   4.774   -8.206  1.00 0.00 ? 64 GLN A C    1 
ATOM   976  O  O    . GLN A 1 64 ? 1.734   5.514   -9.183  1.00 0.00 ? 64 GLN A O    1 
ATOM   977  C  CB   . GLN A 1 64 ? 3.324   2.805   -8.595  1.00 0.00 ? 64 GLN A CB   1 
ATOM   978  C  CG   . GLN A 1 64 ? 4.791   2.387   -8.832  1.00 0.00 ? 64 GLN A CG   1 
ATOM   979  C  CD   . GLN A 1 64 ? 4.831   0.965   -9.411  1.00 0.00 ? 64 GLN A CD   1 
ATOM   980  O  OE1  . GLN A 1 64 ? 4.685   -0.019  -8.673  1.00 0.00 ? 64 GLN A OE1  1 
ATOM   981  N  NE2  . GLN A 1 64 ? 5.019   0.870   -10.764 1.00 0.00 ? 64 GLN A NE2  1 
ATOM   982  H  H    . GLN A 1 64 ? 3.422   3.118   -6.073  1.00 0.00 ? 64 GLN A H    1 
ATOM   983  H  HA   . GLN A 1 64 ? 3.944   4.826   -8.196  1.00 0.00 ? 64 GLN A HA   1 
ATOM   984  H  HB2  . GLN A 1 64 ? 2.789   2.021   -8.016  1.00 0.00 ? 64 GLN A HB2  1 
ATOM   985  H  HB3  . GLN A 1 64 ? 2.836   2.860   -9.597  1.00 0.00 ? 64 GLN A HB3  1 
ATOM   986  H  HG2  . GLN A 1 64 ? 5.280   3.108   -9.525  1.00 0.00 ? 64 GLN A HG2  1 
ATOM   987  H  HG3  . GLN A 1 64 ? 5.357   2.401   -7.877  1.00 0.00 ? 64 GLN A HG3  1 
ATOM   988  H  HE21 . GLN A 1 64 ? 5.122   1.696   -11.321 1.00 0.00 ? 64 GLN A HE21 1 
ATOM   989  H  HE22 . GLN A 1 64 ? 5.045   -0.025  -11.207 1.00 0.00 ? 64 GLN A HE22 1 
ATOM   990  N  N    . ALA A 1 65 ? 0.838   4.498   -7.345  1.00 0.00 ? 65 ALA A N    1 
ATOM   991  C  CA   . ALA A 1 65 ? -0.539  4.947   -7.433  1.00 0.00 ? 65 ALA A CA   1 
ATOM   992  C  C    . ALA A 1 65 ? -0.652  6.440   -7.247  1.00 0.00 ? 65 ALA A C    1 
ATOM   993  O  O    . ALA A 1 65 ? -1.491  7.091   -7.867  1.00 0.00 ? 65 ALA A O    1 
ATOM   994  C  CB   . ALA A 1 65 ? -1.489  4.188   -6.494  1.00 0.00 ? 65 ALA A CB   1 
ATOM   995  H  H    . ALA A 1 65 ? 1.031   3.851   -6.613  1.00 0.00 ? 65 ALA A H    1 
ATOM   996  H  HA   . ALA A 1 65 ? -0.848  4.742   -8.438  1.00 0.00 ? 65 ALA A HA   1 
ATOM   997  H  HB1  . ALA A 1 65 ? -2.542  4.330   -6.815  1.00 0.00 ? 65 ALA A HB1  1 
ATOM   998  H  HB2  . ALA A 1 65 ? -1.274  3.099   -6.538  1.00 0.00 ? 65 ALA A HB2  1 
ATOM   999  H  HB3  . ALA A 1 65 ? -1.389  4.516   -5.440  1.00 0.00 ? 65 ALA A HB3  1 
ATOM   1000 N  N    . GLY A 1 66 ? 0.231   6.990   -6.380  1.00 0.00 ? 66 GLY A N    1 
ATOM   1001 C  CA   . GLY A 1 66 ? 0.382   8.407   -6.136  1.00 0.00 ? 66 GLY A CA   1 
ATOM   1002 C  C    . GLY A 1 66 ? 0.145   8.770   -4.706  1.00 0.00 ? 66 GLY A C    1 
ATOM   1003 O  O    . GLY A 1 66 ? -0.147  9.933   -4.423  1.00 0.00 ? 66 GLY A O    1 
ATOM   1004 H  H    . GLY A 1 66 ? 0.871   6.388   -5.912  1.00 0.00 ? 66 GLY A H    1 
ATOM   1005 H  HA2  . GLY A 1 66 ? 1.409   8.645   -6.370  1.00 0.00 ? 66 GLY A HA2  1 
ATOM   1006 H  HA3  . GLY A 1 66 ? -0.321  8.968   -6.738  1.00 0.00 ? 66 GLY A HA3  1 
ATOM   1007 N  N    . MET A 1 67 ? 0.291   7.801   -3.752  1.00 0.00 ? 67 MET A N    1 
ATOM   1008 C  CA   . MET A 1 67 ? 0.031   8.005   -2.325  1.00 0.00 ? 67 MET A CA   1 
ATOM   1009 C  C    . MET A 1 67 ? 1.050   8.950   -1.738  1.00 0.00 ? 67 MET A C    1 
ATOM   1010 O  O    . MET A 1 67 ? 2.218   8.919   -2.128  1.00 0.00 ? 67 MET A O    1 
ATOM   1011 C  CB   . MET A 1 67 ? 0.046   6.718   -1.465  1.00 0.00 ? 67 MET A CB   1 
ATOM   1012 C  CG   . MET A 1 67 ? -1.219  5.843   -1.567  1.00 0.00 ? 67 MET A CG   1 
ATOM   1013 S  SD   . MET A 1 67 ? -2.669  6.554   -0.712  1.00 0.00 ? 67 MET A SD   1 
ATOM   1014 C  CE   . MET A 1 67 ? -2.341  6.084   1.012   1.00 0.00 ? 67 MET A CE   1 
ATOM   1015 H  H    . MET A 1 67 ? 0.484   6.862   -4.028  1.00 0.00 ? 67 MET A H    1 
ATOM   1016 H  HA   . MET A 1 67 ? -0.954  8.444   -2.246  1.00 0.00 ? 67 MET A HA   1 
ATOM   1017 H  HB2  . MET A 1 67 ? 0.927   6.107   -1.760  1.00 0.00 ? 67 MET A HB2  1 
ATOM   1018 H  HB3  . MET A 1 67 ? 0.179   6.962   -0.387  1.00 0.00 ? 67 MET A HB3  1 
ATOM   1019 H  HG2  . MET A 1 67 ? -1.449  5.633   -2.632  1.00 0.00 ? 67 MET A HG2  1 
ATOM   1020 H  HG3  . MET A 1 67 ? -0.990  4.878   -1.077  1.00 0.00 ? 67 MET A HG3  1 
ATOM   1021 H  HE1  . MET A 1 67 ? -1.989  5.030   1.081   1.00 0.00 ? 67 MET A HE1  1 
ATOM   1022 H  HE2  . MET A 1 67 ? -3.263  6.160   1.630   1.00 0.00 ? 67 MET A HE2  1 
ATOM   1023 H  HE3  . MET A 1 67 ? -1.577  6.768   1.444   1.00 0.00 ? 67 MET A HE3  1 
ATOM   1024 N  N    . ASN A 1 68 ? 0.618   9.820   -0.793  1.00 0.00 ? 68 ASN A N    1 
ATOM   1025 C  CA   . ASN A 1 68 ? 1.532   10.753  -0.180  1.00 0.00 ? 68 ASN A CA   1 
ATOM   1026 C  C    . ASN A 1 68 ? 0.784   11.220  1.014   1.00 0.00 ? 68 ASN A C    1 
ATOM   1027 O  O    . ASN A 1 68 ? -0.353  11.667  0.920   1.00 0.00 ? 68 ASN A O    1 
ATOM   1028 C  CB   . ASN A 1 68 ? 1.962   11.968  -1.066  1.00 0.00 ? 68 ASN A CB   1 
ATOM   1029 C  CG   . ASN A 1 68 ? 3.336   12.617  -0.757  1.00 0.00 ? 68 ASN A CG   1 
ATOM   1030 O  OD1  . ASN A 1 68 ? 3.719   13.552  -1.472  1.00 0.00 ? 68 ASN A OD1  1 
ATOM   1031 N  ND2  . ASN A 1 68 ? 4.068   12.141  0.295   1.00 0.00 ? 68 ASN A ND2  1 
ATOM   1032 H  H    . ASN A 1 68 ? -0.327  9.838   -0.450  1.00 0.00 ? 68 ASN A H    1 
ATOM   1033 H  HA   . ASN A 1 68 ? 2.391   10.185  0.153   1.00 0.00 ? 68 ASN A HA   1 
ATOM   1034 H  HB2  . ASN A 1 68 ? 1.971   11.633  -2.122  1.00 0.00 ? 68 ASN A HB2  1 
ATOM   1035 H  HB3  . ASN A 1 68 ? 1.210   12.777  -1.030  1.00 0.00 ? 68 ASN A HB3  1 
ATOM   1036 H  HD21 . ASN A 1 68 ? 3.716   11.383  0.844   1.00 0.00 ? 68 ASN A HD21 1 
ATOM   1037 H  HD22 . ASN A 1 68 ? 4.955   12.548  0.515   1.00 0.00 ? 68 ASN A HD22 1 
ATOM   1038 N  N    . LEU A 1 69 ? 1.451   11.143  2.186   1.00 0.00 ? 69 LEU A N    1 
ATOM   1039 C  CA   . LEU A 1 69 ? 0.935   11.426  3.511   1.00 0.00 ? 69 LEU A CA   1 
ATOM   1040 C  C    . LEU A 1 69 ? 1.103   12.903  3.821   1.00 0.00 ? 69 LEU A C    1 
ATOM   1041 O  O    . LEU A 1 69 ? 0.999   13.371  4.954   1.00 0.00 ? 69 LEU A O    1 
ATOM   1042 C  CB   . LEU A 1 69 ? 1.584   10.399  4.484   1.00 0.00 ? 69 LEU A CB   1 
ATOM   1043 C  CG   . LEU A 1 69 ? 1.630   10.642  6.013   1.00 0.00 ? 69 LEU A CG   1 
ATOM   1044 C  CD1  . LEU A 1 69 ? 0.242   10.554  6.663   1.00 0.00 ? 69 LEU A CD1  1 
ATOM   1045 C  CD2  . LEU A 1 69 ? 2.629   9.675   6.676   1.00 0.00 ? 69 LEU A CD2  1 
ATOM   1046 H  H    . LEU A 1 69 ? 2.379   10.794  2.165   1.00 0.00 ? 69 LEU A H    1 
ATOM   1047 H  HA   . LEU A 1 69 ? -0.120  11.241  3.469   1.00 0.00 ? 69 LEU A HA   1 
ATOM   1048 H  HB2  . LEU A 1 69 ? 1.045   9.428   4.316   1.00 0.00 ? 69 LEU A HB2  1 
ATOM   1049 H  HB3  . LEU A 1 69 ? 2.633   10.249  4.142   1.00 0.00 ? 69 LEU A HB3  1 
ATOM   1050 H  HG   . LEU A 1 69 ? 2.037   11.658  6.208   1.00 0.00 ? 69 LEU A HG   1 
ATOM   1051 H  HD11 . LEU A 1 69 ? 0.307   10.757  7.753   1.00 0.00 ? 69 LEU A HD11 1 
ATOM   1052 H  HD12 . LEU A 1 69 ? -0.446  11.299  6.211   1.00 0.00 ? 69 LEU A HD12 1 
ATOM   1053 H  HD13 . LEU A 1 69 ? -0.184  9.538   6.521   1.00 0.00 ? 69 LEU A HD13 1 
ATOM   1054 H  HD21 . LEU A 1 69 ? 2.619   9.789   7.780   1.00 0.00 ? 69 LEU A HD21 1 
ATOM   1055 H  HD22 . LEU A 1 69 ? 2.380   8.626   6.419   1.00 0.00 ? 69 LEU A HD22 1 
ATOM   1056 H  HD23 . LEU A 1 69 ? 3.658   9.884   6.315   1.00 0.00 ? 69 LEU A HD23 1 
ATOM   1057 N  N    . GLU A 1 70 ? 1.325   13.659  2.731   1.00 0.00 ? 70 GLU A N    1 
ATOM   1058 C  CA   . GLU A 1 70 ? 1.455   15.077  2.607   1.00 0.00 ? 70 GLU A CA   1 
ATOM   1059 C  C    . GLU A 1 70 ? 1.130   15.291  1.152   1.00 0.00 ? 70 GLU A C    1 
ATOM   1060 O  O    . GLU A 1 70 ? 1.949   15.749  0.355   1.00 0.00 ? 70 GLU A O    1 
ATOM   1061 C  CB   . GLU A 1 70 ? 2.842   15.669  2.943   1.00 0.00 ? 70 GLU A CB   1 
ATOM   1062 C  CG   . GLU A 1 70 ? 3.306   15.425  4.395   1.00 0.00 ? 70 GLU A CG   1 
ATOM   1063 C  CD   . GLU A 1 70 ? 4.594   16.194  4.703   1.00 0.00 ? 70 GLU A CD   1 
ATOM   1064 O  OE1  . GLU A 1 70 ? 5.623   15.930  4.025   1.00 0.00 ? 70 GLU A OE1  1 
ATOM   1065 O  OE2  . GLU A 1 70 ? 4.564   17.051  5.627   1.00 0.00 ? 70 GLU A OE2  1 
ATOM   1066 H  H    . GLU A 1 70 ? 1.358   13.171  1.868   1.00 0.00 ? 70 GLU A H    1 
ATOM   1067 H  HA   . GLU A 1 70 ? 0.681   15.535  3.202   1.00 0.00 ? 70 GLU A HA   1 
ATOM   1068 H  HB2  . GLU A 1 70 ? 3.596   15.236  2.249   1.00 0.00 ? 70 GLU A HB2  1 
ATOM   1069 H  HB3  . GLU A 1 70 ? 2.786   16.765  2.753   1.00 0.00 ? 70 GLU A HB3  1 
ATOM   1070 H  HG2  . GLU A 1 70 ? 2.506   15.744  5.098   1.00 0.00 ? 70 GLU A HG2  1 
ATOM   1071 H  HG3  . GLU A 1 70 ? 3.494   14.341  4.558   1.00 0.00 ? 70 GLU A HG3  1 
ATOM   1072 N  N    . ALA A 1 71 ? -0.123  14.929  0.797   1.00 0.00 ? 71 ALA A N    1 
ATOM   1073 C  CA   . ALA A 1 71 ? -0.705  15.009  -0.527  1.00 0.00 ? 71 ALA A CA   1 
ATOM   1074 C  C    . ALA A 1 71 ? -1.629  16.206  -0.477  1.00 0.00 ? 71 ALA A C    1 
ATOM   1075 O  O    . ALA A 1 71 ? -1.220  17.272  -0.016  1.00 0.00 ? 71 ALA A O    1 
ATOM   1076 C  CB   . ALA A 1 71 ? -1.447  13.712  -0.918  1.00 0.00 ? 71 ALA A CB   1 
ATOM   1077 H  H    . ALA A 1 71 ? -0.719  14.569  1.507   1.00 0.00 ? 71 ALA A H    1 
ATOM   1078 H  HA   . ALA A 1 71 ? 0.064   15.204  -1.263  1.00 0.00 ? 71 ALA A HA   1 
ATOM   1079 H  HB1  . ALA A 1 71 ? -1.990  13.812  -1.880  1.00 0.00 ? 71 ALA A HB1  1 
ATOM   1080 H  HB2  . ALA A 1 71 ? -0.742  12.865  -1.047  1.00 0.00 ? 71 ALA A HB2  1 
ATOM   1081 H  HB3  . ALA A 1 71 ? -2.159  13.419  -0.117  1.00 0.00 ? 71 ALA A HB3  1 
ATOM   1082 N  N    . ARG A 1 72 ? -2.893  16.071  -0.951  1.00 0.00 ? 72 ARG A N    1 
ATOM   1083 C  CA   . ARG A 1 72 ? -3.865  17.140  -0.946  1.00 0.00 ? 72 ARG A CA   1 
ATOM   1084 C  C    . ARG A 1 72 ? -5.233  16.439  -1.083  1.00 0.00 ? 72 ARG A C    1 
ATOM   1085 O  O    . ARG A 1 72 ? -5.542  15.610  -0.186  1.00 0.00 ? 72 ARG A O    1 
ATOM   1086 C  CB   . ARG A 1 72 ? -3.588  18.223  -2.030  1.00 0.00 ? 72 ARG A CB   1 
ATOM   1087 C  CG   . ARG A 1 72 ? -4.462  19.489  -1.921  1.00 0.00 ? 72 ARG A CG   1 
ATOM   1088 C  CD   . ARG A 1 72 ? -3.899  20.734  -2.646  1.00 0.00 ? 72 ARG A CD   1 
ATOM   1089 N  NE   . ARG A 1 72 ? -3.647  20.490  -4.118  1.00 0.00 ? 72 ARG A NE   1 
ATOM   1090 C  CZ   . ARG A 1 72 ? -4.651  20.371  -5.049  1.00 0.00 ? 72 ARG A CZ   1 
ATOM   1091 N  NH1  . ARG A 1 72 ? -5.946  20.703  -4.767  1.00 0.00 ? 72 ARG A NH1  1 
ATOM   1092 N  NH2  . ARG A 1 72 ? -4.343  19.923  -6.304  1.00 0.00 ? 72 ARG A NH2  1 
ATOM   1093 O  OXT  . ARG A 1 72 ? -5.981  16.710  -2.061  1.00 0.00 ? 72 ARG A OXT  1 
ATOM   1094 H  H    . ARG A 1 72 ? -3.217  15.204  -1.322  1.00 0.00 ? 72 ARG A H    1 
ATOM   1095 H  HA   . ARG A 1 72 ? -3.839  17.611  0.029   1.00 0.00 ? 72 ARG A HA   1 
ATOM   1096 H  HB2  . ARG A 1 72 ? -2.527  18.544  -1.923  1.00 0.00 ? 72 ARG A HB2  1 
ATOM   1097 H  HB3  . ARG A 1 72 ? -3.684  17.780  -3.044  1.00 0.00 ? 72 ARG A HB3  1 
ATOM   1098 H  HG2  . ARG A 1 72 ? -5.484  19.270  -2.297  1.00 0.00 ? 72 ARG A HG2  1 
ATOM   1099 H  HG3  . ARG A 1 72 ? -4.567  19.757  -0.845  1.00 0.00 ? 72 ARG A HG3  1 
ATOM   1100 H  HD2  . ARG A 1 72 ? -4.606  21.585  -2.537  1.00 0.00 ? 72 ARG A HD2  1 
ATOM   1101 H  HD3  . ARG A 1 72 ? -2.928  21.028  -2.191  1.00 0.00 ? 72 ARG A HD3  1 
ATOM   1102 H  HE   . ARG A 1 72 ? -2.859  19.905  -4.317  1.00 0.00 ? 72 ARG A HE   1 
ATOM   1103 H  HH11 . ARG A 1 72 ? -6.198  21.012  -3.848  1.00 0.00 ? 72 ARG A HH11 1 
ATOM   1104 H  HH12 . ARG A 1 72 ? -6.650  20.612  -5.471  1.00 0.00 ? 72 ARG A HH12 1 
ATOM   1105 H  HH21 . ARG A 1 72 ? -3.397  19.699  -6.543  1.00 0.00 ? 72 ARG A HH21 1 
ATOM   1106 H  HH22 . ARG A 1 72 ? -5.058  19.861  -7.001  1.00 0.00 ? 72 ARG A HH22 1 
HETATM 1107 ZN ZN   . ZN  B 2 .  ? -5.560  -1.922  0.369   1.00 0.00 ? 73 ZN  A ZN   1 
HETATM 1108 ZN ZN   . ZN  C 2 .  ? 6.741   -8.770  -2.861  1.00 0.00 ? 74 ZN  A ZN   1 
# 
